data_3ISU
# 
_entry.id   3ISU 
# 
_audit_conform.dict_name       mmcif_pdbx.dic 
_audit_conform.dict_version    5.378 
_audit_conform.dict_location   http://mmcif.pdb.org/dictionaries/ascii/mmcif_pdbx.dic 
# 
loop_
_database_2.database_id 
_database_2.database_code 
_database_2.pdbx_database_accession 
_database_2.pdbx_DOI 
PDB   3ISU         pdb_00003isu 10.2210/pdb3isu/pdb 
RCSB  RCSB054822   ?            ?                   
WWPDB D_1000054822 ?            ?                   
# 
_pdbx_database_status.entry_id                        3ISU 
_pdbx_database_status.deposit_site                    RCSB 
_pdbx_database_status.process_site                    RCSB 
_pdbx_database_status.recvd_initial_deposition_date   2009-08-27 
_pdbx_database_status.status_code                     REL 
_pdbx_database_status.status_code_sf                  REL 
_pdbx_database_status.status_code_mr                  ? 
_pdbx_database_status.SG_entry                        Y 
_pdbx_database_status.pdb_format_compatible           Y 
_pdbx_database_status.status_code_cs                  ? 
_pdbx_database_status.methods_development_category    ? 
_pdbx_database_status.status_code_nmr_data            ? 
# 
loop_
_audit_author.name 
_audit_author.pdbx_ordinal 
'Nedyalkova, L.'                       1  
'Tempel, W.'                           2  
'Tong, Y.'                             3  
'Crombet, L.'                          4  
'Arrowsmith, C.H.'                     5  
'Edwards, A.M.'                        6  
'Bountra, C.'                          7  
'Weigelt, J.'                          8  
'Bochkarev, A.'                        9  
'Park, H.'                             10 
'Structural Genomics Consortium (SGC)' 11 
# 
_citation.id                        primary 
_citation.title                     'Crystal structure of the RGC domain of IQGAP3' 
_citation.journal_abbrev            'to be published' 
_citation.journal_volume            ? 
_citation.page_first                ? 
_citation.page_last                 ? 
_citation.year                      ? 
_citation.journal_id_ASTM           ? 
_citation.country                   ? 
_citation.journal_id_ISSN           ? 
_citation.journal_id_CSD            0353 
_citation.book_publisher            ? 
_citation.pdbx_database_id_PubMed   ? 
_citation.pdbx_database_id_DOI      ? 
# 
loop_
_citation_author.citation_id 
_citation_author.name 
_citation_author.ordinal 
_citation_author.identifier_ORCID 
primary 'Nedyalkova, L.'   1  ? 
primary 'Tempel, W.'       2  ? 
primary 'Tong, Y.'         3  ? 
primary 'Crombet, L.'      4  ? 
primary 'Arrowsmith, C.H.' 5  ? 
primary 'Edwards, A.M.'    6  ? 
primary 'Bountra, C.'      7  ? 
primary 'Weigelt, J.'      8  ? 
primary 'Bochkarev, A.'    9  ? 
primary 'Park, H.'         10 ? 
# 
_cell.entry_id           3ISU 
_cell.length_a           58.120 
_cell.length_b           58.120 
_cell.length_c           78.292 
_cell.angle_alpha        90.000 
_cell.angle_beta         90.000 
_cell.angle_gamma        120.000 
_cell.pdbx_unique_axis   ? 
_cell.Z_PDB              6 
_cell.length_a_esd       ? 
_cell.length_b_esd       ? 
_cell.length_c_esd       ? 
_cell.angle_alpha_esd    ? 
_cell.angle_beta_esd     ? 
_cell.angle_gamma_esd    ? 
# 
_symmetry.entry_id                         3ISU 
_symmetry.space_group_name_H-M             'P 32 2 1' 
_symmetry.Int_Tables_number                154 
_symmetry.pdbx_full_space_group_name_H-M   ? 
_symmetry.cell_setting                     ? 
_symmetry.space_group_name_Hall            ? 
# 
loop_
_entity.id 
_entity.type 
_entity.src_method 
_entity.pdbx_description 
_entity.formula_weight 
_entity.pdbx_number_of_molecules 
_entity.pdbx_ec 
_entity.pdbx_mutation 
_entity.pdbx_fragment 
_entity.details 
1 polymer man 'Ras GTPase-activating-like protein IQGAP3' 14050.223 1  ? ? 'residues 1529-1631' ? 
2 water   nat water                                       18.015    53 ? ? ?                    ? 
# 
_entity_poly.entity_id                      1 
_entity_poly.type                           'polypeptide(L)' 
_entity_poly.nstd_linkage                   no 
_entity_poly.nstd_monomer                   no 
_entity_poly.pdbx_seq_one_letter_code       
;MHHHHHHSSGRENLYFQGGKKQPSLHYTAAQLLEKGVLVEIEDLPASHFRNVIFDITPGDEAGKFEVNAKFLGVDMERFQ
LHYQDLLQLQYEGVAVMKLFNKAKVNVNLLIFLLNKKFLRK
;
_entity_poly.pdbx_seq_one_letter_code_can   
;MHHHHHHSSGRENLYFQGGKKQPSLHYTAAQLLEKGVLVEIEDLPASHFRNVIFDITPGDEAGKFEVNAKFLGVDMERFQ
LHYQDLLQLQYEGVAVMKLFNKAKVNVNLLIFLLNKKFLRK
;
_entity_poly.pdbx_strand_id                 A 
_entity_poly.pdbx_target_identifier         ? 
# 
loop_
_entity_poly_seq.entity_id 
_entity_poly_seq.num 
_entity_poly_seq.mon_id 
_entity_poly_seq.hetero 
1 1   MET n 
1 2   HIS n 
1 3   HIS n 
1 4   HIS n 
1 5   HIS n 
1 6   HIS n 
1 7   HIS n 
1 8   SER n 
1 9   SER n 
1 10  GLY n 
1 11  ARG n 
1 12  GLU n 
1 13  ASN n 
1 14  LEU n 
1 15  TYR n 
1 16  PHE n 
1 17  GLN n 
1 18  GLY n 
1 19  GLY n 
1 20  LYS n 
1 21  LYS n 
1 22  GLN n 
1 23  PRO n 
1 24  SER n 
1 25  LEU n 
1 26  HIS n 
1 27  TYR n 
1 28  THR n 
1 29  ALA n 
1 30  ALA n 
1 31  GLN n 
1 32  LEU n 
1 33  LEU n 
1 34  GLU n 
1 35  LYS n 
1 36  GLY n 
1 37  VAL n 
1 38  LEU n 
1 39  VAL n 
1 40  GLU n 
1 41  ILE n 
1 42  GLU n 
1 43  ASP n 
1 44  LEU n 
1 45  PRO n 
1 46  ALA n 
1 47  SER n 
1 48  HIS n 
1 49  PHE n 
1 50  ARG n 
1 51  ASN n 
1 52  VAL n 
1 53  ILE n 
1 54  PHE n 
1 55  ASP n 
1 56  ILE n 
1 57  THR n 
1 58  PRO n 
1 59  GLY n 
1 60  ASP n 
1 61  GLU n 
1 62  ALA n 
1 63  GLY n 
1 64  LYS n 
1 65  PHE n 
1 66  GLU n 
1 67  VAL n 
1 68  ASN n 
1 69  ALA n 
1 70  LYS n 
1 71  PHE n 
1 72  LEU n 
1 73  GLY n 
1 74  VAL n 
1 75  ASP n 
1 76  MET n 
1 77  GLU n 
1 78  ARG n 
1 79  PHE n 
1 80  GLN n 
1 81  LEU n 
1 82  HIS n 
1 83  TYR n 
1 84  GLN n 
1 85  ASP n 
1 86  LEU n 
1 87  LEU n 
1 88  GLN n 
1 89  LEU n 
1 90  GLN n 
1 91  TYR n 
1 92  GLU n 
1 93  GLY n 
1 94  VAL n 
1 95  ALA n 
1 96  VAL n 
1 97  MET n 
1 98  LYS n 
1 99  LEU n 
1 100 PHE n 
1 101 ASN n 
1 102 LYS n 
1 103 ALA n 
1 104 LYS n 
1 105 VAL n 
1 106 ASN n 
1 107 VAL n 
1 108 ASN n 
1 109 LEU n 
1 110 LEU n 
1 111 ILE n 
1 112 PHE n 
1 113 LEU n 
1 114 LEU n 
1 115 ASN n 
1 116 LYS n 
1 117 LYS n 
1 118 PHE n 
1 119 LEU n 
1 120 ARG n 
1 121 LYS n 
# 
_entity_src_gen.entity_id                          1 
_entity_src_gen.pdbx_src_id                        1 
_entity_src_gen.pdbx_alt_source_flag               sample 
_entity_src_gen.pdbx_seq_type                      ? 
_entity_src_gen.pdbx_beg_seq_num                   ? 
_entity_src_gen.pdbx_end_seq_num                   ? 
_entity_src_gen.gene_src_common_name               human 
_entity_src_gen.gene_src_genus                     ? 
_entity_src_gen.pdbx_gene_src_gene                 IQGAP3 
_entity_src_gen.gene_src_species                   ? 
_entity_src_gen.gene_src_strain                    ? 
_entity_src_gen.gene_src_tissue                    ? 
_entity_src_gen.gene_src_tissue_fraction           ? 
_entity_src_gen.gene_src_details                   ? 
_entity_src_gen.pdbx_gene_src_fragment             ? 
_entity_src_gen.pdbx_gene_src_scientific_name      'Homo sapiens' 
_entity_src_gen.pdbx_gene_src_ncbi_taxonomy_id     9606 
_entity_src_gen.pdbx_gene_src_variant              ? 
_entity_src_gen.pdbx_gene_src_cell_line            ? 
_entity_src_gen.pdbx_gene_src_atcc                 ? 
_entity_src_gen.pdbx_gene_src_organ                ? 
_entity_src_gen.pdbx_gene_src_organelle            ? 
_entity_src_gen.pdbx_gene_src_cell                 ? 
_entity_src_gen.pdbx_gene_src_cellular_location    ? 
_entity_src_gen.host_org_common_name               ? 
_entity_src_gen.pdbx_host_org_scientific_name      'Escherichia coli' 
_entity_src_gen.pdbx_host_org_ncbi_taxonomy_id     562 
_entity_src_gen.host_org_genus                     ? 
_entity_src_gen.pdbx_host_org_gene                 ? 
_entity_src_gen.pdbx_host_org_organ                ? 
_entity_src_gen.host_org_species                   ? 
_entity_src_gen.pdbx_host_org_tissue               ? 
_entity_src_gen.pdbx_host_org_tissue_fraction      ? 
_entity_src_gen.pdbx_host_org_strain               BL21-V2R-pRARE2 
_entity_src_gen.pdbx_host_org_variant              ? 
_entity_src_gen.pdbx_host_org_cell_line            ? 
_entity_src_gen.pdbx_host_org_atcc                 ? 
_entity_src_gen.pdbx_host_org_culture_collection   ? 
_entity_src_gen.pdbx_host_org_cell                 ? 
_entity_src_gen.pdbx_host_org_organelle            ? 
_entity_src_gen.pdbx_host_org_cellular_location    ? 
_entity_src_gen.pdbx_host_org_vector_type          plasmid 
_entity_src_gen.pdbx_host_org_vector               ? 
_entity_src_gen.host_org_details                   ? 
_entity_src_gen.expression_system_id               ? 
_entity_src_gen.plasmid_name                       pET28-mhl 
_entity_src_gen.plasmid_details                    ? 
_entity_src_gen.pdbx_description                   ? 
# 
_struct_ref.id                         1 
_struct_ref.db_name                    UNP 
_struct_ref.db_code                    IQGA3_HUMAN 
_struct_ref.pdbx_db_accession          Q86VI3 
_struct_ref.entity_id                  1 
_struct_ref.pdbx_seq_one_letter_code   
;GKKQPSLHYTAAQLLEKGVLVEIEDLPASHFRNVIFDITPGDEAGKFEVNAKFLGVDMERFQLHYQDLLQLQYEGVAVMK
LFNKAKVNVNLLIFLLNKKFLRK
;
_struct_ref.pdbx_align_begin           1529 
_struct_ref.pdbx_db_isoform            ? 
# 
_struct_ref_seq.align_id                      1 
_struct_ref_seq.ref_id                        1 
_struct_ref_seq.pdbx_PDB_id_code              3ISU 
_struct_ref_seq.pdbx_strand_id                A 
_struct_ref_seq.seq_align_beg                 19 
_struct_ref_seq.pdbx_seq_align_beg_ins_code   ? 
_struct_ref_seq.seq_align_end                 121 
_struct_ref_seq.pdbx_seq_align_end_ins_code   ? 
_struct_ref_seq.pdbx_db_accession             Q86VI3 
_struct_ref_seq.db_align_beg                  1529 
_struct_ref_seq.pdbx_db_align_beg_ins_code    ? 
_struct_ref_seq.db_align_end                  1631 
_struct_ref_seq.pdbx_db_align_end_ins_code    ? 
_struct_ref_seq.pdbx_auth_seq_align_beg       1529 
_struct_ref_seq.pdbx_auth_seq_align_end       1631 
# 
loop_
_struct_ref_seq_dif.align_id 
_struct_ref_seq_dif.pdbx_pdb_id_code 
_struct_ref_seq_dif.mon_id 
_struct_ref_seq_dif.pdbx_pdb_strand_id 
_struct_ref_seq_dif.seq_num 
_struct_ref_seq_dif.pdbx_pdb_ins_code 
_struct_ref_seq_dif.pdbx_seq_db_name 
_struct_ref_seq_dif.pdbx_seq_db_accession_code 
_struct_ref_seq_dif.db_mon_id 
_struct_ref_seq_dif.pdbx_seq_db_seq_num 
_struct_ref_seq_dif.details 
_struct_ref_seq_dif.pdbx_auth_seq_num 
_struct_ref_seq_dif.pdbx_ordinal 
1 3ISU MET A 1  ? UNP Q86VI3 ? ? 'expression tag' 1511 1  
1 3ISU HIS A 2  ? UNP Q86VI3 ? ? 'expression tag' 1512 2  
1 3ISU HIS A 3  ? UNP Q86VI3 ? ? 'expression tag' 1513 3  
1 3ISU HIS A 4  ? UNP Q86VI3 ? ? 'expression tag' 1514 4  
1 3ISU HIS A 5  ? UNP Q86VI3 ? ? 'expression tag' 1515 5  
1 3ISU HIS A 6  ? UNP Q86VI3 ? ? 'expression tag' 1516 6  
1 3ISU HIS A 7  ? UNP Q86VI3 ? ? 'expression tag' 1517 7  
1 3ISU SER A 8  ? UNP Q86VI3 ? ? 'expression tag' 1518 8  
1 3ISU SER A 9  ? UNP Q86VI3 ? ? 'expression tag' 1519 9  
1 3ISU GLY A 10 ? UNP Q86VI3 ? ? 'expression tag' 1520 10 
1 3ISU ARG A 11 ? UNP Q86VI3 ? ? 'expression tag' 1521 11 
1 3ISU GLU A 12 ? UNP Q86VI3 ? ? 'expression tag' 1522 12 
1 3ISU ASN A 13 ? UNP Q86VI3 ? ? 'expression tag' 1523 13 
1 3ISU LEU A 14 ? UNP Q86VI3 ? ? 'expression tag' 1524 14 
1 3ISU TYR A 15 ? UNP Q86VI3 ? ? 'expression tag' 1525 15 
1 3ISU PHE A 16 ? UNP Q86VI3 ? ? 'expression tag' 1526 16 
1 3ISU GLN A 17 ? UNP Q86VI3 ? ? 'expression tag' 1527 17 
1 3ISU GLY A 18 ? UNP Q86VI3 ? ? 'expression tag' 1528 18 
# 
loop_
_chem_comp.id 
_chem_comp.type 
_chem_comp.mon_nstd_flag 
_chem_comp.name 
_chem_comp.pdbx_synonyms 
_chem_comp.formula 
_chem_comp.formula_weight 
ALA 'L-peptide linking' y ALANINE         ? 'C3 H7 N O2'     89.093  
ARG 'L-peptide linking' y ARGININE        ? 'C6 H15 N4 O2 1' 175.209 
ASN 'L-peptide linking' y ASPARAGINE      ? 'C4 H8 N2 O3'    132.118 
ASP 'L-peptide linking' y 'ASPARTIC ACID' ? 'C4 H7 N O4'     133.103 
GLN 'L-peptide linking' y GLUTAMINE       ? 'C5 H10 N2 O3'   146.144 
GLU 'L-peptide linking' y 'GLUTAMIC ACID' ? 'C5 H9 N O4'     147.129 
GLY 'peptide linking'   y GLYCINE         ? 'C2 H5 N O2'     75.067  
HIS 'L-peptide linking' y HISTIDINE       ? 'C6 H10 N3 O2 1' 156.162 
HOH non-polymer         . WATER           ? 'H2 O'           18.015  
ILE 'L-peptide linking' y ISOLEUCINE      ? 'C6 H13 N O2'    131.173 
LEU 'L-peptide linking' y LEUCINE         ? 'C6 H13 N O2'    131.173 
LYS 'L-peptide linking' y LYSINE          ? 'C6 H15 N2 O2 1' 147.195 
MET 'L-peptide linking' y METHIONINE      ? 'C5 H11 N O2 S'  149.211 
PHE 'L-peptide linking' y PHENYLALANINE   ? 'C9 H11 N O2'    165.189 
PRO 'L-peptide linking' y PROLINE         ? 'C5 H9 N O2'     115.130 
SER 'L-peptide linking' y SERINE          ? 'C3 H7 N O3'     105.093 
THR 'L-peptide linking' y THREONINE       ? 'C4 H9 N O3'     119.119 
TYR 'L-peptide linking' y TYROSINE        ? 'C9 H11 N O3'    181.189 
VAL 'L-peptide linking' y VALINE          ? 'C5 H11 N O2'    117.146 
# 
_exptl.crystals_number   1 
_exptl.entry_id          3ISU 
_exptl.method            'X-RAY DIFFRACTION' 
# 
_exptl_crystal.id                    1 
_exptl_crystal.density_percent_sol   54.73 
_exptl_crystal.density_Matthews      2.717 
_exptl_crystal.density_meas          ? 
_exptl_crystal.description           ? 
_exptl_crystal.F_000                 ? 
_exptl_crystal.preparation           ? 
# 
_exptl_crystal_grow.crystal_id      1 
_exptl_crystal_grow.method          'VAPOR DIFFUSION, SITTING DROP' 
_exptl_crystal_grow.pH              6.5 
_exptl_crystal_grow.temp            291 
_exptl_crystal_grow.pdbx_details    
'25% PEG3350, 0.2M lithium sulfate, 0.1 Bis-Tris, pH 6.5, vapor diffusion, sitting drop, temperature 291K' 
_exptl_crystal_grow.temp_details    ? 
_exptl_crystal_grow.pdbx_pH_range   ? 
# 
_diffrn.id                     1 
_diffrn.ambient_temp           100 
_diffrn.ambient_temp_details   ? 
_diffrn.crystal_id             1 
# 
_diffrn_detector.diffrn_id              1 
_diffrn_detector.detector               CCD 
_diffrn_detector.type                   'ADSC QUANTUM 315' 
_diffrn_detector.pdbx_collection_date   2009-08-05 
_diffrn_detector.details                ? 
# 
_diffrn_radiation.diffrn_id                        1 
_diffrn_radiation.pdbx_diffrn_protocol             'SINGLE WAVELENGTH' 
_diffrn_radiation.monochromator                    ? 
_diffrn_radiation.wavelength_id                    1 
_diffrn_radiation.pdbx_monochromatic_or_laue_m_l   M 
_diffrn_radiation.pdbx_scattering_type             x-ray 
# 
_diffrn_radiation_wavelength.id           1 
_diffrn_radiation_wavelength.wavelength   0.97711 
_diffrn_radiation_wavelength.wt           1.0 
# 
_diffrn_source.diffrn_id                   1 
_diffrn_source.source                      SYNCHROTRON 
_diffrn_source.type                        'APS BEAMLINE 19-ID' 
_diffrn_source.pdbx_wavelength_list        0.97711 
_diffrn_source.pdbx_wavelength             ? 
_diffrn_source.pdbx_synchrotron_site       APS 
_diffrn_source.pdbx_synchrotron_beamline   19-ID 
# 
_reflns.entry_id                     3ISU 
_reflns.d_resolution_high            1.880 
_reflns.d_resolution_low             40.000 
_reflns.number_obs                   12943 
_reflns.pdbx_Rmerge_I_obs            0.086 
_reflns.pdbx_netI_over_sigmaI        10.300 
_reflns.pdbx_chi_squared             1.745 
_reflns.pdbx_redundancy              20.500 
_reflns.percent_possible_obs         100.000 
_reflns.observed_criterion_sigma_F   ? 
_reflns.observed_criterion_sigma_I   ? 
_reflns.number_all                   ? 
_reflns.pdbx_Rsym_value              ? 
_reflns.B_iso_Wilson_estimate        ? 
_reflns.R_free_details               ? 
_reflns.limit_h_max                  ? 
_reflns.limit_h_min                  ? 
_reflns.limit_k_max                  ? 
_reflns.limit_k_min                  ? 
_reflns.limit_l_max                  ? 
_reflns.limit_l_min                  ? 
_reflns.observed_criterion_F_max     ? 
_reflns.observed_criterion_F_min     ? 
_reflns.pdbx_scaling_rejects         ? 
_reflns.pdbx_diffrn_id               1 
_reflns.pdbx_ordinal                 1 
# 
loop_
_reflns_shell.d_res_high 
_reflns_shell.d_res_low 
_reflns_shell.number_measured_obs 
_reflns_shell.number_measured_all 
_reflns_shell.number_unique_obs 
_reflns_shell.Rmerge_I_obs 
_reflns_shell.meanI_over_sigI_obs 
_reflns_shell.pdbx_Rsym_value 
_reflns_shell.pdbx_chi_squared 
_reflns_shell.pdbx_redundancy 
_reflns_shell.percent_possible_obs 
_reflns_shell.number_unique_all 
_reflns_shell.percent_possible_all 
_reflns_shell.pdbx_diffrn_id 
_reflns_shell.pdbx_ordinal 
1.88 1.91  ? ? ? 0.942 ? ? 1.175 18.80 ? 617 100.00 ? 1  
1.91 1.95  ? ? ? 0.684 ? ? 1.178 19.20 ? 640 100.00 ? 2  
1.95 1.98  ? ? ? 0.588 ? ? 1.235 19.50 ? 629 100.00 ? 3  
1.98 2.03  ? ? ? 0.527 ? ? 1.272 19.70 ? 625 100.00 ? 4  
2.03 2.07  ? ? ? 0.441 ? ? 1.283 20.30 ? 634 100.00 ? 5  
2.07 2.12  ? ? ? 0.365 ? ? 1.343 20.30 ? 648 100.00 ? 6  
2.12 2.17  ? ? ? 0.332 ? ? 1.733 20.80 ? 636 100.00 ? 7  
2.17 2.23  ? ? ? 0.302 ? ? 1.545 21.10 ? 632 100.00 ? 8  
2.23 2.29  ? ? ? 0.269 ? ? 1.506 21.10 ? 641 100.00 ? 9  
2.29 2.37  ? ? ? 0.254 ? ? 1.685 21.40 ? 642 100.00 ? 10 
2.37 2.45  ? ? ? 0.223 ? ? 1.631 21.50 ? 644 100.00 ? 11 
2.45 2.55  ? ? ? 0.177 ? ? 1.695 21.60 ? 647 100.00 ? 12 
2.55 2.67  ? ? ? 0.151 ? ? 1.709 21.30 ? 648 100.00 ? 13 
2.67 2.81  ? ? ? 0.132 ? ? 1.855 21.40 ? 637 100.00 ? 14 
2.81 2.98  ? ? ? 0.106 ? ? 1.945 21.30 ? 651 100.00 ? 15 
2.98 3.21  ? ? ? 0.087 ? ? 2.465 21.00 ? 648 100.00 ? 16 
3.21 3.54  ? ? ? 0.074 ? ? 2.574 20.90 ? 652 100.00 ? 17 
3.54 4.05  ? ? ? 0.060 ? ? 2.672 20.10 ? 666 100.00 ? 18 
4.05 5.10  ? ? ? 0.045 ? ? 2.248 20.10 ? 675 100.00 ? 19 
5.10 40.00 ? ? ? 0.042 ? ? 1.884 18.90 ? 731 100.00 ? 20 
# 
_refine.entry_id                                 3ISU 
_refine.ls_d_res_high                            1.880 
_refine.ls_d_res_low                             40.000 
_refine.pdbx_ls_sigma_F                          0.00 
_refine.ls_percent_reflns_obs                    99.938 
_refine.ls_number_reflns_obs                     12877 
_refine.pdbx_ls_cross_valid_method               THROUGHOUT 
_refine.pdbx_R_Free_selection_details            RANDOM 
_refine.details                                  
'HYDROGENS HAVE BEEN ADDED IN THE RIDING POSITIONS; U VALUES: REFINED INDIVIDUALLY' 
_refine.ls_R_factor_obs                          0.209 
_refine.ls_R_factor_R_work                       0.207 
_refine.ls_wR_factor_R_work                      0.206 
_refine.ls_R_factor_R_free                       0.244 
_refine.ls_wR_factor_R_free                      0.239 
_refine.ls_percent_reflns_R_free                 4.869 
_refine.ls_number_reflns_R_free                  627 
_refine.B_iso_mean                               24.811 
_refine.aniso_B[1][1]                            0.212 
_refine.aniso_B[2][2]                            0.212 
_refine.aniso_B[3][3]                            -0.318 
_refine.aniso_B[1][2]                            0.106 
_refine.aniso_B[1][3]                            0.000 
_refine.aniso_B[2][3]                            0.000 
_refine.correlation_coeff_Fo_to_Fc               0.954 
_refine.correlation_coeff_Fo_to_Fc_free          0.933 
_refine.pdbx_overall_ESU_R                       0.125 
_refine.pdbx_overall_ESU_R_Free                  0.125 
_refine.overall_SU_ML                            0.081 
_refine.overall_SU_B                             2.650 
_refine.solvent_model_details                    'MASK BULK SOLVENT' 
_refine.pdbx_solvent_vdw_probe_radii             1.400 
_refine.pdbx_solvent_ion_probe_radii             0.800 
_refine.pdbx_solvent_shrinkage_radii             0.800 
_refine.pdbx_method_to_determine_struct          'MOLECULAR REPLACEMENT' 
_refine.pdbx_stereochemistry_target_values       'MAXIMUM LIKELIHOOD' 
_refine.pdbx_ls_sigma_I                          ? 
_refine.ls_number_reflns_all                     ? 
_refine.ls_R_factor_all                          ? 
_refine.ls_redundancy_reflns_obs                 ? 
_refine.pdbx_data_cutoff_high_absF               ? 
_refine.pdbx_data_cutoff_low_absF                ? 
_refine.ls_number_parameters                     ? 
_refine.ls_number_restraints                     ? 
_refine.ls_R_factor_R_free_error                 ? 
_refine.ls_R_factor_R_free_error_details         ? 
_refine.pdbx_starting_model                      'pdb entry 3IEZ' 
_refine.pdbx_stereochem_target_val_spec_case     ? 
_refine.solvent_model_param_bsol                 ? 
_refine.solvent_model_param_ksol                 ? 
_refine.occupancy_max                            ? 
_refine.occupancy_min                            ? 
_refine.pdbx_isotropic_thermal_model             ? 
_refine.B_iso_min                                ? 
_refine.B_iso_max                                ? 
_refine.overall_SU_R_Cruickshank_DPI             ? 
_refine.overall_SU_R_free                        ? 
_refine.pdbx_data_cutoff_high_rms_absF           ? 
_refine.overall_FOM_free_R_set                   ? 
_refine.overall_FOM_work_R_set                   ? 
_refine.pdbx_overall_phase_error                 ? 
_refine.pdbx_refine_id                           'X-RAY DIFFRACTION' 
_refine.pdbx_diffrn_id                           1 
_refine.pdbx_TLS_residual_ADP_flag               ? 
_refine.pdbx_overall_SU_R_free_Cruickshank_DPI   ? 
_refine.pdbx_overall_SU_R_Blow_DPI               ? 
_refine.pdbx_overall_SU_R_free_Blow_DPI          ? 
# 
_refine_hist.pdbx_refine_id                   'X-RAY DIFFRACTION' 
_refine_hist.cycle_id                         LAST 
_refine_hist.pdbx_number_atoms_protein        821 
_refine_hist.pdbx_number_atoms_nucleic_acid   0 
_refine_hist.pdbx_number_atoms_ligand         0 
_refine_hist.number_atoms_solvent             53 
_refine_hist.number_atoms_total               874 
_refine_hist.d_res_high                       1.880 
_refine_hist.d_res_low                        40.000 
# 
loop_
_refine_ls_restr.type 
_refine_ls_restr.number 
_refine_ls_restr.dev_ideal 
_refine_ls_restr.dev_ideal_target 
_refine_ls_restr.weight 
_refine_ls_restr.pdbx_refine_id 
_refine_ls_restr.pdbx_restraint_function 
r_bond_refined_d       839  0.017  0.022  ? 'X-RAY DIFFRACTION' ? 
r_bond_other_d         557  0.001  0.020  ? 'X-RAY DIFFRACTION' ? 
r_angle_refined_deg    1135 1.612  1.966  ? 'X-RAY DIFFRACTION' ? 
r_angle_other_deg      1361 0.881  3.000  ? 'X-RAY DIFFRACTION' ? 
r_dihedral_angle_1_deg 102  5.932  5.000  ? 'X-RAY DIFFRACTION' ? 
r_dihedral_angle_2_deg 41   37.250 24.634 ? 'X-RAY DIFFRACTION' ? 
r_dihedral_angle_3_deg 143  13.620 15.000 ? 'X-RAY DIFFRACTION' ? 
r_dihedral_angle_4_deg 3    32.852 15.000 ? 'X-RAY DIFFRACTION' ? 
r_chiral_restr         129  0.093  0.200  ? 'X-RAY DIFFRACTION' ? 
r_gen_planes_refined   926  0.008  0.020  ? 'X-RAY DIFFRACTION' ? 
r_gen_planes_other     177  0.001  0.020  ? 'X-RAY DIFFRACTION' ? 
r_mcbond_it            509  1.181  1.500  ? 'X-RAY DIFFRACTION' ? 
r_mcbond_other         206  0.307  1.500  ? 'X-RAY DIFFRACTION' ? 
r_mcangle_it           814  2.239  2.000  ? 'X-RAY DIFFRACTION' ? 
r_scbond_it            330  3.343  3.000  ? 'X-RAY DIFFRACTION' ? 
r_scangle_it           320  5.593  4.500  ? 'X-RAY DIFFRACTION' ? 
# 
loop_
_refine_ls_shell.pdbx_total_number_of_bins_used 
_refine_ls_shell.d_res_low 
_refine_ls_shell.d_res_high 
_refine_ls_shell.number_reflns_all 
_refine_ls_shell.percent_reflns_obs 
_refine_ls_shell.number_reflns_R_work 
_refine_ls_shell.R_factor_R_work 
_refine_ls_shell.number_reflns_R_free 
_refine_ls_shell.R_factor_R_free 
_refine_ls_shell.number_reflns_obs 
_refine_ls_shell.R_factor_R_free_error 
_refine_ls_shell.percent_reflns_R_free 
_refine_ls_shell.redundancy_reflns_obs 
_refine_ls_shell.R_factor_all 
_refine_ls_shell.pdbx_refine_id 
20 1.929  1.880 922 100.000 881 0.237 41 0.272 . . . . . 'X-RAY DIFFRACTION' 
20 1.982  1.929 916 100.000 867 0.221 49 0.278 . . . . . 'X-RAY DIFFRACTION' 
20 2.039  1.982 860 99.884  814 0.226 45 0.297 . . . . . 'X-RAY DIFFRACTION' 
20 2.101  2.039 877 99.886  831 0.215 45 0.216 . . . . . 'X-RAY DIFFRACTION' 
20 2.170  2.101 842 99.644  795 0.203 44 0.255 . . . . . 'X-RAY DIFFRACTION' 
20 2.246  2.170 808 100.000 771 0.191 37 0.254 . . . . . 'X-RAY DIFFRACTION' 
20 2.331  2.246 795 100.000 756 0.192 39 0.206 . . . . . 'X-RAY DIFFRACTION' 
20 2.425  2.331 747 100.000 711 0.203 36 0.247 . . . . . 'X-RAY DIFFRACTION' 
20 2.533  2.425 720 99.722  687 0.216 31 0.181 . . . . . 'X-RAY DIFFRACTION' 
20 2.656  2.533 706 100.000 675 0.220 31 0.305 . . . . . 'X-RAY DIFFRACTION' 
20 2.799  2.656 656 99.848  623 0.242 32 0.219 . . . . . 'X-RAY DIFFRACTION' 
20 2.968  2.799 637 100.000 604 0.226 33 0.358 . . . . . 'X-RAY DIFFRACTION' 
20 3.171  2.968 592 100.000 557 0.222 35 0.199 . . . . . 'X-RAY DIFFRACTION' 
20 3.424  3.171 566 100.000 539 0.226 27 0.227 . . . . . 'X-RAY DIFFRACTION' 
20 3.748  3.424 516 100.000 495 0.214 21 0.243 . . . . . 'X-RAY DIFFRACTION' 
20 4.186  3.748 461 100.000 443 0.172 18 0.322 . . . . . 'X-RAY DIFFRACTION' 
20 4.824  4.186 425 100.000 407 0.160 18 0.219 . . . . . 'X-RAY DIFFRACTION' 
20 5.887  4.824 364 100.000 350 0.204 14 0.238 . . . . . 'X-RAY DIFFRACTION' 
20 8.237  5.887 294 100.000 273 0.243 21 0.247 . . . . . 'X-RAY DIFFRACTION' 
20 40.000 8.237 181 100.000 171 0.199 10 0.192 . . . . . 'X-RAY DIFFRACTION' 
# 
_struct.entry_id                  3ISU 
_struct.title                     'Crystal structure of the RGC domain of IQGAP3' 
_struct.pdbx_model_details        ? 
_struct.pdbx_CASP_flag            ? 
_struct.pdbx_model_type_details   ? 
# 
_struct_keywords.entry_id        3ISU 
_struct_keywords.text            
;Structural Genomics, Structural Genomics Consortium (SGC), RGC domain, Calmodulin-binding, Phosphoprotein, Polymorphism, SIGNALING PROTEIN
;
_struct_keywords.pdbx_keywords   'SIGNALING PROTEIN' 
# 
loop_
_struct_asym.id 
_struct_asym.pdbx_blank_PDB_chainid_flag 
_struct_asym.pdbx_modified 
_struct_asym.entity_id 
_struct_asym.details 
A N N 1 ? 
B N N 2 ? 
# 
_struct_biol.id        1 
_struct_biol.details   ? 
# 
loop_
_struct_conf.conf_type_id 
_struct_conf.id 
_struct_conf.pdbx_PDB_helix_id 
_struct_conf.beg_label_comp_id 
_struct_conf.beg_label_asym_id 
_struct_conf.beg_label_seq_id 
_struct_conf.pdbx_beg_PDB_ins_code 
_struct_conf.end_label_comp_id 
_struct_conf.end_label_asym_id 
_struct_conf.end_label_seq_id 
_struct_conf.pdbx_end_PDB_ins_code 
_struct_conf.beg_auth_comp_id 
_struct_conf.beg_auth_asym_id 
_struct_conf.beg_auth_seq_id 
_struct_conf.end_auth_comp_id 
_struct_conf.end_auth_asym_id 
_struct_conf.end_auth_seq_id 
_struct_conf.pdbx_PDB_helix_class 
_struct_conf.details 
_struct_conf.pdbx_PDB_helix_length 
HELX_P HELX_P1 1 ALA A 29  ? LYS A 35  ? ALA A 1539 LYS A 1545 1 ? 7  
HELX_P HELX_P2 2 PRO A 45  ? ARG A 50  ? PRO A 1555 ARG A 1560 5 ? 6  
HELX_P HELX_P3 3 TYR A 83  ? GLU A 92  ? TYR A 1593 GLU A 1602 1 ? 10 
HELX_P HELX_P4 4 VAL A 107 ? PHE A 118 ? VAL A 1617 PHE A 1628 1 ? 12 
# 
_struct_conf_type.id          HELX_P 
_struct_conf_type.criteria    ? 
_struct_conf_type.reference   ? 
# 
loop_
_struct_sheet.id 
_struct_sheet.type 
_struct_sheet.number_strands 
_struct_sheet.details 
A ? 4 ? 
B ? 4 ? 
C ? 3 ? 
# 
loop_
_struct_sheet_order.sheet_id 
_struct_sheet_order.range_id_1 
_struct_sheet_order.range_id_2 
_struct_sheet_order.offset 
_struct_sheet_order.sense 
A 1 2 ? anti-parallel 
A 2 3 ? anti-parallel 
A 3 4 ? anti-parallel 
B 1 2 ? anti-parallel 
B 2 3 ? anti-parallel 
B 3 4 ? anti-parallel 
C 1 2 ? anti-parallel 
C 2 3 ? anti-parallel 
# 
loop_
_struct_sheet_range.sheet_id 
_struct_sheet_range.id 
_struct_sheet_range.beg_label_comp_id 
_struct_sheet_range.beg_label_asym_id 
_struct_sheet_range.beg_label_seq_id 
_struct_sheet_range.pdbx_beg_PDB_ins_code 
_struct_sheet_range.end_label_comp_id 
_struct_sheet_range.end_label_asym_id 
_struct_sheet_range.end_label_seq_id 
_struct_sheet_range.pdbx_end_PDB_ins_code 
_struct_sheet_range.beg_auth_comp_id 
_struct_sheet_range.beg_auth_asym_id 
_struct_sheet_range.beg_auth_seq_id 
_struct_sheet_range.end_auth_comp_id 
_struct_sheet_range.end_auth_asym_id 
_struct_sheet_range.end_auth_seq_id 
A 1 LEU A 25  ? THR A 28  ? LEU A 1535 THR A 1538 
A 2 VAL A 52  ? PRO A 58  ? VAL A 1562 PRO A 1568 
A 3 LYS A 64  ? PHE A 71  ? LYS A 1574 PHE A 1581 
A 4 VAL A 74  ? ASP A 75  ? VAL A 1584 ASP A 1585 
B 1 LEU A 25  ? THR A 28  ? LEU A 1535 THR A 1538 
B 2 VAL A 52  ? PRO A 58  ? VAL A 1562 PRO A 1568 
B 3 LYS A 64  ? PHE A 71  ? LYS A 1574 PHE A 1581 
B 4 PHE A 79  ? HIS A 82  ? PHE A 1589 HIS A 1592 
C 1 LEU A 38  ? ILE A 41  ? LEU A 1548 ILE A 1551 
C 2 ALA A 103 ? ASN A 106 ? ALA A 1613 ASN A 1616 
C 3 VAL A 96  ? LEU A 99  ? VAL A 1606 LEU A 1609 
# 
loop_
_pdbx_struct_sheet_hbond.sheet_id 
_pdbx_struct_sheet_hbond.range_id_1 
_pdbx_struct_sheet_hbond.range_id_2 
_pdbx_struct_sheet_hbond.range_1_label_atom_id 
_pdbx_struct_sheet_hbond.range_1_label_comp_id 
_pdbx_struct_sheet_hbond.range_1_label_asym_id 
_pdbx_struct_sheet_hbond.range_1_label_seq_id 
_pdbx_struct_sheet_hbond.range_1_PDB_ins_code 
_pdbx_struct_sheet_hbond.range_1_auth_atom_id 
_pdbx_struct_sheet_hbond.range_1_auth_comp_id 
_pdbx_struct_sheet_hbond.range_1_auth_asym_id 
_pdbx_struct_sheet_hbond.range_1_auth_seq_id 
_pdbx_struct_sheet_hbond.range_2_label_atom_id 
_pdbx_struct_sheet_hbond.range_2_label_comp_id 
_pdbx_struct_sheet_hbond.range_2_label_asym_id 
_pdbx_struct_sheet_hbond.range_2_label_seq_id 
_pdbx_struct_sheet_hbond.range_2_PDB_ins_code 
_pdbx_struct_sheet_hbond.range_2_auth_atom_id 
_pdbx_struct_sheet_hbond.range_2_auth_comp_id 
_pdbx_struct_sheet_hbond.range_2_auth_asym_id 
_pdbx_struct_sheet_hbond.range_2_auth_seq_id 
A 1 2 N TYR A 27  ? N TYR A 1537 O PHE A 54  ? O PHE A 1564 
A 2 3 N THR A 57  ? N THR A 1567 O GLU A 66  ? O GLU A 1576 
A 3 4 N PHE A 71  ? N PHE A 1581 O VAL A 74  ? O VAL A 1584 
B 1 2 N TYR A 27  ? N TYR A 1537 O PHE A 54  ? O PHE A 1564 
B 2 3 N THR A 57  ? N THR A 1567 O GLU A 66  ? O GLU A 1576 
B 3 4 N PHE A 65  ? N PHE A 1575 O LEU A 81  ? O LEU A 1591 
C 1 2 N VAL A 39  ? N VAL A 1549 O LYS A 104 ? O LYS A 1614 
C 2 3 O ALA A 103 ? O ALA A 1613 N LEU A 99  ? N LEU A 1609 
# 
_atom_sites.entry_id                    3ISU 
_atom_sites.fract_transf_matrix[1][1]   -0.00817948 
_atom_sites.fract_transf_matrix[1][2]   0.01726510 
_atom_sites.fract_transf_matrix[1][3]   -0.00545374 
_atom_sites.fract_transf_matrix[2][1]   0.01153978 
_atom_sites.fract_transf_matrix[2][2]   0.01578216 
_atom_sites.fract_transf_matrix[2][3]   -0.00353474 
_atom_sites.fract_transf_matrix[3][1]   0.00093576 
_atom_sites.fract_transf_matrix[3][2]   -0.00343182 
_atom_sites.fract_transf_matrix[3][3]   -0.01226770 
_atom_sites.fract_transf_vector[1]      0.474503 
_atom_sites.fract_transf_vector[2]      0.186909 
_atom_sites.fract_transf_vector[3]      0.017140 
# 
loop_
_atom_type.symbol 
C 
N 
O 
S 
# 
loop_
_atom_site.group_PDB 
_atom_site.id 
_atom_site.type_symbol 
_atom_site.label_atom_id 
_atom_site.label_alt_id 
_atom_site.label_comp_id 
_atom_site.label_asym_id 
_atom_site.label_entity_id 
_atom_site.label_seq_id 
_atom_site.pdbx_PDB_ins_code 
_atom_site.Cartn_x 
_atom_site.Cartn_y 
_atom_site.Cartn_z 
_atom_site.occupancy 
_atom_site.B_iso_or_equiv 
_atom_site.pdbx_formal_charge 
_atom_site.auth_seq_id 
_atom_site.auth_comp_id 
_atom_site.auth_asym_id 
_atom_site.auth_atom_id 
_atom_site.pdbx_PDB_model_num 
ATOM   1   N N   . TYR A 1 15  ? -12.956 -7.432  19.429  1.00 54.37 ? 1525 TYR A N   1 
ATOM   2   C CA  . TYR A 1 15  ? -13.793 -7.744  20.637  1.00 54.12 ? 1525 TYR A CA  1 
ATOM   3   C C   . TYR A 1 15  ? -14.162 -9.248  20.644  1.00 54.22 ? 1525 TYR A C   1 
ATOM   4   O O   . TYR A 1 15  ? -14.001 -9.918  21.668  1.00 54.13 ? 1525 TYR A O   1 
ATOM   5   C CB  . TYR A 1 15  ? -15.027 -6.836  20.643  1.00 53.70 ? 1525 TYR A CB  1 
ATOM   6   C CG  . TYR A 1 15  ? -16.115 -7.160  21.657  1.00 52.76 ? 1525 TYR A CG  1 
ATOM   7   C CD1 . TYR A 1 15  ? -16.013 -6.758  22.994  1.00 50.72 ? 1525 TYR A CD1 1 
ATOM   8   C CD2 . TYR A 1 15  ? -17.272 -7.838  21.254  1.00 50.06 ? 1525 TYR A CD2 1 
ATOM   9   C CE1 . TYR A 1 15  ? -17.046 -7.038  23.913  1.00 51.61 ? 1525 TYR A CE1 1 
ATOM   10  C CE2 . TYR A 1 15  ? -18.288 -8.138  22.147  1.00 50.76 ? 1525 TYR A CE2 1 
ATOM   11  C CZ  . TYR A 1 15  ? -18.178 -7.740  23.482  1.00 50.44 ? 1525 TYR A CZ  1 
ATOM   12  O OH  . TYR A 1 15  ? -19.207 -8.063  24.341  1.00 48.42 ? 1525 TYR A OH  1 
ATOM   13  N N   . PHE A 1 16  ? -14.637 -9.757  19.502  1.00 54.22 ? 1526 PHE A N   1 
ATOM   14  C CA  . PHE A 1 16  ? -14.877 -11.203 19.317  1.00 54.52 ? 1526 PHE A CA  1 
ATOM   15  C C   . PHE A 1 16  ? -13.550 -11.965 19.133  1.00 55.05 ? 1526 PHE A C   1 
ATOM   16  O O   . PHE A 1 16  ? -12.636 -11.443 18.489  1.00 54.89 ? 1526 PHE A O   1 
ATOM   17  C CB  . PHE A 1 16  ? -15.791 -11.458 18.115  1.00 54.01 ? 1526 PHE A CB  1 
ATOM   18  C CG  . PHE A 1 16  ? -17.126 -10.765 18.218  1.00 54.98 ? 1526 PHE A CG  1 
ATOM   19  C CD1 . PHE A 1 16  ? -18.060 -11.157 19.181  1.00 53.18 ? 1526 PHE A CD1 1 
ATOM   20  C CD2 . PHE A 1 16  ? -17.442 -9.701  17.374  1.00 54.91 ? 1526 PHE A CD2 1 
ATOM   21  C CE1 . PHE A 1 16  ? -19.275 -10.510 19.288  1.00 53.89 ? 1526 PHE A CE1 1 
ATOM   22  C CE2 . PHE A 1 16  ? -18.673 -9.056  17.482  1.00 53.77 ? 1526 PHE A CE2 1 
ATOM   23  C CZ  . PHE A 1 16  ? -19.578 -9.465  18.431  1.00 52.54 ? 1526 PHE A CZ  1 
ATOM   24  N N   . GLN A 1 17  ? -13.470 -13.182 19.699  1.00 55.50 ? 1527 GLN A N   1 
ATOM   25  C CA  . GLN A 1 17  ? -12.262 -14.036 19.649  1.00 56.22 ? 1527 GLN A CA  1 
ATOM   26  C C   . GLN A 1 17  ? -12.625 -15.485 19.321  1.00 56.61 ? 1527 GLN A C   1 
ATOM   27  O O   . GLN A 1 17  ? -11.765 -16.279 18.905  1.00 57.69 ? 1527 GLN A O   1 
ATOM   28  C CB  . GLN A 1 17  ? -11.519 -13.993 20.991  1.00 56.59 ? 1527 GLN A CB  1 
ATOM   29  N N   . GLN A 1 22  ? -7.918  -14.464 9.238   1.00 56.76 ? 1532 GLN A N   1 
ATOM   30  C CA  . GLN A 1 22  ? -8.192  -13.025 9.185   1.00 56.43 ? 1532 GLN A CA  1 
ATOM   31  C C   . GLN A 1 22  ? -7.027  -12.274 8.494   1.00 55.85 ? 1532 GLN A C   1 
ATOM   32  O O   . GLN A 1 22  ? -6.331  -11.478 9.134   1.00 55.85 ? 1532 GLN A O   1 
ATOM   33  C CB  . GLN A 1 22  ? -8.413  -12.492 10.610  1.00 56.40 ? 1532 GLN A CB  1 
ATOM   34  N N   . PRO A 1 23  ? -6.847  -12.488 7.175   1.00 54.67 ? 1533 PRO A N   1 
ATOM   35  C CA  . PRO A 1 23  ? -5.563  -12.237 6.527   1.00 53.73 ? 1533 PRO A CA  1 
ATOM   36  C C   . PRO A 1 23  ? -5.232  -10.740 6.402   1.00 51.99 ? 1533 PRO A C   1 
ATOM   37  O O   . PRO A 1 23  ? -6.118  -9.930  6.109   1.00 51.60 ? 1533 PRO A O   1 
ATOM   38  C CB  . PRO A 1 23  ? -5.754  -12.856 5.141   1.00 53.89 ? 1533 PRO A CB  1 
ATOM   39  C CG  . PRO A 1 23  ? -7.227  -12.698 4.858   1.00 54.96 ? 1533 PRO A CG  1 
ATOM   40  C CD  . PRO A 1 23  ? -7.944  -12.480 6.189   1.00 55.11 ? 1533 PRO A CD  1 
ATOM   41  N N   . SER A 1 24  ? -3.967  -10.396 6.632   1.00 50.25 ? 1534 SER A N   1 
ATOM   42  C CA  . SER A 1 24  ? -3.510  -9.012  6.515   1.00 48.83 ? 1534 SER A CA  1 
ATOM   43  C C   . SER A 1 24  ? -2.043  -8.901  6.091   1.00 46.81 ? 1534 SER A C   1 
ATOM   44  O O   . SER A 1 24  ? -1.306  -9.890  6.013   1.00 47.02 ? 1534 SER A O   1 
ATOM   45  C CB  . SER A 1 24  ? -3.740  -8.247  7.820   1.00 49.02 ? 1534 SER A CB  1 
ATOM   46  O OG  . SER A 1 24  ? -2.771  -8.593  8.790   1.00 50.75 ? 1534 SER A OG  1 
ATOM   47  N N   . LEU A 1 25  ? -1.659  -7.669  5.765   1.00 42.95 ? 1535 LEU A N   1 
ATOM   48  C CA  . LEU A 1 25  ? -0.298  -7.317  5.465   1.00 40.15 ? 1535 LEU A CA  1 
ATOM   49  C C   . LEU A 1 25  ? 0.026   -6.105  6.336   1.00 37.21 ? 1535 LEU A C   1 
ATOM   50  O O   . LEU A 1 25  ? -0.739  -5.153  6.379   1.00 33.72 ? 1535 LEU A O   1 
ATOM   51  C CB  . LEU A 1 25  ? -0.143  -6.935  4.010   1.00 40.41 ? 1535 LEU A CB  1 
ATOM   52  C CG  . LEU A 1 25  ? -0.368  -8.043  2.978   1.00 44.01 ? 1535 LEU A CG  1 
ATOM   53  C CD1 . LEU A 1 25  ? -0.104  -7.459  1.573   1.00 46.06 ? 1535 LEU A CD1 1 
ATOM   54  C CD2 . LEU A 1 25  ? 0.520   -9.266  3.307   1.00 47.46 ? 1535 LEU A CD2 1 
ATOM   55  N N   . HIS A 1 26  ? 1.133   -6.209  7.045   1.00 34.00 ? 1536 HIS A N   1 
ATOM   56  C CA  . HIS A 1 26  ? 1.655   -5.158  7.877   1.00 32.82 ? 1536 HIS A CA  1 
ATOM   57  C C   . HIS A 1 26  ? 3.099   -4.927  7.438   1.00 29.76 ? 1536 HIS A C   1 
ATOM   58  O O   . HIS A 1 26  ? 3.957   -5.812  7.598   1.00 28.72 ? 1536 HIS A O   1 
ATOM   59  C CB  . HIS A 1 26  ? 1.544   -5.619  9.334   1.00 33.79 ? 1536 HIS A CB  1 
ATOM   60  C CG  . HIS A 1 26  ? 2.156   -4.693  10.332  1.00 37.55 ? 1536 HIS A CG  1 
ATOM   61  N ND1 . HIS A 1 26  ? 1.431   -3.721  10.989  1.00 40.78 ? 1536 HIS A ND1 1 
ATOM   62  C CD2 . HIS A 1 26  ? 3.414   -4.628  10.839  1.00 43.54 ? 1536 HIS A CD2 1 
ATOM   63  C CE1 . HIS A 1 26  ? 2.217   -3.082  11.838  1.00 43.65 ? 1536 HIS A CE1 1 
ATOM   64  N NE2 . HIS A 1 26  ? 3.430   -3.603  11.757  1.00 44.27 ? 1536 HIS A NE2 1 
ATOM   65  N N   . TYR A 1 27  ? 3.392   -3.763  6.848   1.00 26.30 ? 1537 TYR A N   1 
ATOM   66  C CA  . TYR A 1 27  ? 4.743   -3.473  6.353   1.00 24.32 ? 1537 TYR A CA  1 
ATOM   67  C C   . TYR A 1 27  ? 5.120   -2.044  6.644   1.00 24.67 ? 1537 TYR A C   1 
ATOM   68  O O   . TYR A 1 27  ? 4.289   -1.143  6.505   1.00 25.49 ? 1537 TYR A O   1 
ATOM   69  C CB  . TYR A 1 27  ? 4.845   -3.656  4.830   1.00 26.03 ? 1537 TYR A CB  1 
ATOM   70  C CG  . TYR A 1 27  ? 4.808   -5.112  4.382   1.00 27.14 ? 1537 TYR A CG  1 
ATOM   71  C CD1 . TYR A 1 27  ? 5.843   -5.964  4.732   1.00 32.65 ? 1537 TYR A CD1 1 
ATOM   72  C CD2 . TYR A 1 27  ? 3.756   -5.626  3.644   1.00 34.23 ? 1537 TYR A CD2 1 
ATOM   73  C CE1 . TYR A 1 27  ? 5.850   -7.322  4.349   1.00 37.65 ? 1537 TYR A CE1 1 
ATOM   74  C CE2 . TYR A 1 27  ? 3.757   -7.005  3.230   1.00 34.73 ? 1537 TYR A CE2 1 
ATOM   75  C CZ  . TYR A 1 27  ? 4.816   -7.828  3.579   1.00 38.58 ? 1537 TYR A CZ  1 
ATOM   76  O OH  . TYR A 1 27  ? 4.864   -9.192  3.211   1.00 42.41 ? 1537 TYR A OH  1 
ATOM   77  N N   . THR A 1 28  ? 6.389   -1.816  6.950   1.00 23.20 ? 1538 THR A N   1 
ATOM   78  C CA  . THR A 1 28  ? 6.869   -0.444  7.036   1.00 22.35 ? 1538 THR A CA  1 
ATOM   79  C C   . THR A 1 28  ? 7.141   0.045   5.619   1.00 21.42 ? 1538 THR A C   1 
ATOM   80  O O   . THR A 1 28  ? 7.299   -0.748  4.691   1.00 21.08 ? 1538 THR A O   1 
ATOM   81  C CB  . THR A 1 28  ? 8.164   -0.334  7.874   1.00 20.92 ? 1538 THR A CB  1 
ATOM   82  O OG1 . THR A 1 28  ? 9.257   -0.922  7.151   1.00 20.58 ? 1538 THR A OG1 1 
ATOM   83  C CG2 . THR A 1 28  ? 7.997   -1.005  9.276   1.00 24.19 ? 1538 THR A CG2 1 
ATOM   84  N N   . ALA A 1 29  ? 7.241   1.364   5.461   1.00 21.21 ? 1539 ALA A N   1 
ATOM   85  C CA  . ALA A 1 29  ? 7.692   1.954   4.230   1.00 20.30 ? 1539 ALA A CA  1 
ATOM   86  C C   . ALA A 1 29  ? 9.035   1.406   3.795   1.00 20.79 ? 1539 ALA A C   1 
ATOM   87  O O   . ALA A 1 29  ? 9.304   1.244   2.629   1.00 19.03 ? 1539 ALA A O   1 
ATOM   88  C CB  . ALA A 1 29  ? 7.753   3.523   4.379   1.00 20.42 ? 1539 ALA A CB  1 
ATOM   89  N N   . ALA A 1 30  ? 9.922   1.113   4.752   1.00 20.69 ? 1540 ALA A N   1 
ATOM   90  C CA  . ALA A 1 30  ? 11.221  0.631   4.413   1.00 20.70 ? 1540 ALA A CA  1 
ATOM   91  C C   . ALA A 1 30  ? 11.113  -0.770  3.825   1.00 20.27 ? 1540 ALA A C   1 
ATOM   92  O O   . ALA A 1 30  ? 11.852  -1.114  2.903   1.00 21.76 ? 1540 ALA A O   1 
ATOM   93  C CB  . ALA A 1 30  ? 12.141  0.646   5.648   1.00 21.52 ? 1540 ALA A CB  1 
ATOM   94  N N   . GLN A 1 31  ? 10.237  -1.586  4.382   1.00 20.57 ? 1541 GLN A N   1 
ATOM   95  C CA  . GLN A 1 31  ? 10.013  -2.933  3.827   1.00 20.97 ? 1541 GLN A CA  1 
ATOM   96  C C   . GLN A 1 31  ? 9.414   -2.852  2.432   1.00 20.15 ? 1541 GLN A C   1 
ATOM   97  O O   . GLN A 1 31  ? 9.827   -3.570  1.521   1.00 21.17 ? 1541 GLN A O   1 
ATOM   98  C CB  . GLN A 1 31  ? 9.115   -3.739  4.745   1.00 21.61 ? 1541 GLN A CB  1 
ATOM   99  C CG  . GLN A 1 31  ? 9.793   -4.127  6.061   1.00 23.71 ? 1541 GLN A CG  1 
ATOM   100 C CD  . GLN A 1 31  ? 8.835   -4.773  7.003   1.00 27.60 ? 1541 GLN A CD  1 
ATOM   101 O OE1 . GLN A 1 31  ? 7.784   -4.239  7.320   1.00 22.81 ? 1541 GLN A OE1 1 
ATOM   102 N NE2 . GLN A 1 31  ? 9.182   -5.997  7.447   1.00 35.36 ? 1541 GLN A NE2 1 
ATOM   103 N N   . LEU A 1 32  ? 8.463   -1.957  2.246   1.00 20.26 ? 1542 LEU A N   1 
ATOM   104 C CA  . LEU A 1 32  ? 7.876   -1.773  0.901   1.00 21.15 ? 1542 LEU A CA  1 
ATOM   105 C C   . LEU A 1 32  ? 8.881   -1.227  -0.134  1.00 21.67 ? 1542 LEU A C   1 
ATOM   106 O O   . LEU A 1 32  ? 8.883   -1.600  -1.317  1.00 20.57 ? 1542 LEU A O   1 
ATOM   107 C CB  . LEU A 1 32  ? 6.663   -0.889  1.013   1.00 19.83 ? 1542 LEU A CB  1 
ATOM   108 C CG  . LEU A 1 32  ? 5.470   -1.449  1.758   1.00 23.64 ? 1542 LEU A CG  1 
ATOM   109 C CD1 . LEU A 1 32  ? 4.362   -0.450  1.526   1.00 21.89 ? 1542 LEU A CD1 1 
ATOM   110 C CD2 . LEU A 1 32  ? 5.082   -2.812  1.267   1.00 23.29 ? 1542 LEU A CD2 1 
ATOM   111 N N   . LEU A 1 33  ? 9.812   -0.405  0.324   1.00 21.46 ? 1543 LEU A N   1 
ATOM   112 C CA  . LEU A 1 33  ? 10.904  0.046   -0.567  1.00 22.71 ? 1543 LEU A CA  1 
ATOM   113 C C   . LEU A 1 33  ? 11.768  -1.090  -1.002  1.00 22.57 ? 1543 LEU A C   1 
ATOM   114 O O   . LEU A 1 33  ? 12.102  -1.243  -2.168  1.00 21.41 ? 1543 LEU A O   1 
ATOM   115 C CB  . LEU A 1 33  ? 11.755  1.130   0.134   1.00 21.83 ? 1543 LEU A CB  1 
ATOM   116 C CG  . LEU A 1 33  ? 12.879  1.712   -0.712  1.00 24.11 ? 1543 LEU A CG  1 
ATOM   117 C CD1 . LEU A 1 33  ? 12.240  2.663   -1.784  1.00 24.74 ? 1543 LEU A CD1 1 
ATOM   118 C CD2 . LEU A 1 33  ? 13.926  2.462   0.140   1.00 25.37 ? 1543 LEU A CD2 1 
ATOM   119 N N   . GLU A 1 34  ? 12.127  -1.934  -0.040  1.00 23.85 ? 1544 GLU A N   1 
ATOM   120 C CA  . GLU A 1 34  ? 12.998  -3.026  -0.308  1.00 24.75 ? 1544 GLU A CA  1 
ATOM   121 C C   . GLU A 1 34  ? 12.346  -3.970  -1.296  1.00 24.94 ? 1544 GLU A C   1 
ATOM   122 O O   . GLU A 1 34  ? 13.034  -4.590  -2.103  1.00 23.82 ? 1544 GLU A O   1 
ATOM   123 C CB  . GLU A 1 34  ? 13.369  -3.720  1.008   1.00 26.26 ? 1544 GLU A CB  1 
ATOM   124 C CG  . GLU A 1 34  ? 14.534  -4.665  0.925   1.00 29.14 ? 1544 GLU A CG  1 
ATOM   125 C CD  . GLU A 1 34  ? 14.124  -6.029  0.410   1.00 32.86 ? 1544 GLU A CD  1 
ATOM   126 O OE1 . GLU A 1 34  ? 12.951  -6.403  0.640   1.00 34.07 ? 1544 GLU A OE1 1 
ATOM   127 O OE2 . GLU A 1 34  ? 14.958  -6.679  -0.258  1.00 35.07 ? 1544 GLU A OE2 1 
ATOM   128 N N   . LYS A 1 35  ? 11.016  -4.062  -1.245  1.00 23.75 ? 1545 LYS A N   1 
ATOM   129 C CA  . LYS A 1 35  ? 10.270  -4.930  -2.155  1.00 25.19 ? 1545 LYS A CA  1 
ATOM   130 C C   . LYS A 1 35  ? 10.027  -4.279  -3.524  1.00 24.62 ? 1545 LYS A C   1 
ATOM   131 O O   . LYS A 1 35  ? 9.609   -4.937  -4.467  1.00 26.12 ? 1545 LYS A O   1 
ATOM   132 C CB  . LYS A 1 35  ? 8.936   -5.329  -1.503  1.00 25.91 ? 1545 LYS A CB  1 
ATOM   133 C CG  . LYS A 1 35  ? 9.116   -6.275  -0.310  1.00 29.94 ? 1545 LYS A CG  1 
ATOM   134 C CD  . LYS A 1 35  ? 7.792   -6.498  0.426   1.00 35.53 ? 1545 LYS A CD  1 
ATOM   135 C CE  . LYS A 1 35  ? 8.032   -7.310  1.705   1.00 38.74 ? 1545 LYS A CE  1 
ATOM   136 N NZ  . LYS A 1 35  ? 8.499   -8.693  1.446   1.00 41.53 ? 1545 LYS A NZ  1 
ATOM   137 N N   . GLY A 1 36  ? 10.293  -2.994  -3.649  1.00 23.76 ? 1546 GLY A N   1 
ATOM   138 C CA  . GLY A 1 36  ? 10.066  -2.303  -4.903  1.00 23.74 ? 1546 GLY A CA  1 
ATOM   139 C C   . GLY A 1 36  ? 8.645   -1.796  -5.055  1.00 22.39 ? 1546 GLY A C   1 
ATOM   140 O O   . GLY A 1 36  ? 8.343   -1.147  -6.055  1.00 22.74 ? 1546 GLY A O   1 
ATOM   141 N N   . VAL A 1 37  ? 7.813   -2.030  -4.042  1.00 21.27 ? 1547 VAL A N   1 
ATOM   142 C CA  . VAL A 1 37  ? 6.438   -1.518  -3.991  1.00 21.88 ? 1547 VAL A CA  1 
ATOM   143 C C   . VAL A 1 37  ? 6.388   -0.029  -3.737  1.00 22.36 ? 1547 VAL A C   1 
ATOM   144 O O   . VAL A 1 37  ? 5.630   0.675   -4.388  1.00 22.20 ? 1547 VAL A O   1 
ATOM   145 C CB  . VAL A 1 37  ? 5.577   -2.287  -2.926  1.00 22.47 ? 1547 VAL A CB  1 
ATOM   146 C CG1 . VAL A 1 37  ? 4.173   -1.691  -2.793  1.00 21.70 ? 1547 VAL A CG1 1 
ATOM   147 C CG2 . VAL A 1 37  ? 5.484   -3.784  -3.265  1.00 22.57 ? 1547 VAL A CG2 1 
ATOM   148 N N   . LEU A 1 38  ? 7.205   0.486   -2.809  1.00 21.32 ? 1548 LEU A N   1 
ATOM   149 C CA  . LEU A 1 38  ? 7.261   1.916   -2.552  1.00 22.16 ? 1548 LEU A CA  1 
ATOM   150 C C   . LEU A 1 38  ? 8.365   2.517   -3.377  1.00 23.00 ? 1548 LEU A C   1 
ATOM   151 O O   . LEU A 1 38  ? 9.435   1.919   -3.473  1.00 24.64 ? 1548 LEU A O   1 
ATOM   152 C CB  . LEU A 1 38  ? 7.532   2.208   -1.075  1.00 23.00 ? 1548 LEU A CB  1 
ATOM   153 C CG  . LEU A 1 38  ? 7.506   3.675   -0.666  1.00 23.61 ? 1548 LEU A CG  1 
ATOM   154 C CD1 . LEU A 1 38  ? 6.168   4.345   -0.891  1.00 24.90 ? 1548 LEU A CD1 1 
ATOM   155 C CD2 . LEU A 1 38  ? 7.910   3.806   0.831   1.00 28.02 ? 1548 LEU A CD2 1 
ATOM   156 N N   . VAL A 1 39  ? 8.086   3.665   -3.995  1.00 22.86 ? 1549 VAL A N   1 
ATOM   157 C CA  . VAL A 1 39  ? 9.041   4.372   -4.867  1.00 24.83 ? 1549 VAL A CA  1 
ATOM   158 C C   . VAL A 1 39  ? 9.643   5.559   -4.140  1.00 25.24 ? 1549 VAL A C   1 
ATOM   159 O O   . VAL A 1 39  ? 10.887  5.748   -4.152  1.00 25.46 ? 1549 VAL A O   1 
ATOM   160 C CB  . VAL A 1 39  ? 8.330   4.848   -6.170  1.00 25.80 ? 1549 VAL A CB  1 
ATOM   161 C CG1 . VAL A 1 39  ? 9.227   5.799   -6.975  1.00 28.16 ? 1549 VAL A CG1 1 
ATOM   162 C CG2 . VAL A 1 39  ? 7.953   3.627   -6.982  1.00 28.03 ? 1549 VAL A CG2 1 
ATOM   163 N N   . GLU A 1 40  ? 8.784   6.337   -3.507  1.00 25.60 ? 1550 GLU A N   1 
ATOM   164 C CA  . GLU A 1 40  ? 9.167   7.544   -2.775  1.00 27.91 ? 1550 GLU A CA  1 
ATOM   165 C C   . GLU A 1 40  ? 8.082   8.005   -1.844  1.00 26.82 ? 1550 GLU A C   1 
ATOM   166 O O   . GLU A 1 40  ? 6.889   7.674   -2.014  1.00 26.29 ? 1550 GLU A O   1 
ATOM   167 C CB  . GLU A 1 40  ? 9.522   8.705   -3.725  1.00 29.89 ? 1550 GLU A CB  1 
ATOM   168 C CG  . GLU A 1 40  ? 8.358   9.389   -4.361  1.00 35.60 ? 1550 GLU A CG  1 
ATOM   169 C CD  . GLU A 1 40  ? 8.749   10.678  -5.174  1.00 42.05 ? 1550 GLU A CD  1 
ATOM   170 O OE1 . GLU A 1 40  ? 9.826   10.675  -5.798  1.00 44.80 ? 1550 GLU A OE1 1 
ATOM   171 O OE2 . GLU A 1 40  ? 7.966   11.674  -5.180  1.00 43.40 ? 1550 GLU A OE2 1 
ATOM   172 N N   . ILE A 1 41  ? 8.472   8.798   -0.844  1.00 25.59 ? 1551 ILE A N   1 
ATOM   173 C CA  . ILE A 1 41  ? 7.519   9.546   -0.061  1.00 26.39 ? 1551 ILE A CA  1 
ATOM   174 C C   . ILE A 1 41  ? 8.021   10.980  -0.113  1.00 29.10 ? 1551 ILE A C   1 
ATOM   175 O O   . ILE A 1 41  ? 9.088   11.321  0.426   1.00 27.92 ? 1551 ILE A O   1 
ATOM   176 C CB  . ILE A 1 41  ? 7.350   9.078   1.409   1.00 25.73 ? 1551 ILE A CB  1 
ATOM   177 C CG1 . ILE A 1 41  ? 6.937   7.585   1.483   1.00 25.94 ? 1551 ILE A CG1 1 
ATOM   178 C CG2 . ILE A 1 41  ? 6.326   9.936   2.075   1.00 26.70 ? 1551 ILE A CG2 1 
ATOM   179 C CD1 . ILE A 1 41  ? 6.806   7.014   2.911   1.00 22.99 ? 1551 ILE A CD1 1 
ATOM   180 N N   . GLU A 1 42  ? 7.278   11.819  -0.817  1.00 31.15 ? 1552 GLU A N   1 
ATOM   181 C CA  . GLU A 1 42  ? 7.713   13.189  -1.019  1.00 33.80 ? 1552 GLU A CA  1 
ATOM   182 C C   . GLU A 1 42  ? 7.899   13.895  0.332   1.00 33.21 ? 1552 GLU A C   1 
ATOM   183 O O   . GLU A 1 42  ? 7.072   13.753  1.214   1.00 32.75 ? 1552 GLU A O   1 
ATOM   184 C CB  . GLU A 1 42  ? 6.682   13.926  -1.889  1.00 35.32 ? 1552 GLU A CB  1 
ATOM   185 C CG  . GLU A 1 42  ? 7.304   14.978  -2.729  1.00 39.75 ? 1552 GLU A CG  1 
ATOM   186 C CD  . GLU A 1 42  ? 6.267   15.911  -3.356  1.00 45.97 ? 1552 GLU A CD  1 
ATOM   187 O OE1 . GLU A 1 42  ? 5.022   15.658  -3.226  1.00 46.13 ? 1552 GLU A OE1 1 
ATOM   188 O OE2 . GLU A 1 42  ? 6.731   16.912  -3.950  1.00 50.67 ? 1552 GLU A OE2 1 
ATOM   189 N N   . ASP A 1 43  ? 9.009   14.615  0.486   1.00 34.30 ? 1553 ASP A N   1 
ATOM   190 C CA  . ASP A 1 43  ? 9.328   15.365  1.721   1.00 35.36 ? 1553 ASP A CA  1 
ATOM   191 C C   . ASP A 1 43  ? 9.550   14.477  2.951   1.00 35.00 ? 1553 ASP A C   1 
ATOM   192 O O   . ASP A 1 43  ? 9.400   14.954  4.076   1.00 35.85 ? 1553 ASP A O   1 
ATOM   193 C CB  . ASP A 1 43  ? 8.231   16.379  2.081   1.00 36.06 ? 1553 ASP A CB  1 
ATOM   194 C CG  . ASP A 1 43  ? 7.989   17.399  0.979   1.00 40.35 ? 1553 ASP A CG  1 
ATOM   195 O OD1 . ASP A 1 43  ? 8.983   17.894  0.416   1.00 44.58 ? 1553 ASP A OD1 1 
ATOM   196 O OD2 . ASP A 1 43  ? 6.802   17.652  0.660   1.00 45.74 ? 1553 ASP A OD2 1 
ATOM   197 N N   . LEU A 1 44  ? 9.856   13.188  2.760   1.00 32.88 ? 1554 LEU A N   1 
ATOM   198 C CA  . LEU A 1 44  ? 10.213  12.360  3.908   1.00 31.90 ? 1554 LEU A CA  1 
ATOM   199 C C   . LEU A 1 44  ? 11.531  11.706  3.566   1.00 32.40 ? 1554 LEU A C   1 
ATOM   200 O O   . LEU A 1 44  ? 11.607  10.930  2.613   1.00 32.31 ? 1554 LEU A O   1 
ATOM   201 C CB  . LEU A 1 44  ? 9.169   11.279  4.224   1.00 31.38 ? 1554 LEU A CB  1 
ATOM   202 C CG  . LEU A 1 44  ? 9.324   10.587  5.591   1.00 30.71 ? 1554 LEU A CG  1 
ATOM   203 C CD1 . LEU A 1 44  ? 9.157   11.531  6.775   1.00 30.05 ? 1554 LEU A CD1 1 
ATOM   204 C CD2 . LEU A 1 44  ? 8.332   9.443   5.713   1.00 29.11 ? 1554 LEU A CD2 1 
ATOM   205 N N   . PRO A 1 45  ? 12.568  12.013  4.348   1.00 32.61 ? 1555 PRO A N   1 
ATOM   206 C CA  . PRO A 1 45  ? 13.838  11.326  4.180   1.00 32.23 ? 1555 PRO A CA  1 
ATOM   207 C C   . PRO A 1 45  ? 13.687  9.792   4.380   1.00 30.46 ? 1555 PRO A C   1 
ATOM   208 O O   . PRO A 1 45  ? 12.922  9.345   5.207   1.00 29.42 ? 1555 PRO A O   1 
ATOM   209 C CB  . PRO A 1 45  ? 14.717  11.948  5.281   1.00 32.84 ? 1555 PRO A CB  1 
ATOM   210 C CG  . PRO A 1 45  ? 14.077  13.383  5.490   1.00 34.98 ? 1555 PRO A CG  1 
ATOM   211 C CD  . PRO A 1 45  ? 12.612  13.014  5.433   1.00 32.94 ? 1555 PRO A CD  1 
ATOM   212 N N   . ALA A 1 46  ? 14.413  9.037   3.576   1.00 29.65 ? 1556 ALA A N   1 
ATOM   213 C CA  . ALA A 1 46  ? 14.489  7.583   3.658   1.00 29.89 ? 1556 ALA A CA  1 
ATOM   214 C C   . ALA A 1 46  ? 14.678  7.046   5.075   1.00 28.79 ? 1556 ALA A C   1 
ATOM   215 O O   . ALA A 1 46  ? 14.117  6.018   5.443   1.00 26.41 ? 1556 ALA A O   1 
ATOM   216 C CB  . ALA A 1 46  ? 15.651  7.084   2.728   1.00 29.92 ? 1556 ALA A CB  1 
ATOM   217 N N   . SER A 1 47  ? 15.440  7.771   5.903   1.00 28.51 ? 1557 SER A N   1 
ATOM   218 C CA  . SER A 1 47  ? 15.755  7.340   7.254   1.00 28.53 ? 1557 SER A CA  1 
ATOM   219 C C   . SER A 1 47  ? 14.535  7.230   8.152   1.00 27.96 ? 1557 SER A C   1 
ATOM   220 O O   . SER A 1 47  ? 14.551  6.578   9.169   1.00 27.59 ? 1557 SER A O   1 
ATOM   221 C CB  . SER A 1 47  ? 16.738  8.339   7.885   1.00 30.37 ? 1557 SER A CB  1 
ATOM   222 O OG  . SER A 1 47  ? 16.063  9.585   8.088   1.00 31.27 ? 1557 SER A OG  1 
ATOM   223 N N   . HIS A 1 48  ? 13.437  7.852   7.749   1.00 26.86 ? 1558 HIS A N   1 
ATOM   224 C CA  . HIS A 1 48  ? 12.218  7.774   8.491   1.00 27.43 ? 1558 HIS A CA  1 
ATOM   225 C C   . HIS A 1 48  ? 11.260  6.676   8.000   1.00 26.05 ? 1558 HIS A C   1 
ATOM   226 O O   . HIS A 1 48  ? 10.189  6.505   8.564   1.00 26.04 ? 1558 HIS A O   1 
ATOM   227 C CB  . HIS A 1 48  ? 11.519  9.133   8.398   1.00 29.22 ? 1558 HIS A CB  1 
ATOM   228 C CG  . HIS A 1 48  ? 12.247  10.217  9.132   1.00 34.87 ? 1558 HIS A CG  1 
ATOM   229 N ND1 . HIS A 1 48  ? 12.157  10.369  10.498  1.00 40.05 ? 1558 HIS A ND1 1 
ATOM   230 C CD2 . HIS A 1 48  ? 13.088  11.190  8.695   1.00 42.53 ? 1558 HIS A CD2 1 
ATOM   231 C CE1 . HIS A 1 48  ? 12.918  11.388  10.878  1.00 42.84 ? 1558 HIS A CE1 1 
ATOM   232 N NE2 . HIS A 1 48  ? 13.490  11.907  9.803   1.00 43.39 ? 1558 HIS A NE2 1 
ATOM   233 N N   . PHE A 1 49  ? 11.631  5.966   6.958   1.00 27.15 ? 1559 PHE A N   1 
ATOM   234 C CA  . PHE A 1 49  ? 10.707  4.980   6.336   1.00 26.85 ? 1559 PHE A CA  1 
ATOM   235 C C   . PHE A 1 49  ? 10.373  3.838   7.291   1.00 27.58 ? 1559 PHE A C   1 
ATOM   236 O O   . PHE A 1 49  ? 9.289   3.274   7.209   1.00 27.36 ? 1559 PHE A O   1 
ATOM   237 C CB  . PHE A 1 49  ? 11.291  4.413   5.040   1.00 25.92 ? 1559 PHE A CB  1 
ATOM   238 C CG  . PHE A 1 49  ? 11.204  5.351   3.836   1.00 25.47 ? 1559 PHE A CG  1 
ATOM   239 C CD1 . PHE A 1 49  ? 10.926  6.714   3.992   1.00 27.95 ? 1559 PHE A CD1 1 
ATOM   240 C CD2 . PHE A 1 49  ? 11.480  4.883   2.581   1.00 27.93 ? 1559 PHE A CD2 1 
ATOM   241 C CE1 . PHE A 1 49  ? 10.867  7.561   2.895   1.00 27.32 ? 1559 PHE A CE1 1 
ATOM   242 C CE2 . PHE A 1 49  ? 11.411  5.725   1.474   1.00 29.37 ? 1559 PHE A CE2 1 
ATOM   243 C CZ  . PHE A 1 49  ? 11.108  7.090   1.673   1.00 28.85 ? 1559 PHE A CZ  1 
ATOM   244 N N   . ARG A 1 50  ? 11.294  3.499   8.199   1.00 27.59 ? 1560 ARG A N   1 
ATOM   245 C CA  A ARG A 1 50  ? 11.011  2.502   9.238   0.50 28.10 ? 1560 ARG A CA  1 
ATOM   246 C CA  B ARG A 1 50  ? 11.019  2.507   9.237   0.50 28.33 ? 1560 ARG A CA  1 
ATOM   247 C C   . ARG A 1 50  ? 9.846   2.918   10.128  1.00 28.50 ? 1560 ARG A C   1 
ATOM   248 O O   . ARG A 1 50  ? 9.193   2.087   10.720  1.00 28.77 ? 1560 ARG A O   1 
ATOM   249 C CB  A ARG A 1 50  ? 12.255  2.206   10.106  0.50 28.89 ? 1560 ARG A CB  1 
ATOM   250 C CB  B ARG A 1 50  ? 12.279  2.250   10.089  0.50 29.31 ? 1560 ARG A CB  1 
ATOM   251 C CG  A ARG A 1 50  ? 13.380  1.431   9.392   0.50 29.68 ? 1560 ARG A CG  1 
ATOM   252 C CG  B ARG A 1 50  ? 13.508  1.759   9.293   0.50 31.06 ? 1560 ARG A CG  1 
ATOM   253 C CD  A ARG A 1 50  ? 14.591  1.167   10.326  0.50 30.47 ? 1560 ARG A CD  1 
ATOM   254 C CD  B ARG A 1 50  ? 14.843  2.144   9.999   0.50 33.90 ? 1560 ARG A CD  1 
ATOM   255 N NE  A ARG A 1 50  ? 14.494  -0.155  10.895  0.50 34.08 ? 1560 ARG A NE  1 
ATOM   256 N NE  B ARG A 1 50  ? 15.861  2.744   9.115   0.50 34.08 ? 1560 ARG A NE  1 
ATOM   257 C CZ  A ARG A 1 50  ? 15.005  -0.528  12.062  0.50 35.09 ? 1560 ARG A CZ  1 
ATOM   258 C CZ  B ARG A 1 50  ? 16.538  3.853   9.416   0.50 38.40 ? 1560 ARG A CZ  1 
ATOM   259 N NH1 A ARG A 1 50  ? 15.666  0.340   12.820  0.50 34.12 ? 1560 ARG A NH1 1 
ATOM   260 N NH1 B ARG A 1 50  ? 17.475  4.337   8.586   0.50 37.58 ? 1560 ARG A NH1 1 
ATOM   261 N NH2 A ARG A 1 50  ? 14.844  -1.781  12.456  0.50 35.22 ? 1560 ARG A NH2 1 
ATOM   262 N NH2 B ARG A 1 50  ? 16.286  4.486   10.569  0.50 37.96 ? 1560 ARG A NH2 1 
ATOM   263 N N   . ASN A 1 51  ? 9.563   4.211   10.205  1.00 27.73 ? 1561 ASN A N   1 
ATOM   264 C CA  . ASN A 1 51  ? 8.535   4.711   11.089  1.00 28.93 ? 1561 ASN A CA  1 
ATOM   265 C C   . ASN A 1 51  ? 7.292   5.133   10.326  1.00 28.12 ? 1561 ASN A C   1 
ATOM   266 O O   . ASN A 1 51  ? 6.513   5.960   10.798  1.00 28.65 ? 1561 ASN A O   1 
ATOM   267 C CB  . ASN A 1 51  ? 9.086   5.920   11.869  1.00 29.45 ? 1561 ASN A CB  1 
ATOM   268 C CG  . ASN A 1 51  ? 10.309  5.558   12.690  1.00 35.61 ? 1561 ASN A CG  1 
ATOM   269 O OD1 . ASN A 1 51  ? 11.401  6.124   12.493  1.00 43.99 ? 1561 ASN A OD1 1 
ATOM   270 N ND2 . ASN A 1 51  ? 10.145  4.597   13.600  1.00 36.75 ? 1561 ASN A ND2 1 
ATOM   271 N N   . VAL A 1 52  ? 7.084   4.547   9.151   1.00 25.42 ? 1562 VAL A N   1 
ATOM   272 C CA  . VAL A 1 52  ? 5.823   4.729   8.442   1.00 24.69 ? 1562 VAL A CA  1 
ATOM   273 C C   . VAL A 1 52  ? 5.308   3.304   8.302   1.00 24.54 ? 1562 VAL A C   1 
ATOM   274 O O   . VAL A 1 52  ? 6.027   2.460   7.772   1.00 22.99 ? 1562 VAL A O   1 
ATOM   275 C CB  . VAL A 1 52  ? 6.043   5.341   7.048   1.00 23.00 ? 1562 VAL A CB  1 
ATOM   276 C CG1 . VAL A 1 52  ? 4.775   5.291   6.205   1.00 23.07 ? 1562 VAL A CG1 1 
ATOM   277 C CG2 . VAL A 1 52  ? 6.541   6.780   7.160   1.00 25.77 ? 1562 VAL A CG2 1 
ATOM   278 N N   . ILE A 1 53  ? 4.097   3.041   8.750   1.00 24.83 ? 1563 ILE A N   1 
ATOM   279 C CA  . ILE A 1 53  ? 3.584   1.681   8.797   1.00 26.73 ? 1563 ILE A CA  1 
ATOM   280 C C   . ILE A 1 53  ? 2.285   1.593   8.026   1.00 26.81 ? 1563 ILE A C   1 
ATOM   281 O O   . ILE A 1 53  ? 1.361   2.426   8.229   1.00 25.99 ? 1563 ILE A O   1 
ATOM   282 C CB  . ILE A 1 53  ? 3.372   1.214   10.266  1.00 28.55 ? 1563 ILE A CB  1 
ATOM   283 C CG1 . ILE A 1 53  ? 4.722   1.166   10.991  1.00 32.76 ? 1563 ILE A CG1 1 
ATOM   284 C CG2 . ILE A 1 53  ? 2.694   -0.162  10.317  1.00 31.01 ? 1563 ILE A CG2 1 
ATOM   285 C CD1 . ILE A 1 53  ? 5.002   2.413   11.834  1.00 39.01 ? 1563 ILE A CD1 1 
ATOM   286 N N   . PHE A 1 54  ? 2.231   0.610   7.107   1.00 26.79 ? 1564 PHE A N   1 
ATOM   287 C CA  . PHE A 1 54  ? 1.024   0.299   6.329   1.00 26.51 ? 1564 PHE A CA  1 
ATOM   288 C C   . PHE A 1 54  ? 0.388   -1.000  6.763   1.00 27.31 ? 1564 PHE A C   1 
ATOM   289 O O   . PHE A 1 54  ? 1.112   -1.974  6.989   1.00 28.42 ? 1564 PHE A O   1 
ATOM   290 C CB  . PHE A 1 54  ? 1.401   0.163   4.864   1.00 27.43 ? 1564 PHE A CB  1 
ATOM   291 C CG  . PHE A 1 54  ? 1.920   1.418   4.279   1.00 26.96 ? 1564 PHE A CG  1 
ATOM   292 C CD1 . PHE A 1 54  ? 1.026   2.395   3.829   1.00 30.61 ? 1564 PHE A CD1 1 
ATOM   293 C CD2 . PHE A 1 54  ? 3.276   1.645   4.190   1.00 27.87 ? 1564 PHE A CD2 1 
ATOM   294 C CE1 . PHE A 1 54  ? 1.488   3.561   3.280   1.00 27.47 ? 1564 PHE A CE1 1 
ATOM   295 C CE2 . PHE A 1 54  ? 3.755   2.828   3.665   1.00 27.70 ? 1564 PHE A CE2 1 
ATOM   296 C CZ  . PHE A 1 54  ? 2.853   3.798   3.234   1.00 27.36 ? 1564 PHE A CZ  1 
ATOM   297 N N   . ASP A 1 55  ? -0.938  -1.029  6.882   1.00 26.95 ? 1565 ASP A N   1 
ATOM   298 C CA  . ASP A 1 55  ? -1.669  -2.247  7.171   1.00 28.46 ? 1565 ASP A CA  1 
ATOM   299 C C   . ASP A 1 55  ? -2.747  -2.367  6.117   1.00 27.83 ? 1565 ASP A C   1 
ATOM   300 O O   . ASP A 1 55  ? -3.568  -1.452  5.987   1.00 28.12 ? 1565 ASP A O   1 
ATOM   301 C CB  . ASP A 1 55  ? -2.352  -2.201  8.533   1.00 29.18 ? 1565 ASP A CB  1 
ATOM   302 C CG  . ASP A 1 55  ? -1.357  -2.376  9.696   1.00 35.70 ? 1565 ASP A CG  1 
ATOM   303 O OD1 . ASP A 1 55  ? -0.864  -3.522  9.913   1.00 38.07 ? 1565 ASP A OD1 1 
ATOM   304 O OD2 . ASP A 1 55  ? -1.075  -1.359  10.381  1.00 39.71 ? 1565 ASP A OD2 1 
ATOM   305 N N   . ILE A 1 56  ? -2.762  -3.497  5.421   1.00 26.50 ? 1566 ILE A N   1 
ATOM   306 C CA  . ILE A 1 56  ? -3.685  -3.730  4.318   1.00 26.16 ? 1566 ILE A CA  1 
ATOM   307 C C   . ILE A 1 56  ? -4.523  -4.962  4.634   1.00 25.52 ? 1566 ILE A C   1 
ATOM   308 O O   . ILE A 1 56  ? -3.983  -5.994  5.008   1.00 25.38 ? 1566 ILE A O   1 
ATOM   309 C CB  . ILE A 1 56  ? -2.950  -3.921  2.971   1.00 26.73 ? 1566 ILE A CB  1 
ATOM   310 C CG1 . ILE A 1 56  ? -2.010  -2.757  2.705   1.00 28.63 ? 1566 ILE A CG1 1 
ATOM   311 C CG2 . ILE A 1 56  ? -3.948  -3.993  1.817   1.00 24.67 ? 1566 ILE A CG2 1 
ATOM   312 C CD1 . ILE A 1 56  ? -1.577  -2.641  1.195   1.00 35.87 ? 1566 ILE A CD1 1 
ATOM   313 N N   . THR A 1 57  ? -5.827  -4.809  4.544   1.00 26.32 ? 1567 THR A N   1 
ATOM   314 C CA  . THR A 1 57  ? -6.766  -5.890  4.823   1.00 27.49 ? 1567 THR A CA  1 
ATOM   315 C C   . THR A 1 57  ? -7.794  -5.947  3.716   1.00 26.80 ? 1567 THR A C   1 
ATOM   316 O O   . THR A 1 57  ? -8.054  -4.949  3.065   1.00 25.77 ? 1567 THR A O   1 
ATOM   317 C CB  . THR A 1 57  ? -7.491  -5.653  6.176   1.00 27.99 ? 1567 THR A CB  1 
ATOM   318 O OG1 . THR A 1 57  ? -8.000  -4.318  6.177   1.00 29.27 ? 1567 THR A OG1 1 
ATOM   319 C CG2 . THR A 1 57  ? -6.536  -5.818  7.348   1.00 29.00 ? 1567 THR A CG2 1 
ATOM   320 N N   . PRO A 1 58  ? -8.420  -7.127  3.508   1.00 28.87 ? 1568 PRO A N   1 
ATOM   321 C CA  . PRO A 1 58  ? -9.474  -7.207  2.513   1.00 28.58 ? 1568 PRO A CA  1 
ATOM   322 C C   . PRO A 1 58  ? -10.661 -6.378  2.934   1.00 28.92 ? 1568 PRO A C   1 
ATOM   323 O O   . PRO A 1 58  ? -10.989 -6.309  4.146   1.00 28.94 ? 1568 PRO A O   1 
ATOM   324 C CB  . PRO A 1 58  ? -9.823  -8.732  2.477   1.00 29.49 ? 1568 PRO A CB  1 
ATOM   325 C CG  . PRO A 1 58  ? -8.695  -9.391  3.176   1.00 30.78 ? 1568 PRO A CG  1 
ATOM   326 C CD  . PRO A 1 58  ? -8.263  -8.410  4.221   1.00 28.08 ? 1568 PRO A CD  1 
ATOM   327 N N   . GLY A 1 59  ? -11.277 -5.718  1.965   1.00 29.04 ? 1569 GLY A N   1 
ATOM   328 C CA  . GLY A 1 59  ? -12.397 -4.836  2.194   1.00 30.17 ? 1569 GLY A CA  1 
ATOM   329 C C   . GLY A 1 59  ? -13.703 -5.596  2.082   1.00 31.04 ? 1569 GLY A C   1 
ATOM   330 O O   . GLY A 1 59  ? -13.716 -6.834  2.012   1.00 29.88 ? 1569 GLY A O   1 
ATOM   331 N N   . ASP A 1 60  ? -14.766 -4.825  1.902   1.00 32.17 ? 1570 ASP A N   1 
ATOM   332 C CA  . ASP A 1 60  ? -16.114 -5.333  1.993   1.00 34.10 ? 1570 ASP A CA  1 
ATOM   333 C C   . ASP A 1 60  ? -16.753 -5.588  0.611   1.00 33.44 ? 1570 ASP A C   1 
ATOM   334 O O   . ASP A 1 60  ? -17.959 -5.685  0.486   1.00 33.08 ? 1570 ASP A O   1 
ATOM   335 C CB  . ASP A 1 60  ? -16.937 -4.355  2.872   1.00 35.64 ? 1570 ASP A CB  1 
ATOM   336 C CG  . ASP A 1 60  ? -17.274 -3.052  2.188   1.00 38.95 ? 1570 ASP A CG  1 
ATOM   337 O OD1 . ASP A 1 60  ? -16.774 -2.719  1.090   1.00 46.67 ? 1570 ASP A OD1 1 
ATOM   338 O OD2 . ASP A 1 60  ? -18.108 -2.317  2.774   1.00 49.85 ? 1570 ASP A OD2 1 
ATOM   339 N N   . GLU A 1 61  ? -15.907 -5.723  -0.413  1.00 31.43 ? 1571 GLU A N   1 
ATOM   340 C CA  . GLU A 1 61  ? -16.314 -6.018  -1.768  1.00 30.25 ? 1571 GLU A CA  1 
ATOM   341 C C   . GLU A 1 61  ? -15.165 -6.789  -2.408  1.00 27.83 ? 1571 GLU A C   1 
ATOM   342 O O   . GLU A 1 61  ? -14.024 -6.690  -1.960  1.00 24.61 ? 1571 GLU A O   1 
ATOM   343 C CB  . GLU A 1 61  ? -16.512 -4.756  -2.602  1.00 31.00 ? 1571 GLU A CB  1 
ATOM   344 C CG  . GLU A 1 61  ? -17.645 -3.830  -2.166  1.00 37.29 ? 1571 GLU A CG  1 
ATOM   345 C CD  . GLU A 1 61  ? -17.786 -2.614  -3.058  1.00 42.25 ? 1571 GLU A CD  1 
ATOM   346 O OE1 . GLU A 1 61  ? -16.815 -2.220  -3.767  1.00 48.00 ? 1571 GLU A OE1 1 
ATOM   347 O OE2 . GLU A 1 61  ? -18.902 -2.050  -3.064  1.00 49.51 ? 1571 GLU A OE2 1 
ATOM   348 N N   . ALA A 1 62  ? -15.497 -7.535  -3.462  1.00 25.62 ? 1572 ALA A N   1 
ATOM   349 C CA  . ALA A 1 62  ? -14.511 -8.253  -4.263  1.00 24.52 ? 1572 ALA A CA  1 
ATOM   350 C C   . ALA A 1 62  ? -13.482 -7.283  -4.793  1.00 23.42 ? 1572 ALA A C   1 
ATOM   351 O O   . ALA A 1 62  ? -13.851 -6.254  -5.394  1.00 22.74 ? 1572 ALA A O   1 
ATOM   352 C CB  . ALA A 1 62  ? -15.233 -8.950  -5.498  1.00 23.76 ? 1572 ALA A CB  1 
ATOM   353 N N   . GLY A 1 63  ? -12.202 -7.610  -4.634  1.00 22.14 ? 1573 GLY A N   1 
ATOM   354 C CA  . GLY A 1 63  ? -11.140 -6.792  -5.218  1.00 22.41 ? 1573 GLY A CA  1 
ATOM   355 C C   . GLY A 1 63  ? -10.825 -5.519  -4.407  1.00 23.09 ? 1573 GLY A C   1 
ATOM   356 O O   . GLY A 1 63  ? -9.960  -4.755  -4.795  1.00 23.68 ? 1573 GLY A O   1 
ATOM   357 N N   . LYS A 1 64  ? -11.497 -5.329  -3.276  1.00 21.90 ? 1574 LYS A N   1 
ATOM   358 C CA  . LYS A 1 64  ? -11.339 -4.086  -2.489  1.00 22.64 ? 1574 LYS A CA  1 
ATOM   359 C C   . LYS A 1 64  ? -10.433 -4.377  -1.309  1.00 22.63 ? 1574 LYS A C   1 
ATOM   360 O O   . LYS A 1 64  ? -10.572 -5.405  -0.651  1.00 22.94 ? 1574 LYS A O   1 
ATOM   361 C CB  . LYS A 1 64  ? -12.681 -3.576  -1.999  1.00 23.61 ? 1574 LYS A CB  1 
ATOM   362 C CG  . LYS A 1 64  ? -12.640 -2.263  -1.212  1.00 27.21 ? 1574 LYS A CG  1 
ATOM   363 C CD  . LYS A 1 64  ? -14.100 -1.835  -1.005  1.00 31.40 ? 1574 LYS A CD  1 
ATOM   364 C CE  . LYS A 1 64  ? -14.266 -0.440  -0.456  1.00 35.59 ? 1574 LYS A CE  1 
ATOM   365 N NZ  . LYS A 1 64  ? -15.735 -0.230  -0.216  1.00 36.69 ? 1574 LYS A NZ  1 
ATOM   366 N N   . PHE A 1 65  ? -9.495  -3.471  -1.051  1.00 22.61 ? 1575 PHE A N   1 
ATOM   367 C CA  . PHE A 1 65  ? -8.579  -3.590  0.078   1.00 23.71 ? 1575 PHE A CA  1 
ATOM   368 C C   . PHE A 1 65  ? -8.573  -2.281  0.838   1.00 26.38 ? 1575 PHE A C   1 
ATOM   369 O O   . PHE A 1 65  ? -8.649  -1.209  0.228   1.00 27.90 ? 1575 PHE A O   1 
ATOM   370 C CB  . PHE A 1 65  ? -7.174  -3.875  -0.382  1.00 23.42 ? 1575 PHE A CB  1 
ATOM   371 C CG  . PHE A 1 65  ? -7.073  -5.131  -1.161  1.00 24.89 ? 1575 PHE A CG  1 
ATOM   372 C CD1 . PHE A 1 65  ? -6.814  -6.327  -0.538  1.00 27.97 ? 1575 PHE A CD1 1 
ATOM   373 C CD2 . PHE A 1 65  ? -7.295  -5.120  -2.516  1.00 25.59 ? 1575 PHE A CD2 1 
ATOM   374 C CE1 . PHE A 1 65  ? -6.728  -7.509  -1.272  1.00 32.68 ? 1575 PHE A CE1 1 
ATOM   375 C CE2 . PHE A 1 65  ? -7.207  -6.320  -3.263  1.00 24.83 ? 1575 PHE A CE2 1 
ATOM   376 C CZ  . PHE A 1 65  ? -6.942  -7.496  -2.643  1.00 30.19 ? 1575 PHE A CZ  1 
ATOM   377 N N   . GLU A 1 66  ? -8.571  -2.399  2.158   1.00 26.84 ? 1576 GLU A N   1 
ATOM   378 C CA  . GLU A 1 66  ? -8.591  -1.243  3.019   1.00 28.07 ? 1576 GLU A CA  1 
ATOM   379 C C   . GLU A 1 66  ? -7.154  -1.023  3.439   1.00 26.54 ? 1576 GLU A C   1 
ATOM   380 O O   . GLU A 1 66  ? -6.493  -1.953  3.895   1.00 24.74 ? 1576 GLU A O   1 
ATOM   381 C CB  . GLU A 1 66  ? -9.499  -1.536  4.205   1.00 28.63 ? 1576 GLU A CB  1 
ATOM   382 C CG  . GLU A 1 66  ? -9.690  -0.371  5.116   1.00 37.02 ? 1576 GLU A CG  1 
ATOM   383 C CD  . GLU A 1 66  ? -10.876 -0.611  6.049   1.00 43.74 ? 1576 GLU A CD  1 
ATOM   384 O OE1 . GLU A 1 66  ? -12.024 -0.393  5.593   1.00 48.64 ? 1576 GLU A OE1 1 
ATOM   385 O OE2 . GLU A 1 66  ? -10.645 -1.061  7.200   1.00 50.41 ? 1576 GLU A OE2 1 
ATOM   386 N N   . VAL A 1 67  ? -6.651  0.185   3.198   1.00 27.00 ? 1577 VAL A N   1 
ATOM   387 C CA  . VAL A 1 67  ? -5.284  0.538   3.548   1.00 26.87 ? 1577 VAL A CA  1 
ATOM   388 C C   . VAL A 1 67  ? -5.351  1.522   4.704   1.00 27.35 ? 1577 VAL A C   1 
ATOM   389 O O   . VAL A 1 67  ? -6.011  2.551   4.619   1.00 26.45 ? 1577 VAL A O   1 
ATOM   390 C CB  . VAL A 1 67  ? -4.508  1.177   2.387   1.00 27.72 ? 1577 VAL A CB  1 
ATOM   391 C CG1 . VAL A 1 67  ? -3.043  1.381   2.765   1.00 27.36 ? 1577 VAL A CG1 1 
ATOM   392 C CG2 . VAL A 1 67  ? -4.588  0.291   1.146   1.00 29.61 ? 1577 VAL A CG2 1 
ATOM   393 N N   . ASN A 1 68  ? -4.698  1.156   5.788   1.00 26.64 ? 1578 ASN A N   1 
ATOM   394 C CA  . ASN A 1 68  ? -4.537  2.009   6.930   1.00 27.38 ? 1578 ASN A CA  1 
ATOM   395 C C   . ASN A 1 68  ? -3.055  2.299   6.963   1.00 27.55 ? 1578 ASN A C   1 
ATOM   396 O O   . ASN A 1 68  ? -2.227  1.543   6.372   1.00 27.69 ? 1578 ASN A O   1 
ATOM   397 C CB  . ASN A 1 68  ? -5.008  1.271   8.186   1.00 27.79 ? 1578 ASN A CB  1 
ATOM   398 C CG  . ASN A 1 68  ? -6.481  1.343   8.355   1.00 31.91 ? 1578 ASN A CG  1 
ATOM   399 O OD1 . ASN A 1 68  ? -7.014  2.408   8.688   1.00 33.78 ? 1578 ASN A OD1 1 
ATOM   400 N ND2 . ASN A 1 68  ? -7.175  0.231   8.119   1.00 32.37 ? 1578 ASN A ND2 1 
ATOM   401 N N   . ALA A 1 69  ? -2.693  3.423   7.583   1.00 25.78 ? 1579 ALA A N   1 
ATOM   402 C CA  . ALA A 1 69  ? -1.314  3.778   7.710   1.00 25.16 ? 1579 ALA A CA  1 
ATOM   403 C C   . ALA A 1 69  ? -1.115  4.668   8.931   1.00 26.28 ? 1579 ALA A C   1 
ATOM   404 O O   . ALA A 1 69  ? -2.068  5.354   9.384   1.00 25.05 ? 1579 ALA A O   1 
ATOM   405 C CB  . ALA A 1 69  ? -0.793  4.474   6.479   1.00 24.25 ? 1579 ALA A CB  1 
ATOM   406 N N   . LYS A 1 70  ? 0.114   4.643   9.434   1.00 26.24 ? 1580 LYS A N   1 
ATOM   407 C CA  . LYS A 1 70  ? 0.516   5.508   10.559  1.00 26.90 ? 1580 LYS A CA  1 
ATOM   408 C C   . LYS A 1 70  ? 1.832   6.082   10.131  1.00 26.64 ? 1580 LYS A C   1 
ATOM   409 O O   . LYS A 1 70  ? 2.771   5.327   9.864   1.00 27.99 ? 1580 LYS A O   1 
ATOM   410 C CB  . LYS A 1 70  ? 0.609   4.688   11.858  1.00 26.75 ? 1580 LYS A CB  1 
ATOM   411 C CG  . LYS A 1 70  ? 0.837   5.536   13.121  1.00 31.42 ? 1580 LYS A CG  1 
ATOM   412 N N   . PHE A 1 71  ? 1.888   7.395   9.899   1.00 26.77 ? 1581 PHE A N   1 
ATOM   413 C CA  . PHE A 1 71  ? 3.089   8.042   9.438   1.00 26.85 ? 1581 PHE A CA  1 
ATOM   414 C C   . PHE A 1 71  ? 3.726   8.747   10.668  1.00 29.50 ? 1581 PHE A C   1 
ATOM   415 O O   . PHE A 1 71  ? 3.157   9.690   11.192  1.00 27.01 ? 1581 PHE A O   1 
ATOM   416 C CB  . PHE A 1 71  ? 2.791   9.120   8.392   1.00 27.79 ? 1581 PHE A CB  1 
ATOM   417 C CG  . PHE A 1 71  ? 2.639   8.619   6.985   1.00 26.52 ? 1581 PHE A CG  1 
ATOM   418 C CD1 . PHE A 1 71  ? 3.457   9.095   5.973   1.00 29.95 ? 1581 PHE A CD1 1 
ATOM   419 C CD2 . PHE A 1 71  ? 1.661   7.694   6.660   1.00 28.27 ? 1581 PHE A CD2 1 
ATOM   420 C CE1 . PHE A 1 71  ? 3.325   8.641   4.664   1.00 30.45 ? 1581 PHE A CE1 1 
ATOM   421 C CE2 . PHE A 1 71  ? 1.508   7.232   5.317   1.00 28.48 ? 1581 PHE A CE2 1 
ATOM   422 C CZ  . PHE A 1 71  ? 2.338   7.701   4.328   1.00 28.45 ? 1581 PHE A CZ  1 
ATOM   423 N N   . LEU A 1 72  ? 4.902   8.310   11.093  1.00 30.98 ? 1582 LEU A N   1 
ATOM   424 C CA  . LEU A 1 72  ? 5.572   8.970   12.221  1.00 33.40 ? 1582 LEU A CA  1 
ATOM   425 C C   . LEU A 1 72  ? 4.643   9.131   13.393  1.00 34.45 ? 1582 LEU A C   1 
ATOM   426 O O   . LEU A 1 72  ? 4.569   10.224  13.979  1.00 35.99 ? 1582 LEU A O   1 
ATOM   427 C CB  . LEU A 1 72  ? 6.083   10.349  11.800  1.00 33.45 ? 1582 LEU A CB  1 
ATOM   428 C CG  . LEU A 1 72  ? 6.822   10.462  10.471  1.00 36.13 ? 1582 LEU A CG  1 
ATOM   429 C CD1 . LEU A 1 72  ? 7.460   11.858  10.207  1.00 37.33 ? 1582 LEU A CD1 1 
ATOM   430 C CD2 . LEU A 1 72  ? 7.891   9.373   10.410  1.00 38.11 ? 1582 LEU A CD2 1 
ATOM   431 N N   . GLY A 1 73  ? 3.910   8.069   13.728  1.00 33.66 ? 1583 GLY A N   1 
ATOM   432 C CA  . GLY A 1 73  ? 3.029   8.093   14.870  1.00 34.48 ? 1583 GLY A CA  1 
ATOM   433 C C   . GLY A 1 73  ? 1.618   8.636   14.653  1.00 33.35 ? 1583 GLY A C   1 
ATOM   434 O O   . GLY A 1 73  ? 0.770   8.480   15.532  1.00 35.50 ? 1583 GLY A O   1 
ATOM   435 N N   . VAL A 1 74  ? 1.346   9.203   13.475  1.00 30.61 ? 1584 VAL A N   1 
ATOM   436 C CA  . VAL A 1 74  ? 0.065   9.825   13.197  1.00 29.09 ? 1584 VAL A CA  1 
ATOM   437 C C   . VAL A 1 74  ? -0.833  8.902   12.361  1.00 27.93 ? 1584 VAL A C   1 
ATOM   438 O O   . VAL A 1 74  ? -0.413  8.484   11.277  1.00 25.73 ? 1584 VAL A O   1 
ATOM   439 C CB  . VAL A 1 74  ? 0.279   11.144  12.447  1.00 29.38 ? 1584 VAL A CB  1 
ATOM   440 C CG1 . VAL A 1 74  ? -1.057  11.784  12.101  1.00 29.20 ? 1584 VAL A CG1 1 
ATOM   441 C CG2 . VAL A 1 74  ? 1.185   12.140  13.296  1.00 32.01 ? 1584 VAL A CG2 1 
ATOM   442 N N   . ASP A 1 75  ? -2.008  8.585   12.887  1.00 27.90 ? 1585 ASP A N   1 
ATOM   443 C CA  . ASP A 1 75  ? -3.004  7.750   12.205  1.00 28.25 ? 1585 ASP A CA  1 
ATOM   444 C C   . ASP A 1 75  ? -3.536  8.477   10.952  1.00 27.44 ? 1585 ASP A C   1 
ATOM   445 O O   . ASP A 1 75  ? -3.982  9.625   11.022  1.00 25.26 ? 1585 ASP A O   1 
ATOM   446 C CB  . ASP A 1 75  ? -4.166  7.397   13.140  1.00 30.57 ? 1585 ASP A CB  1 
ATOM   447 C CG  . ASP A 1 75  ? -3.733  6.509   14.375  1.00 36.80 ? 1585 ASP A CG  1 
ATOM   448 O OD1 . ASP A 1 75  ? -2.995  5.516   14.193  1.00 43.26 ? 1585 ASP A OD1 1 
ATOM   449 O OD2 . ASP A 1 75  ? -4.178  6.820   15.520  1.00 46.34 ? 1585 ASP A OD2 1 
ATOM   450 N N   . MET A 1 76  ? -3.492  7.796   9.808   1.00 24.47 ? 1586 MET A N   1 
ATOM   451 C CA  . MET A 1 76  ? -4.016  8.343   8.579   1.00 23.99 ? 1586 MET A CA  1 
ATOM   452 C C   . MET A 1 76  ? -5.435  7.876   8.329   1.00 24.14 ? 1586 MET A C   1 
ATOM   453 O O   . MET A 1 76  ? -5.895  6.873   8.884   1.00 24.34 ? 1586 MET A O   1 
ATOM   454 C CB  . MET A 1 76  ? -3.136  7.965   7.376   1.00 25.10 ? 1586 MET A CB  1 
ATOM   455 C CG  . MET A 1 76  ? -1.684  8.242   7.584   1.00 24.78 ? 1586 MET A CG  1 
ATOM   456 S SD  . MET A 1 76  ? -1.297  10.003  7.872   1.00 26.97 ? 1586 MET A SD  1 
ATOM   457 C CE  . MET A 1 76  ? -1.606  10.704  6.279   1.00 30.35 ? 1586 MET A CE  1 
ATOM   458 N N   . GLU A 1 77  ? -6.127  8.625   7.489   1.00 25.49 ? 1587 GLU A N   1 
ATOM   459 C CA  . GLU A 1 77  ? -7.474  8.303   7.096   1.00 27.88 ? 1587 GLU A CA  1 
ATOM   460 C C   . GLU A 1 77  ? -7.406  7.037   6.229   1.00 28.95 ? 1587 GLU A C   1 
ATOM   461 O O   . GLU A 1 77  ? -6.595  6.967   5.315   1.00 25.69 ? 1587 GLU A O   1 
ATOM   462 C CB  . GLU A 1 77  ? -8.080  9.461   6.302   1.00 29.34 ? 1587 GLU A CB  1 
ATOM   463 C CG  . GLU A 1 77  ? -9.564  9.402   6.045   1.00 36.21 ? 1587 GLU A CG  1 
ATOM   464 C CD  . GLU A 1 77  ? -10.443 9.445   7.306   1.00 41.51 ? 1587 GLU A CD  1 
ATOM   465 O OE1 . GLU A 1 77  ? -10.027 9.957   8.387   1.00 47.10 ? 1587 GLU A OE1 1 
ATOM   466 O OE2 . GLU A 1 77  ? -11.583 8.977   7.196   1.00 44.77 ? 1587 GLU A OE2 1 
ATOM   467 N N   . ARG A 1 78  ? -8.201  6.054   6.605   1.00 30.30 ? 1588 ARG A N   1 
ATOM   468 C CA  . ARG A 1 78  ? -8.402  4.833   5.849   1.00 34.01 ? 1588 ARG A CA  1 
ATOM   469 C C   . ARG A 1 78  ? -8.745  5.207   4.433   1.00 34.59 ? 1588 ARG A C   1 
ATOM   470 O O   . ARG A 1 78  ? -9.499  6.158   4.213   1.00 35.55 ? 1588 ARG A O   1 
ATOM   471 C CB  . ARG A 1 78  ? -9.635  4.118   6.389   1.00 35.29 ? 1588 ARG A CB  1 
ATOM   472 C CG  . ARG A 1 78  ? -9.513  2.678   6.769   1.00 40.32 ? 1588 ARG A CG  1 
ATOM   473 C CD  . ARG A 1 78  ? -10.705 2.350   7.730   1.00 46.40 ? 1588 ARG A CD  1 
ATOM   474 N NE  . ARG A 1 78  ? -11.983 2.623   7.059   1.00 51.78 ? 1588 ARG A NE  1 
ATOM   475 C CZ  . ARG A 1 78  ? -13.146 2.932   7.655   1.00 57.47 ? 1588 ARG A CZ  1 
ATOM   476 N NH1 . ARG A 1 78  ? -13.253 3.010   8.980   1.00 59.41 ? 1588 ARG A NH1 1 
ATOM   477 N NH2 . ARG A 1 78  ? -14.227 3.157   6.903   1.00 58.27 ? 1588 ARG A NH2 1 
ATOM   478 N N   . PHE A 1 79  ? -8.236  4.466   3.475   1.00 35.27 ? 1589 PHE A N   1 
ATOM   479 C CA  . PHE A 1 79  ? -8.851  4.539   2.150   1.00 36.68 ? 1589 PHE A CA  1 
ATOM   480 C C   . PHE A 1 79  ? -8.821  3.157   1.461   1.00 35.96 ? 1589 PHE A C   1 
ATOM   481 O O   . PHE A 1 79  ? -8.248  2.202   1.980   1.00 35.52 ? 1589 PHE A O   1 
ATOM   482 C CB  . PHE A 1 79  ? -8.145  5.558   1.300   1.00 37.36 ? 1589 PHE A CB  1 
ATOM   483 C CG  . PHE A 1 79  ? -6.859  5.081   0.818   1.00 39.97 ? 1589 PHE A CG  1 
ATOM   484 C CD1 . PHE A 1 79  ? -6.755  4.534   -0.453  1.00 42.59 ? 1589 PHE A CD1 1 
ATOM   485 C CD2 . PHE A 1 79  ? -5.762  5.126   1.621   1.00 41.22 ? 1589 PHE A CD2 1 
ATOM   486 C CE1 . PHE A 1 79  ? -5.583  4.058   -0.897  1.00 44.10 ? 1589 PHE A CE1 1 
ATOM   487 C CE2 . PHE A 1 79  ? -4.568  4.658   1.168   1.00 44.95 ? 1589 PHE A CE2 1 
ATOM   488 C CZ  . PHE A 1 79  ? -4.473  4.122   -0.086  1.00 45.24 ? 1589 PHE A CZ  1 
ATOM   489 N N   . GLN A 1 80  ? -9.425  3.118   0.287   1.00 35.04 ? 1590 GLN A N   1 
ATOM   490 C CA  . GLN A 1 80  ? -9.825  1.874   -0.343  1.00 35.16 ? 1590 GLN A CA  1 
ATOM   491 C C   . GLN A 1 80  ? -9.102  1.734   -1.666  1.00 33.53 ? 1590 GLN A C   1 
ATOM   492 O O   . GLN A 1 80  ? -9.102  2.688   -2.471  1.00 34.27 ? 1590 GLN A O   1 
ATOM   493 C CB  . GLN A 1 80  ? -11.330 1.864   -0.531  1.00 36.04 ? 1590 GLN A CB  1 
ATOM   494 C CG  . GLN A 1 80  ? -12.183 2.077   0.733   1.00 39.64 ? 1590 GLN A CG  1 
ATOM   495 C CD  . GLN A 1 80  ? -11.919 1.098   1.877   1.00 45.07 ? 1590 GLN A CD  1 
ATOM   496 O OE1 . GLN A 1 80  ? -11.811 -0.124  1.677   1.00 48.21 ? 1590 GLN A OE1 1 
ATOM   497 N NE2 . GLN A 1 80  ? -11.841 1.636   3.102   1.00 46.25 ? 1590 GLN A NE2 1 
ATOM   498 N N   . LEU A 1 81  ? -8.387  0.610   -1.832  1.00 30.45 ? 1591 LEU A N   1 
ATOM   499 C CA  . LEU A 1 81  ? -7.703  0.264   -3.080  1.00 29.93 ? 1591 LEU A CA  1 
ATOM   500 C C   . LEU A 1 81  ? -8.622  -0.760  -3.765  1.00 28.42 ? 1591 LEU A C   1 
ATOM   501 O O   . LEU A 1 81  ? -9.104  -1.675  -3.113  1.00 27.64 ? 1591 LEU A O   1 
ATOM   502 C CB  . LEU A 1 81  ? -6.348  -0.422  -2.834  1.00 30.26 ? 1591 LEU A CB  1 
ATOM   503 C CG  . LEU A 1 81  ? -4.982  0.242   -2.652  1.00 35.18 ? 1591 LEU A CG  1 
ATOM   504 C CD1 . LEU A 1 81  ? -3.972  -0.850  -2.426  1.00 34.34 ? 1591 LEU A CD1 1 
ATOM   505 C CD2 . LEU A 1 81  ? -4.605  1.033   -3.916  1.00 37.04 ? 1591 LEU A CD2 1 
ATOM   506 N N   . HIS A 1 82  ? -8.845  -0.590  -5.061  1.00 27.09 ? 1592 HIS A N   1 
ATOM   507 C CA  . HIS A 1 82  ? -9.594  -1.547  -5.844  1.00 26.46 ? 1592 HIS A CA  1 
ATOM   508 C C   . HIS A 1 82  ? -8.658  -2.182  -6.863  1.00 24.61 ? 1592 HIS A C   1 
ATOM   509 O O   . HIS A 1 82  ? -7.976  -1.497  -7.636  1.00 23.97 ? 1592 HIS A O   1 
ATOM   510 C CB  . HIS A 1 82  ? -10.766 -0.855  -6.516  1.00 27.43 ? 1592 HIS A CB  1 
ATOM   511 C CG  . HIS A 1 82  ? -11.795 -0.379  -5.548  1.00 30.71 ? 1592 HIS A CG  1 
ATOM   512 N ND1 . HIS A 1 82  ? -12.835 -1.176  -5.125  1.00 32.12 ? 1592 HIS A ND1 1 
ATOM   513 C CD2 . HIS A 1 82  ? -11.935 0.806   -4.899  1.00 32.48 ? 1592 HIS A CD2 1 
ATOM   514 C CE1 . HIS A 1 82  ? -13.596 -0.493  -4.286  1.00 34.30 ? 1592 HIS A CE1 1 
ATOM   515 N NE2 . HIS A 1 82  ? -13.061 0.704   -4.114  1.00 33.28 ? 1592 HIS A NE2 1 
ATOM   516 N N   . TYR A 1 83  ? -8.628  -3.502  -6.850  1.00 22.64 ? 1593 TYR A N   1 
ATOM   517 C CA  . TYR A 1 83  ? -7.747  -4.232  -7.726  1.00 22.09 ? 1593 TYR A CA  1 
ATOM   518 C C   . TYR A 1 83  ? -8.009  -3.835  -9.188  1.00 21.36 ? 1593 TYR A C   1 
ATOM   519 O O   . TYR A 1 83  ? -7.061  -3.653  -9.964  1.00 21.27 ? 1593 TYR A O   1 
ATOM   520 C CB  . TYR A 1 83  ? -7.986  -5.704  -7.511  1.00 22.62 ? 1593 TYR A CB  1 
ATOM   521 C CG  . TYR A 1 83  ? -6.903  -6.573  -8.051  1.00 24.69 ? 1593 TYR A CG  1 
ATOM   522 C CD1 . TYR A 1 83  ? -5.756  -6.858  -7.316  1.00 27.54 ? 1593 TYR A CD1 1 
ATOM   523 C CD2 . TYR A 1 83  ? -6.986  -7.052  -9.352  1.00 26.78 ? 1593 TYR A CD2 1 
ATOM   524 C CE1 . TYR A 1 83  ? -4.772  -7.680  -7.838  1.00 26.83 ? 1593 TYR A CE1 1 
ATOM   525 C CE2 . TYR A 1 83  ? -6.014  -7.821  -9.857  1.00 27.51 ? 1593 TYR A CE2 1 
ATOM   526 C CZ  . TYR A 1 83  ? -4.928  -8.155  -9.113  1.00 28.80 ? 1593 TYR A CZ  1 
ATOM   527 O OH  . TYR A 1 83  ? -4.000  -8.957  -9.716  1.00 33.48 ? 1593 TYR A OH  1 
ATOM   528 N N   . GLN A 1 84  ? -9.278  -3.636  -9.552  1.00 21.75 ? 1594 GLN A N   1 
ATOM   529 C CA  . GLN A 1 84  ? -9.624  -3.307  -10.945 1.00 22.58 ? 1594 GLN A CA  1 
ATOM   530 C C   . GLN A 1 84  ? -9.072  -1.943  -11.372 1.00 22.68 ? 1594 GLN A C   1 
ATOM   531 O O   . GLN A 1 84  ? -8.640  -1.756  -12.522 1.00 22.68 ? 1594 GLN A O   1 
ATOM   532 C CB  . GLN A 1 84  ? -11.120 -3.366  -11.180 1.00 21.61 ? 1594 GLN A CB  1 
ATOM   533 C CG  . GLN A 1 84  ? -11.523 -3.120  -12.667 1.00 25.82 ? 1594 GLN A CG  1 
ATOM   534 C CD  . GLN A 1 84  ? -10.972 -4.137  -13.684 1.00 26.36 ? 1594 GLN A CD  1 
ATOM   535 O OE1 . GLN A 1 84  ? -10.768 -5.340  -13.372 1.00 26.88 ? 1594 GLN A OE1 1 
ATOM   536 N NE2 . GLN A 1 84  ? -10.699 -3.651  -14.921 1.00 26.81 ? 1594 GLN A NE2 1 
ATOM   537 N N   . ASP A 1 85  ? -9.001  -1.007  -10.424 1.00 22.85 ? 1595 ASP A N   1 
ATOM   538 C CA  . ASP A 1 85  ? -8.368  0.298   -10.685 1.00 23.49 ? 1595 ASP A CA  1 
ATOM   539 C C   . ASP A 1 85  ? -6.856  0.142   -10.948 1.00 22.85 ? 1595 ASP A C   1 
ATOM   540 O O   . ASP A 1 85  ? -6.302  0.772   -11.846 1.00 23.09 ? 1595 ASP A O   1 
ATOM   541 C CB  . ASP A 1 85  ? -8.625  1.286   -9.523  1.00 24.93 ? 1595 ASP A CB  1 
ATOM   542 C CG  . ASP A 1 85  ? -10.076 1.702   -9.405  1.00 27.06 ? 1595 ASP A CG  1 
ATOM   543 O OD1 . ASP A 1 85  ? -10.844 1.593   -10.359 1.00 29.45 ? 1595 ASP A OD1 1 
ATOM   544 O OD2 . ASP A 1 85  ? -10.461 2.136   -8.329  1.00 30.38 ? 1595 ASP A OD2 1 
ATOM   545 N N   . LEU A 1 86  ? -6.174  -0.693  -10.166 1.00 21.26 ? 1596 LEU A N   1 
ATOM   546 C CA  . LEU A 1 86  ? -4.783  -0.986  -10.402 1.00 21.52 ? 1596 LEU A CA  1 
ATOM   547 C C   . LEU A 1 86  ? -4.571  -1.663  -11.783 1.00 20.60 ? 1596 LEU A C   1 
ATOM   548 O O   . LEU A 1 86  ? -3.628  -1.343  -12.505 1.00 20.09 ? 1596 LEU A O   1 
ATOM   549 C CB  . LEU A 1 86  ? -4.249  -1.908  -9.309  1.00 20.88 ? 1596 LEU A CB  1 
ATOM   550 C CG  . LEU A 1 86  ? -4.246  -1.325  -7.894  1.00 25.11 ? 1596 LEU A CG  1 
ATOM   551 C CD1 . LEU A 1 86  ? -3.769  -2.411  -6.930  1.00 24.51 ? 1596 LEU A CD1 1 
ATOM   552 C CD2 . LEU A 1 86  ? -3.345  -0.083  -7.845  1.00 29.06 ? 1596 LEU A CD2 1 
ATOM   553 N N   . LEU A 1 87  ? -5.420  -2.613  -12.122 1.00 20.51 ? 1597 LEU A N   1 
ATOM   554 C CA  . LEU A 1 87  ? -5.349  -3.241  -13.469 1.00 20.66 ? 1597 LEU A CA  1 
ATOM   555 C C   . LEU A 1 87  ? -5.555  -2.207  -14.552 1.00 20.47 ? 1597 LEU A C   1 
ATOM   556 O O   . LEU A 1 87  ? -4.902  -2.263  -15.569 1.00 19.82 ? 1597 LEU A O   1 
ATOM   557 C CB  . LEU A 1 87  ? -6.346  -4.379  -13.632 1.00 20.28 ? 1597 LEU A CB  1 
ATOM   558 C CG  . LEU A 1 87  ? -6.156  -5.648  -12.793 1.00 19.28 ? 1597 LEU A CG  1 
ATOM   559 C CD1 . LEU A 1 87  ? -7.166  -6.768  -13.170 1.00 19.29 ? 1597 LEU A CD1 1 
ATOM   560 C CD2 . LEU A 1 87  ? -4.683  -6.181  -12.929 1.00 23.50 ? 1597 LEU A CD2 1 
ATOM   561 N N   . GLN A 1 88  ? -6.447  -1.253  -14.336 1.00 20.97 ? 1598 GLN A N   1 
ATOM   562 C CA  . GLN A 1 88  ? -6.682  -0.209  -15.349 1.00 22.33 ? 1598 GLN A CA  1 
ATOM   563 C C   . GLN A 1 88  ? -5.425  0.688   -15.502 1.00 22.60 ? 1598 GLN A C   1 
ATOM   564 O O   . GLN A 1 88  ? -5.001  1.032   -16.597 1.00 22.17 ? 1598 GLN A O   1 
ATOM   565 C CB  . GLN A 1 88  ? -7.896  0.610   -14.982 1.00 22.05 ? 1598 GLN A CB  1 
ATOM   566 C CG  . GLN A 1 88  ? -8.268  1.773   -15.930 1.00 24.08 ? 1598 GLN A CG  1 
ATOM   567 C CD  . GLN A 1 88  ? -8.653  1.296   -17.287 1.00 28.19 ? 1598 GLN A CD  1 
ATOM   568 O OE1 . GLN A 1 88  ? -9.241  0.213   -17.414 1.00 28.75 ? 1598 GLN A OE1 1 
ATOM   569 N NE2 . GLN A 1 88  ? -8.339  2.100   -18.328 1.00 30.04 ? 1598 GLN A NE2 1 
ATOM   570 N N   . LEU A 1 89  ? -4.802  1.042   -14.380 1.00 23.21 ? 1599 LEU A N   1 
ATOM   571 C CA  . LEU A 1 89  ? -3.549  1.780   -14.436 1.00 22.07 ? 1599 LEU A CA  1 
ATOM   572 C C   . LEU A 1 89  ? -2.506  1.035   -15.217 1.00 23.16 ? 1599 LEU A C   1 
ATOM   573 O O   . LEU A 1 89  ? -1.873  1.608   -16.118 1.00 22.96 ? 1599 LEU A O   1 
ATOM   574 C CB  . LEU A 1 89  ? -3.047  2.094   -13.028 1.00 23.81 ? 1599 LEU A CB  1 
ATOM   575 C CG  . LEU A 1 89  ? -3.858  3.174   -12.331 1.00 21.92 ? 1599 LEU A CG  1 
ATOM   576 C CD1 . LEU A 1 89  ? -3.257  3.403   -10.886 1.00 21.97 ? 1599 LEU A CD1 1 
ATOM   577 C CD2 . LEU A 1 89  ? -3.892  4.536   -13.070 1.00 24.37 ? 1599 LEU A CD2 1 
ATOM   578 N N   . GLN A 1 90  ? -2.356  -0.245  -14.897 1.00 22.41 ? 1600 GLN A N   1 
ATOM   579 C CA  . GLN A 1 90  ? -1.371  -1.075  -15.520 1.00 24.71 ? 1600 GLN A CA  1 
ATOM   580 C C   . GLN A 1 90  ? -1.634  -1.185  -17.046 1.00 25.69 ? 1600 GLN A C   1 
ATOM   581 O O   . GLN A 1 90  ? -0.699  -1.073  -17.864 1.00 26.12 ? 1600 GLN A O   1 
ATOM   582 C CB  . GLN A 1 90  ? -1.357  -2.439  -14.852 1.00 24.75 ? 1600 GLN A CB  1 
ATOM   583 C CG  . GLN A 1 90  ? -0.331  -3.400  -15.398 1.00 28.00 ? 1600 GLN A CG  1 
ATOM   584 C CD  . GLN A 1 90  ? -0.472  -4.776  -14.811 1.00 30.67 ? 1600 GLN A CD  1 
ATOM   585 O OE1 . GLN A 1 90  ? -1.487  -5.434  -14.990 1.00 30.21 ? 1600 GLN A OE1 1 
ATOM   586 N NE2 . GLN A 1 90  ? 0.572   -5.235  -14.127 1.00 28.58 ? 1600 GLN A NE2 1 
ATOM   587 N N   . TYR A 1 91  ? -2.899  -1.277  -17.389 1.00 26.14 ? 1601 TYR A N   1 
ATOM   588 C CA  . TYR A 1 91  ? -3.328  -1.421  -18.807 1.00 27.50 ? 1601 TYR A CA  1 
ATOM   589 C C   . TYR A 1 91  ? -2.983  -0.129  -19.592 1.00 28.90 ? 1601 TYR A C   1 
ATOM   590 O O   . TYR A 1 91  ? -2.569  -0.168  -20.777 1.00 29.10 ? 1601 TYR A O   1 
ATOM   591 C CB  . TYR A 1 91  ? -4.813  -1.749  -18.841 1.00 27.53 ? 1601 TYR A CB  1 
ATOM   592 C CG  . TYR A 1 91  ? -5.349  -1.950  -20.254 1.00 29.74 ? 1601 TYR A CG  1 
ATOM   593 C CD1 . TYR A 1 91  ? -5.202  -3.186  -20.886 1.00 34.47 ? 1601 TYR A CD1 1 
ATOM   594 C CD2 . TYR A 1 91  ? -5.952  -0.900  -20.962 1.00 34.67 ? 1601 TYR A CD2 1 
ATOM   595 C CE1 . TYR A 1 91  ? -5.669  -3.390  -22.202 1.00 35.35 ? 1601 TYR A CE1 1 
ATOM   596 C CE2 . TYR A 1 91  ? -6.407  -1.084  -22.296 1.00 36.34 ? 1601 TYR A CE2 1 
ATOM   597 C CZ  . TYR A 1 91  ? -6.261  -2.332  -22.889 1.00 37.21 ? 1601 TYR A CZ  1 
ATOM   598 O OH  . TYR A 1 91  ? -6.696  -2.549  -24.186 1.00 39.45 ? 1601 TYR A OH  1 
ATOM   599 N N   . GLU A 1 92  ? -3.160  1.005   -18.916 1.00 28.36 ? 1602 GLU A N   1 
ATOM   600 C CA  . GLU A 1 92  ? -2.881  2.348   -19.439 1.00 30.39 ? 1602 GLU A CA  1 
ATOM   601 C C   . GLU A 1 92  ? -1.385  2.694   -19.483 1.00 30.44 ? 1602 GLU A C   1 
ATOM   602 O O   . GLU A 1 92  ? -1.020  3.760   -19.970 1.00 32.02 ? 1602 GLU A O   1 
ATOM   603 C CB  . GLU A 1 92  ? -3.631  3.417   -18.612 1.00 30.35 ? 1602 GLU A CB  1 
ATOM   604 C CG  . GLU A 1 92  ? -5.165  3.438   -18.760 1.00 33.45 ? 1602 GLU A CG  1 
ATOM   605 C CD  . GLU A 1 92  ? -5.899  4.260   -17.692 1.00 35.77 ? 1602 GLU A CD  1 
ATOM   606 O OE1 . GLU A 1 92  ? -5.274  4.680   -16.669 1.00 43.33 ? 1602 GLU A OE1 1 
ATOM   607 O OE2 . GLU A 1 92  ? -7.119  4.487   -17.826 1.00 37.30 ? 1602 GLU A OE2 1 
ATOM   608 N N   . GLY A 1 93  ? -0.553  1.822   -18.937 1.00 29.48 ? 1603 GLY A N   1 
ATOM   609 C CA  . GLY A 1 93  ? 0.888   2.021   -18.909 1.00 29.25 ? 1603 GLY A CA  1 
ATOM   610 C C   . GLY A 1 93  ? 1.341   2.971   -17.827 1.00 27.32 ? 1603 GLY A C   1 
ATOM   611 O O   . GLY A 1 93  ? 2.414   3.542   -17.936 1.00 27.78 ? 1603 GLY A O   1 
ATOM   612 N N   . VAL A 1 94  ? 0.539   3.141   -16.779 1.00 26.34 ? 1604 VAL A N   1 
ATOM   613 C CA  . VAL A 1 94  ? 0.871   4.052   -15.675 1.00 25.03 ? 1604 VAL A CA  1 
ATOM   614 C C   . VAL A 1 94  ? 1.783   3.284   -14.677 1.00 24.59 ? 1604 VAL A C   1 
ATOM   615 O O   . VAL A 1 94  ? 1.462   2.170   -14.264 1.00 25.89 ? 1604 VAL A O   1 
ATOM   616 C CB  . VAL A 1 94  ? -0.395  4.606   -15.001 1.00 24.96 ? 1604 VAL A CB  1 
ATOM   617 C CG1 . VAL A 1 94  ? -0.012  5.392   -13.702 1.00 24.66 ? 1604 VAL A CG1 1 
ATOM   618 C CG2 . VAL A 1 94  ? -1.210  5.510   -16.013 1.00 26.95 ? 1604 VAL A CG2 1 
ATOM   619 N N   . ALA A 1 95  ? 2.925   3.863   -14.328 1.00 23.85 ? 1605 ALA A N   1 
ATOM   620 C CA  . ALA A 1 95  ? 3.905   3.177   -13.530 1.00 23.84 ? 1605 ALA A CA  1 
ATOM   621 C C   . ALA A 1 95  ? 3.579   3.241   -12.064 1.00 24.14 ? 1605 ALA A C   1 
ATOM   622 O O   . ALA A 1 95  ? 3.880   2.312   -11.364 1.00 22.73 ? 1605 ALA A O   1 
ATOM   623 C CB  . ALA A 1 95  ? 5.321   3.731   -13.711 1.00 25.31 ? 1605 ALA A CB  1 
ATOM   624 N N   . VAL A 1 96  ? 3.030   4.361   -11.631 1.00 26.38 ? 1606 VAL A N   1 
ATOM   625 C CA  . VAL A 1 96  ? 2.878   4.646   -10.214 1.00 28.20 ? 1606 VAL A CA  1 
ATOM   626 C C   . VAL A 1 96  ? 1.499   5.197   -9.856  1.00 28.85 ? 1606 VAL A C   1 
ATOM   627 O O   . VAL A 1 96  ? 0.755   5.746   -10.695 1.00 28.21 ? 1606 VAL A O   1 
ATOM   628 C CB  . VAL A 1 96  ? 3.974   5.637   -9.715  1.00 29.40 ? 1606 VAL A CB  1 
ATOM   629 C CG1 . VAL A 1 96  ? 5.379   5.160   -10.117 1.00 28.50 ? 1606 VAL A CG1 1 
ATOM   630 C CG2 . VAL A 1 96  ? 3.713   7.065   -10.197 1.00 33.37 ? 1606 VAL A CG2 1 
ATOM   631 N N   . MET A 1 97  ? 1.149   5.019   -8.596  1.00 28.75 ? 1607 MET A N   1 
ATOM   632 C CA  . MET A 1 97  ? -0.035  5.622   -8.050  1.00 29.81 ? 1607 MET A CA  1 
ATOM   633 C C   . MET A 1 97  ? 0.366   6.260   -6.720  1.00 29.74 ? 1607 MET A C   1 
ATOM   634 O O   . MET A 1 97  ? 1.363   5.860   -6.151  1.00 27.88 ? 1607 MET A O   1 
ATOM   635 C CB  . MET A 1 97  ? -1.174  4.623   -7.973  1.00 31.21 ? 1607 MET A CB  1 
ATOM   636 C CG  . MET A 1 97  ? -1.343  3.687   -6.790  1.00 34.90 ? 1607 MET A CG  1 
ATOM   637 S SD  . MET A 1 97  ? -3.109  3.164   -6.526  1.00 41.54 ? 1607 MET A SD  1 
ATOM   638 C CE  . MET A 1 97  ? -3.857  4.648   -5.841  1.00 46.47 ? 1607 MET A CE  1 
ATOM   639 N N   . LYS A 1 98  ? -0.357  7.287   -6.312  1.00 30.03 ? 1608 LYS A N   1 
ATOM   640 C CA  . LYS A 1 98  ? -0.014  8.029   -5.102  1.00 32.33 ? 1608 LYS A CA  1 
ATOM   641 C C   . LYS A 1 98  ? -0.970  7.577   -4.020  1.00 32.25 ? 1608 LYS A C   1 
ATOM   642 O O   . LYS A 1 98  ? -2.185  7.415   -4.262  1.00 31.58 ? 1608 LYS A O   1 
ATOM   643 C CB  . LYS A 1 98  ? -0.107  9.545   -5.303  1.00 33.19 ? 1608 LYS A CB  1 
ATOM   644 C CG  . LYS A 1 98  ? 1.097   10.172  -5.963  1.00 36.90 ? 1608 LYS A CG  1 
ATOM   645 C CD  . LYS A 1 98  ? 1.100   11.712  -5.807  1.00 40.98 ? 1608 LYS A CD  1 
ATOM   646 N N   . LEU A 1 99  ? -0.417  7.276   -2.854  1.00 32.90 ? 1609 LEU A N   1 
ATOM   647 C CA  . LEU A 1 99  ? -1.231  6.951   -1.675  1.00 34.10 ? 1609 LEU A CA  1 
ATOM   648 C C   . LEU A 1 99  ? -0.984  8.045   -0.649  1.00 34.58 ? 1609 LEU A C   1 
ATOM   649 O O   . LEU A 1 99  ? 0.135   8.577   -0.547  1.00 35.34 ? 1609 LEU A O   1 
ATOM   650 C CB  . LEU A 1 99  ? -0.847  5.608   -1.073  1.00 34.18 ? 1609 LEU A CB  1 
ATOM   651 C CG  . LEU A 1 99  ? -0.799  4.339   -1.916  1.00 36.72 ? 1609 LEU A CG  1 
ATOM   652 C CD1 . LEU A 1 99  ? -0.469  3.161   -1.012  1.00 38.53 ? 1609 LEU A CD1 1 
ATOM   653 C CD2 . LEU A 1 99  ? -2.102  4.095   -2.631  1.00 38.06 ? 1609 LEU A CD2 1 
ATOM   654 N N   . PHE A 1 100 ? -2.024  8.415   0.088   1.00 35.56 ? 1610 PHE A N   1 
ATOM   655 C CA  . PHE A 1 100 ? -1.911  9.460   1.100   1.00 36.40 ? 1610 PHE A CA  1 
ATOM   656 C C   . PHE A 1 100 ? -1.206  10.704  0.561   1.00 37.24 ? 1610 PHE A C   1 
ATOM   657 O O   . PHE A 1 100 ? -0.352  11.254  1.237   1.00 38.77 ? 1610 PHE A O   1 
ATOM   658 C CB  . PHE A 1 100 ? -1.163  8.886   2.325   1.00 35.91 ? 1610 PHE A CB  1 
ATOM   659 C CG  . PHE A 1 100 ? -1.779  7.632   2.875   1.00 36.99 ? 1610 PHE A CG  1 
ATOM   660 C CD1 . PHE A 1 100 ? -2.987  7.696   3.580   1.00 37.59 ? 1610 PHE A CD1 1 
ATOM   661 C CD2 . PHE A 1 100 ? -1.210  6.384   2.635   1.00 38.45 ? 1610 PHE A CD2 1 
ATOM   662 C CE1 . PHE A 1 100 ? -3.570  6.548   4.077   1.00 36.91 ? 1610 PHE A CE1 1 
ATOM   663 C CE2 . PHE A 1 100 ? -1.807  5.201   3.115   1.00 40.41 ? 1610 PHE A CE2 1 
ATOM   664 C CZ  . PHE A 1 100 ? -2.987  5.289   3.849   1.00 41.30 ? 1610 PHE A CZ  1 
ATOM   665 N N   . ASN A 1 101 ? -1.513  11.107  -0.680  1.00 37.87 ? 1611 ASN A N   1 
ATOM   666 C CA  . ASN A 1 101 ? -0.944  12.320  -1.324  1.00 37.73 ? 1611 ASN A CA  1 
ATOM   667 C C   . ASN A 1 101 ? 0.565   12.338  -1.698  1.00 37.72 ? 1611 ASN A C   1 
ATOM   668 O O   . ASN A 1 101 ? 0.939   12.779  -2.781  1.00 39.88 ? 1611 ASN A O   1 
ATOM   669 C CB  . ASN A 1 101 ? -1.273  13.569  -0.503  1.00 39.04 ? 1611 ASN A CB  1 
ATOM   670 N N   . LYS A 1 102 ? 1.432   11.847  -0.833  1.00 36.27 ? 1612 LYS A N   1 
ATOM   671 C CA  . LYS A 1 102 ? 2.866   11.940  -1.082  1.00 34.92 ? 1612 LYS A CA  1 
ATOM   672 C C   . LYS A 1 102 ? 3.603   10.610  -1.201  1.00 31.93 ? 1612 LYS A C   1 
ATOM   673 O O   . LYS A 1 102 ? 4.799   10.616  -1.493  1.00 31.71 ? 1612 LYS A O   1 
ATOM   674 C CB  . LYS A 1 102 ? 3.506   12.808  0.000   1.00 35.67 ? 1612 LYS A CB  1 
ATOM   675 C CG  . LYS A 1 102 ? 3.177   14.311  -0.131  1.00 39.70 ? 1612 LYS A CG  1 
ATOM   676 C CD  . LYS A 1 102 ? 3.954   15.158  0.870   1.00 43.58 ? 1612 LYS A CD  1 
ATOM   677 C CE  . LYS A 1 102 ? 3.750   16.652  0.620   1.00 44.99 ? 1612 LYS A CE  1 
ATOM   678 N NZ  . LYS A 1 102 ? 4.340   17.453  1.738   1.00 46.98 ? 1612 LYS A NZ  1 
ATOM   679 N N   . ALA A 1 103 ? 2.935   9.478   -1.001  1.00 29.74 ? 1613 ALA A N   1 
ATOM   680 C CA  . ALA A 1 103 ? 3.601   8.177   -1.134  1.00 28.63 ? 1613 ALA A CA  1 
ATOM   681 C C   . ALA A 1 103 ? 3.368   7.606   -2.515  1.00 28.13 ? 1613 ALA A C   1 
ATOM   682 O O   . ALA A 1 103 ? 2.235   7.352   -2.875  1.00 31.56 ? 1613 ALA A O   1 
ATOM   683 C CB  . ALA A 1 103 ? 3.114   7.185   -0.081  1.00 28.61 ? 1613 ALA A CB  1 
ATOM   684 N N   . LYS A 1 104 ? 4.406   7.353   -3.268  1.00 26.90 ? 1614 LYS A N   1 
ATOM   685 C CA  . LYS A 1 104 ? 4.232   6.844   -4.625  1.00 27.05 ? 1614 LYS A CA  1 
ATOM   686 C C   . LYS A 1 104 ? 4.562   5.378   -4.594  1.00 24.41 ? 1614 LYS A C   1 
ATOM   687 O O   . LYS A 1 104 ? 5.590   4.986   -4.024  1.00 24.27 ? 1614 LYS A O   1 
ATOM   688 C CB  . LYS A 1 104 ? 5.138   7.560   -5.610  1.00 28.36 ? 1614 LYS A CB  1 
ATOM   689 C CG  . LYS A 1 104 ? 4.725   8.972   -5.996  1.00 34.57 ? 1614 LYS A CG  1 
ATOM   690 C CD  . LYS A 1 104 ? 5.697   9.432   -7.123  1.00 38.75 ? 1614 LYS A CD  1 
ATOM   691 C CE  . LYS A 1 104 ? 5.224   10.648  -7.921  1.00 42.95 ? 1614 LYS A CE  1 
ATOM   692 N NZ  . LYS A 1 104 ? 6.089   10.790  -9.167  1.00 44.81 ? 1614 LYS A NZ  1 
ATOM   693 N N   . VAL A 1 105 ? 3.688   4.547   -5.151  1.00 22.25 ? 1615 VAL A N   1 
ATOM   694 C CA  . VAL A 1 105 ? 3.864   3.106   -5.140  1.00 21.17 ? 1615 VAL A CA  1 
ATOM   695 C C   . VAL A 1 105 ? 3.869   2.613   -6.576  1.00 21.51 ? 1615 VAL A C   1 
ATOM   696 O O   . VAL A 1 105 ? 3.174   3.213   -7.436  1.00 21.07 ? 1615 VAL A O   1 
ATOM   697 C CB  . VAL A 1 105 ? 2.819   2.329   -4.307  1.00 22.01 ? 1615 VAL A CB  1 
ATOM   698 C CG1 . VAL A 1 105 ? 2.982   2.652   -2.818  1.00 23.57 ? 1615 VAL A CG1 1 
ATOM   699 C CG2 . VAL A 1 105 ? 1.414   2.633   -4.752  1.00 23.92 ? 1615 VAL A CG2 1 
ATOM   700 N N   . ASN A 1 106 ? 4.676   1.597   -6.835  1.00 19.54 ? 1616 ASN A N   1 
ATOM   701 C CA  . ASN A 1 106 ? 4.780   1.024   -8.166  1.00 20.13 ? 1616 ASN A CA  1 
ATOM   702 C C   . ASN A 1 106 ? 3.569   0.121   -8.400  1.00 19.48 ? 1616 ASN A C   1 
ATOM   703 O O   . ASN A 1 106 ? 3.331   -0.795  -7.651  1.00 18.79 ? 1616 ASN A O   1 
ATOM   704 C CB  . ASN A 1 106 ? 6.038   0.198   -8.251  1.00 20.91 ? 1616 ASN A CB  1 
ATOM   705 C CG  . ASN A 1 106 ? 6.213   -0.431  -9.617  1.00 22.74 ? 1616 ASN A CG  1 
ATOM   706 O OD1 . ASN A 1 106 ? 5.848   -1.570  -9.809  1.00 21.79 ? 1616 ASN A OD1 1 
ATOM   707 N ND2 . ASN A 1 106 ? 6.706   0.352   -10.581 1.00 26.44 ? 1616 ASN A ND2 1 
ATOM   708 N N   . VAL A 1 107 ? 2.799   0.401   -9.449  1.00 19.21 ? 1617 VAL A N   1 
ATOM   709 C CA  . VAL A 1 107 ? 1.563   -0.305  -9.716  1.00 18.96 ? 1617 VAL A CA  1 
ATOM   710 C C   . VAL A 1 107 ? 1.833   -1.800  -9.944  1.00 19.52 ? 1617 VAL A C   1 
ATOM   711 O O   . VAL A 1 107 ? 1.155   -2.650  -9.363  1.00 19.43 ? 1617 VAL A O   1 
ATOM   712 C CB  . VAL A 1 107 ? 0.816   0.344   -10.928 1.00 19.14 ? 1617 VAL A CB  1 
ATOM   713 C CG1 . VAL A 1 107 ? -0.356  -0.540  -11.376 1.00 20.54 ? 1617 VAL A CG1 1 
ATOM   714 C CG2 . VAL A 1 107 ? 0.294   1.739   -10.578 1.00 17.73 ? 1617 VAL A CG2 1 
ATOM   715 N N   . ASN A 1 108 ? 2.817   -2.169  -10.786 1.00 20.51 ? 1618 ASN A N   1 
ATOM   716 C CA  . ASN A 1 108 ? 3.056   -3.573  -11.052 1.00 20.68 ? 1618 ASN A CA  1 
ATOM   717 C C   . ASN A 1 108 ? 3.393   -4.355  -9.790  1.00 20.44 ? 1618 ASN A C   1 
ATOM   718 O O   . ASN A 1 108 ? 2.891   -5.463  -9.587  1.00 19.42 ? 1618 ASN A O   1 
ATOM   719 C CB  . ASN A 1 108 ? 4.200   -3.747  -12.062 1.00 21.83 ? 1618 ASN A CB  1 
ATOM   720 C CG  . ASN A 1 108 ? 3.792   -3.360  -13.480 1.00 26.97 ? 1618 ASN A CG  1 
ATOM   721 O OD1 . ASN A 1 108 ? 2.611   -3.294  -13.765 1.00 28.60 ? 1618 ASN A OD1 1 
ATOM   722 N ND2 . ASN A 1 108 ? 4.770   -3.120  -14.365 1.00 28.73 ? 1618 ASN A ND2 1 
ATOM   723 N N   . LEU A 1 109 ? 4.257   -3.784  -8.950  1.00 20.28 ? 1619 LEU A N   1 
ATOM   724 C CA  . LEU A 1 109 ? 4.700   -4.512  -7.784  1.00 20.37 ? 1619 LEU A CA  1 
ATOM   725 C C   . LEU A 1 109 ? 3.657   -4.524  -6.651  1.00 19.55 ? 1619 LEU A C   1 
ATOM   726 O O   . LEU A 1 109 ? 3.595   -5.511  -5.868  1.00 19.71 ? 1619 LEU A O   1 
ATOM   727 C CB  . LEU A 1 109 ? 6.097   -4.072  -7.348  1.00 21.48 ? 1619 LEU A CB  1 
ATOM   728 C CG  . LEU A 1 109 ? 7.196   -4.588  -8.298  1.00 24.15 ? 1619 LEU A CG  1 
ATOM   729 C CD1 . LEU A 1 109 ? 8.503   -3.870  -7.984  1.00 28.98 ? 1619 LEU A CD1 1 
ATOM   730 C CD2 . LEU A 1 109 ? 7.350   -6.089  -8.230  1.00 30.56 ? 1619 LEU A CD2 1 
ATOM   731 N N   . LEU A 1 110 ? 2.801   -3.512  -6.617  1.00 19.62 ? 1620 LEU A N   1 
ATOM   732 C CA  . LEU A 1 110 ? 1.629   -3.541  -5.722  1.00 20.16 ? 1620 LEU A CA  1 
ATOM   733 C C   . LEU A 1 110 ? 0.680   -4.627  -6.128  1.00 21.43 ? 1620 LEU A C   1 
ATOM   734 O O   . LEU A 1 110 ? 0.244   -5.407  -5.291  1.00 20.98 ? 1620 LEU A O   1 
ATOM   735 C CB  . LEU A 1 110 ? 0.942   -2.196  -5.636  1.00 20.07 ? 1620 LEU A CB  1 
ATOM   736 C CG  . LEU A 1 110 ? -0.285  -2.047  -4.719  1.00 21.35 ? 1620 LEU A CG  1 
ATOM   737 C CD1 . LEU A 1 110 ? 0.081   -2.488  -3.254  1.00 21.39 ? 1620 LEU A CD1 1 
ATOM   738 C CD2 . LEU A 1 110 ? -0.790  -0.592  -4.832  1.00 22.12 ? 1620 LEU A CD2 1 
ATOM   739 N N   . ILE A 1 111 ? 0.374   -4.719  -7.425  1.00 20.64 ? 1621 ILE A N   1 
ATOM   740 C CA  . ILE A 1 111 ? -0.471  -5.814  -7.913  1.00 20.75 ? 1621 ILE A CA  1 
ATOM   741 C C   . ILE A 1 111 ? 0.108   -7.176  -7.505  1.00 22.04 ? 1621 ILE A C   1 
ATOM   742 O O   . ILE A 1 111 ? -0.630  -8.080  -7.025  1.00 22.79 ? 1621 ILE A O   1 
ATOM   743 C CB  . ILE A 1 111 ? -0.680  -5.731  -9.445  1.00 20.62 ? 1621 ILE A CB  1 
ATOM   744 C CG1 . ILE A 1 111 ? -1.574  -4.550  -9.761  1.00 20.17 ? 1621 ILE A CG1 1 
ATOM   745 C CG2 . ILE A 1 111 ? -1.252  -7.053  -9.983  1.00 23.74 ? 1621 ILE A CG2 1 
ATOM   746 C CD1 . ILE A 1 111 ? -1.627  -4.178  -11.287 1.00 21.76 ? 1621 ILE A CD1 1 
ATOM   747 N N   . PHE A 1 112 ? 1.412   -7.352  -7.711  1.00 22.12 ? 1622 PHE A N   1 
ATOM   748 C CA  . PHE A 1 112 ? 2.093   -8.585  -7.349  1.00 23.57 ? 1622 PHE A CA  1 
ATOM   749 C C   . PHE A 1 112 ? 2.001   -8.877  -5.854  1.00 23.62 ? 1622 PHE A C   1 
ATOM   750 O O   . PHE A 1 112 ? 1.627   -9.967  -5.468  1.00 22.55 ? 1622 PHE A O   1 
ATOM   751 C CB  . PHE A 1 112 ? 3.527   -8.510  -7.792  1.00 25.42 ? 1622 PHE A CB  1 
ATOM   752 C CG  . PHE A 1 112 ? 4.335   -9.743  -7.458  1.00 30.53 ? 1622 PHE A CG  1 
ATOM   753 C CD1 . PHE A 1 112 ? 4.006   -10.961 -8.002  1.00 36.46 ? 1622 PHE A CD1 1 
ATOM   754 C CD2 . PHE A 1 112 ? 5.439   -9.651  -6.633  1.00 38.96 ? 1622 PHE A CD2 1 
ATOM   755 C CE1 . PHE A 1 112 ? 4.781   -12.103 -7.717  1.00 40.07 ? 1622 PHE A CE1 1 
ATOM   756 C CE2 . PHE A 1 112 ? 6.212   -10.777 -6.340  1.00 41.19 ? 1622 PHE A CE2 1 
ATOM   757 C CZ  . PHE A 1 112 ? 5.872   -11.993 -6.883  1.00 41.51 ? 1622 PHE A CZ  1 
ATOM   758 N N   . LEU A 1 113 ? 2.239   -7.883  -5.015  1.00 24.90 ? 1623 LEU A N   1 
ATOM   759 C CA  . LEU A 1 113 ? 2.089   -8.081  -3.566  1.00 26.05 ? 1623 LEU A CA  1 
ATOM   760 C C   . LEU A 1 113 ? 0.663   -8.459  -3.121  1.00 25.94 ? 1623 LEU A C   1 
ATOM   761 O O   . LEU A 1 113 ? 0.487   -9.426  -2.358  1.00 26.51 ? 1623 LEU A O   1 
ATOM   762 C CB  . LEU A 1 113 ? 2.523   -6.833  -2.818  1.00 26.12 ? 1623 LEU A CB  1 
ATOM   763 C CG  . LEU A 1 113 ? 2.654   -6.926  -1.287  1.00 28.74 ? 1623 LEU A CG  1 
ATOM   764 C CD1 . LEU A 1 113 ? 3.816   -7.822  -0.853  1.00 32.05 ? 1623 LEU A CD1 1 
ATOM   765 C CD2 . LEU A 1 113 ? 2.850   -5.478  -0.733  1.00 29.73 ? 1623 LEU A CD2 1 
ATOM   766 N N   . LEU A 1 114 ? -0.339  -7.727  -3.602  1.00 25.68 ? 1624 LEU A N   1 
ATOM   767 C CA  . LEU A 1 114 ? -1.728  -8.079  -3.364  1.00 27.30 ? 1624 LEU A CA  1 
ATOM   768 C C   . LEU A 1 114 ? -2.072  -9.515  -3.838  1.00 29.26 ? 1624 LEU A C   1 
ATOM   769 O O   . LEU A 1 114 ? -2.681  -10.283 -3.079  1.00 31.55 ? 1624 LEU A O   1 
ATOM   770 C CB  . LEU A 1 114 ? -2.679  -7.061  -3.981  1.00 26.39 ? 1624 LEU A CB  1 
ATOM   771 C CG  . LEU A 1 114 ? -2.613  -5.637  -3.430  1.00 26.15 ? 1624 LEU A CG  1 
ATOM   772 C CD1 . LEU A 1 114 ? -3.578  -4.765  -4.252  1.00 29.95 ? 1624 LEU A CD1 1 
ATOM   773 C CD2 . LEU A 1 114 ? -2.948  -5.549  -1.968  1.00 28.37 ? 1624 LEU A CD2 1 
ATOM   774 N N   . ASN A 1 115 ? -1.633  -9.885  -5.026  1.00 30.32 ? 1625 ASN A N   1 
ATOM   775 C CA  . ASN A 1 115 ? -1.803  -11.261 -5.545  1.00 32.71 ? 1625 ASN A CA  1 
ATOM   776 C C   . ASN A 1 115 ? -1.206  -12.343 -4.636  1.00 33.55 ? 1625 ASN A C   1 
ATOM   777 O O   . ASN A 1 115 ? -1.853  -13.356 -4.354  1.00 34.69 ? 1625 ASN A O   1 
ATOM   778 C CB  . ASN A 1 115 ? -1.095  -11.459 -6.896  1.00 33.13 ? 1625 ASN A CB  1 
ATOM   779 C CG  . ASN A 1 115 ? -1.808  -10.785 -8.064  1.00 34.50 ? 1625 ASN A CG  1 
ATOM   780 O OD1 . ASN A 1 115 ? -2.940  -10.321 -7.928  1.00 39.38 ? 1625 ASN A OD1 1 
ATOM   781 N ND2 . ASN A 1 115 ? -1.146  -10.757 -9.235  1.00 38.01 ? 1625 ASN A ND2 1 
ATOM   782 N N   . LYS A 1 116 ? 0.058   -12.147 -4.279  1.00 35.15 ? 1626 LYS A N   1 
ATOM   783 C CA  . LYS A 1 116 ? 0.834   -13.102 -3.516  1.00 37.16 ? 1626 LYS A CA  1 
ATOM   784 C C   . LYS A 1 116 ? 0.248   -13.274 -2.129  1.00 38.75 ? 1626 LYS A C   1 
ATOM   785 O O   . LYS A 1 116 ? 0.093   -14.410 -1.631  1.00 37.54 ? 1626 LYS A O   1 
ATOM   786 C CB  . LYS A 1 116 ? 2.270   -12.613 -3.410  1.00 37.86 ? 1626 LYS A CB  1 
ATOM   787 C CG  . LYS A 1 116 ? 3.282   -13.555 -2.790  1.00 40.36 ? 1626 LYS A CG  1 
ATOM   788 C CD  . LYS A 1 116 ? 4.723   -13.006 -2.988  1.00 41.50 ? 1626 LYS A CD  1 
ATOM   789 N N   . LYS A 1 117 ? -0.093  -12.157 -1.503  1.00 39.45 ? 1627 LYS A N   1 
ATOM   790 C CA  . LYS A 1 117 ? -0.535  -12.182 -0.119  1.00 41.23 ? 1627 LYS A CA  1 
ATOM   791 C C   . LYS A 1 117 ? -2.046  -12.478 0.051   1.00 40.98 ? 1627 LYS A C   1 
ATOM   792 O O   . LYS A 1 117 ? -2.447  -13.038 1.068   1.00 42.18 ? 1627 LYS A O   1 
ATOM   793 C CB  . LYS A 1 117 ? -0.098  -10.884 0.589   1.00 42.13 ? 1627 LYS A CB  1 
ATOM   794 C CG  . LYS A 1 117 ? 1.425   -10.595 0.480   1.00 45.29 ? 1627 LYS A CG  1 
ATOM   795 C CD  . LYS A 1 117 ? 2.280   -11.403 1.477   1.00 50.22 ? 1627 LYS A CD  1 
ATOM   796 C CE  . LYS A 1 117 ? 3.608   -11.884 0.857   1.00 51.97 ? 1627 LYS A CE  1 
ATOM   797 N NZ  . LYS A 1 117 ? 4.673   -12.168 1.887   1.00 53.88 ? 1627 LYS A NZ  1 
ATOM   798 N N   . PHE A 1 118 ? -2.875  -12.146 -0.934  1.00 40.96 ? 1628 PHE A N   1 
ATOM   799 C CA  . PHE A 1 118 ? -4.327  -12.232 -0.772  1.00 41.38 ? 1628 PHE A CA  1 
ATOM   800 C C   . PHE A 1 118 ? -5.084  -13.082 -1.801  1.00 43.28 ? 1628 PHE A C   1 
ATOM   801 O O   . PHE A 1 118 ? -5.925  -13.894 -1.424  1.00 44.12 ? 1628 PHE A O   1 
ATOM   802 C CB  . PHE A 1 118 ? -4.957  -10.855 -0.820  1.00 41.20 ? 1628 PHE A CB  1 
ATOM   803 C CG  . PHE A 1 118 ? -4.615  -9.986  0.341   1.00 39.38 ? 1628 PHE A CG  1 
ATOM   804 C CD1 . PHE A 1 118 ? -3.909  -8.815  0.151   1.00 37.53 ? 1628 PHE A CD1 1 
ATOM   805 C CD2 . PHE A 1 118 ? -5.041  -10.321 1.630   1.00 39.39 ? 1628 PHE A CD2 1 
ATOM   806 C CE1 . PHE A 1 118 ? -3.608  -7.986  1.216   1.00 35.35 ? 1628 PHE A CE1 1 
ATOM   807 C CE2 . PHE A 1 118 ? -4.735  -9.503  2.693   1.00 37.44 ? 1628 PHE A CE2 1 
ATOM   808 C CZ  . PHE A 1 118 ? -4.018  -8.333  2.477   1.00 36.88 ? 1628 PHE A CZ  1 
ATOM   809 N N   . LEU A 1 119 ? -4.854  -12.828 -3.085  1.00 44.58 ? 1629 LEU A N   1 
ATOM   810 C CA  . LEU A 1 119 ? -5.667  -13.445 -4.159  1.00 45.25 ? 1629 LEU A CA  1 
ATOM   811 C C   . LEU A 1 119 ? -5.329  -14.915 -4.384  1.00 45.98 ? 1629 LEU A C   1 
ATOM   812 O O   . LEU A 1 119 ? -6.156  -15.637 -4.944  1.00 44.33 ? 1629 LEU A O   1 
ATOM   813 C CB  . LEU A 1 119 ? -5.541  -12.666 -5.471  1.00 45.65 ? 1629 LEU A CB  1 
ATOM   814 C CG  . LEU A 1 119 ? -5.976  -11.194 -5.402  1.00 46.44 ? 1629 LEU A CG  1 
ATOM   815 C CD1 . LEU A 1 119 ? -6.177  -10.703 -6.828  1.00 47.51 ? 1629 LEU A CD1 1 
ATOM   816 C CD2 . LEU A 1 119 ? -7.245  -10.985 -4.551  1.00 43.71 ? 1629 LEU A CD2 1 
ATOM   817 N N   . ARG A 1 120 ? -4.135  -15.330 -3.926  1.00 46.21 ? 1630 ARG A N   1 
ATOM   818 C CA  . ARG A 1 120 ? -3.685  -16.731 -3.990  1.00 47.34 ? 1630 ARG A CA  1 
ATOM   819 C C   . ARG A 1 120 ? -4.360  -17.565 -2.887  1.00 47.46 ? 1630 ARG A C   1 
ATOM   820 O O   . ARG A 1 120 ? -4.203  -17.257 -1.697  1.00 47.99 ? 1630 ARG A O   1 
ATOM   821 C CB  . ARG A 1 120 ? -2.150  -16.814 -3.852  1.00 46.76 ? 1630 ARG A CB  1 
HETATM 822 O O   . HOH B 2 .   ? -11.650 -7.310  -14.845 1.00 25.32 ? 1    HOH A O   1 
HETATM 823 O O   . HOH B 2 .   ? 4.178   -0.199  -12.489 1.00 19.92 ? 2    HOH A O   1 
HETATM 824 O O   . HOH B 2 .   ? -5.111  4.310   9.083   1.00 26.60 ? 3    HOH A O   1 
HETATM 825 O O   . HOH B 2 .   ? -10.164 -6.878  -11.044 0.50 27.33 ? 4    HOH A O   1 
HETATM 826 O O   . HOH B 2 .   ? -6.139  -2.269  6.917   1.00 28.16 ? 5    HOH A O   1 
HETATM 827 O O   . HOH B 2 .   ? 2.088   -0.454  -14.703 1.00 26.68 ? 6    HOH A O   1 
HETATM 828 O O   . HOH B 2 .   ? -7.751  1.848   -6.151  1.00 33.87 ? 7    HOH A O   1 
HETATM 829 O O   . HOH B 2 .   ? -3.671  -4.599  -16.454 1.00 28.98 ? 8    HOH A O   1 
HETATM 830 O O   . HOH B 2 .   ? 4.273   5.478   12.683  1.00 36.73 ? 9    HOH A O   1 
HETATM 831 O O   . HOH B 2 .   ? 14.034  4.011   7.206   1.00 38.15 ? 10   HOH A O   1 
HETATM 832 O O   . HOH B 2 .   ? -11.452 -9.952  -3.309  1.00 29.68 ? 11   HOH A O   1 
HETATM 833 O O   . HOH B 2 .   ? -7.043  5.325   -14.523 1.00 36.00 ? 12   HOH A O   1 
HETATM 834 O O   . HOH B 2 .   ? 11.324  -1.765  8.677   1.00 31.50 ? 13   HOH A O   1 
HETATM 835 O O   . HOH B 2 .   ? 14.437  0.062   3.084   0.50 27.81 ? 14   HOH A O   1 
HETATM 836 O O   . HOH B 2 .   ? -9.801  -1.073  -19.703 1.00 33.15 ? 15   HOH A O   1 
HETATM 837 O O   . HOH B 2 .   ? -13.907 -1.953  2.668   1.00 40.29 ? 16   HOH A O   1 
HETATM 838 O O   . HOH B 2 .   ? 12.789  7.604   -4.208  1.00 36.42 ? 17   HOH A O   1 
HETATM 839 O O   . HOH B 2 .   ? 8.396   -7.281  -5.010  1.00 33.99 ? 18   HOH A O   1 
HETATM 840 O O   . HOH B 2 .   ? -2.444  9.396   15.593  1.00 40.19 ? 19   HOH A O   1 
HETATM 841 O O   . HOH B 2 .   ? -7.532  3.364   -12.447 1.00 32.31 ? 20   HOH A O   1 
HETATM 842 O O   . HOH B 2 .   ? -12.367 -8.266  -0.481  1.00 43.45 ? 21   HOH A O   1 
HETATM 843 O O   . HOH B 2 .   ? -11.195 -0.971  -15.644 1.00 27.95 ? 22   HOH A O   1 
HETATM 844 O O   . HOH B 2 .   ? 5.766   -6.987  -4.563  1.00 34.47 ? 23   HOH A O   1 
HETATM 845 O O   . HOH B 2 .   ? 9.934   -0.413  -8.016  1.00 33.25 ? 24   HOH A O   1 
HETATM 846 O O   . HOH B 2 .   ? 6.856   -4.799  9.752   1.00 38.69 ? 25   HOH A O   1 
HETATM 847 O O   . HOH B 2 .   ? 2.100   -0.895  -17.193 1.00 35.24 ? 26   HOH A O   1 
HETATM 848 O O   . HOH B 2 .   ? -14.151 2.645   -2.376  1.00 42.92 ? 27   HOH A O   1 
HETATM 849 O O   . HOH B 2 .   ? 11.325  9.409   -0.855  1.00 39.95 ? 28   HOH A O   1 
HETATM 850 O O   . HOH B 2 .   ? -3.757  3.708   11.511  1.00 37.86 ? 29   HOH A O   1 
HETATM 851 O O   . HOH B 2 .   ? -13.326 -3.660  -6.081  1.00 30.86 ? 30   HOH A O   1 
HETATM 852 O O   . HOH B 2 .   ? -1.382  7.426   -10.971 1.00 34.61 ? 31   HOH A O   1 
HETATM 853 O O   . HOH B 2 .   ? -9.838  6.061   9.085   1.00 47.59 ? 32   HOH A O   1 
HETATM 854 O O   . HOH B 2 .   ? -9.911  -8.194  -1.196  1.00 39.45 ? 33   HOH A O   1 
HETATM 855 O O   . HOH B 2 .   ? -6.926  4.548   -10.013 1.00 44.94 ? 34   HOH A O   1 
HETATM 856 O O   . HOH B 2 .   ? -3.198  10.148  -2.865  1.00 41.64 ? 35   HOH A O   1 
HETATM 857 O O   . HOH B 2 .   ? -7.221  6.034   11.443  1.00 46.57 ? 36   HOH A O   1 
HETATM 858 O O   . HOH B 2 .   ? -2.430  8.308   -8.119  1.00 36.89 ? 37   HOH A O   1 
HETATM 859 O O   . HOH B 2 .   ? -6.047  7.476   -12.883 1.00 39.80 ? 38   HOH A O   1 
HETATM 860 O O   . HOH B 2 .   ? -10.168 2.851   -12.883 1.00 48.29 ? 39   HOH A O   1 
HETATM 861 O O   . HOH B 2 .   ? 2.500   -6.977  -11.732 1.00 42.59 ? 40   HOH A O   1 
HETATM 862 O O   . HOH B 2 .   ? -5.893  -2.857  9.534   1.00 43.70 ? 41   HOH A O   1 
HETATM 863 O O   . HOH B 2 .   ? 11.465  -8.435  0.722   1.00 42.48 ? 42   HOH A O   1 
HETATM 864 O O   . HOH B 2 .   ? -2.119  -4.733  -18.963 1.00 41.37 ? 43   HOH A O   1 
HETATM 865 O O   . HOH B 2 .   ? 2.468   -8.809  6.636   1.00 39.31 ? 44   HOH A O   1 
HETATM 866 O O   . HOH B 2 .   ? 11.123  9.174   12.170  1.00 48.49 ? 45   HOH A O   1 
HETATM 867 O O   . HOH B 2 .   ? -4.325  6.785   -9.184  1.00 58.96 ? 46   HOH A O   1 
HETATM 868 O O   . HOH B 2 .   ? -11.443 0.829   -13.962 1.00 47.04 ? 47   HOH A O   1 
HETATM 869 O O   . HOH B 2 .   ? 5.965   -7.673  7.783   1.00 47.26 ? 48   HOH A O   1 
HETATM 870 O O   . HOH B 2 .   ? 8.315   5.324   -11.730 1.00 52.14 ? 49   HOH A O   1 
HETATM 871 O O   . HOH B 2 .   ? 7.678   -2.593  -11.606 1.00 38.57 ? 50   HOH A O   1 
HETATM 872 O O   . HOH B 2 .   ? 8.136   2.897   -10.574 1.00 38.90 ? 51   HOH A O   1 
HETATM 873 O O   . HOH B 2 .   ? -2.331  5.346   -21.835 1.00 50.13 ? 52   HOH A O   1 
HETATM 874 O O   . HOH B 2 .   ? 7.531   -10.799 3.556   1.00 52.86 ? 53   HOH A O   1 
# 
loop_
_pdbx_poly_seq_scheme.asym_id 
_pdbx_poly_seq_scheme.entity_id 
_pdbx_poly_seq_scheme.seq_id 
_pdbx_poly_seq_scheme.mon_id 
_pdbx_poly_seq_scheme.ndb_seq_num 
_pdbx_poly_seq_scheme.pdb_seq_num 
_pdbx_poly_seq_scheme.auth_seq_num 
_pdbx_poly_seq_scheme.pdb_mon_id 
_pdbx_poly_seq_scheme.auth_mon_id 
_pdbx_poly_seq_scheme.pdb_strand_id 
_pdbx_poly_seq_scheme.pdb_ins_code 
_pdbx_poly_seq_scheme.hetero 
A 1 1   MET 1   1511 ?    ?   ?   A . n 
A 1 2   HIS 2   1512 ?    ?   ?   A . n 
A 1 3   HIS 3   1513 ?    ?   ?   A . n 
A 1 4   HIS 4   1514 ?    ?   ?   A . n 
A 1 5   HIS 5   1515 ?    ?   ?   A . n 
A 1 6   HIS 6   1516 ?    ?   ?   A . n 
A 1 7   HIS 7   1517 ?    ?   ?   A . n 
A 1 8   SER 8   1518 ?    ?   ?   A . n 
A 1 9   SER 9   1519 ?    ?   ?   A . n 
A 1 10  GLY 10  1520 ?    ?   ?   A . n 
A 1 11  ARG 11  1521 ?    ?   ?   A . n 
A 1 12  GLU 12  1522 ?    ?   ?   A . n 
A 1 13  ASN 13  1523 ?    ?   ?   A . n 
A 1 14  LEU 14  1524 ?    ?   ?   A . n 
A 1 15  TYR 15  1525 1525 TYR TYR A . n 
A 1 16  PHE 16  1526 1526 PHE PHE A . n 
A 1 17  GLN 17  1527 1527 GLN GLN A . n 
A 1 18  GLY 18  1528 ?    ?   ?   A . n 
A 1 19  GLY 19  1529 ?    ?   ?   A . n 
A 1 20  LYS 20  1530 ?    ?   ?   A . n 
A 1 21  LYS 21  1531 ?    ?   ?   A . n 
A 1 22  GLN 22  1532 1532 GLN GLN A . n 
A 1 23  PRO 23  1533 1533 PRO PRO A . n 
A 1 24  SER 24  1534 1534 SER SER A . n 
A 1 25  LEU 25  1535 1535 LEU LEU A . n 
A 1 26  HIS 26  1536 1536 HIS HIS A . n 
A 1 27  TYR 27  1537 1537 TYR TYR A . n 
A 1 28  THR 28  1538 1538 THR THR A . n 
A 1 29  ALA 29  1539 1539 ALA ALA A . n 
A 1 30  ALA 30  1540 1540 ALA ALA A . n 
A 1 31  GLN 31  1541 1541 GLN GLN A . n 
A 1 32  LEU 32  1542 1542 LEU LEU A . n 
A 1 33  LEU 33  1543 1543 LEU LEU A . n 
A 1 34  GLU 34  1544 1544 GLU GLU A . n 
A 1 35  LYS 35  1545 1545 LYS LYS A . n 
A 1 36  GLY 36  1546 1546 GLY GLY A . n 
A 1 37  VAL 37  1547 1547 VAL VAL A . n 
A 1 38  LEU 38  1548 1548 LEU LEU A . n 
A 1 39  VAL 39  1549 1549 VAL VAL A . n 
A 1 40  GLU 40  1550 1550 GLU GLU A . n 
A 1 41  ILE 41  1551 1551 ILE ILE A . n 
A 1 42  GLU 42  1552 1552 GLU GLU A . n 
A 1 43  ASP 43  1553 1553 ASP ASP A . n 
A 1 44  LEU 44  1554 1554 LEU LEU A . n 
A 1 45  PRO 45  1555 1555 PRO PRO A . n 
A 1 46  ALA 46  1556 1556 ALA ALA A . n 
A 1 47  SER 47  1557 1557 SER SER A . n 
A 1 48  HIS 48  1558 1558 HIS HIS A . n 
A 1 49  PHE 49  1559 1559 PHE PHE A . n 
A 1 50  ARG 50  1560 1560 ARG ARG A . n 
A 1 51  ASN 51  1561 1561 ASN ASN A . n 
A 1 52  VAL 52  1562 1562 VAL VAL A . n 
A 1 53  ILE 53  1563 1563 ILE ILE A . n 
A 1 54  PHE 54  1564 1564 PHE PHE A . n 
A 1 55  ASP 55  1565 1565 ASP ASP A . n 
A 1 56  ILE 56  1566 1566 ILE ILE A . n 
A 1 57  THR 57  1567 1567 THR THR A . n 
A 1 58  PRO 58  1568 1568 PRO PRO A . n 
A 1 59  GLY 59  1569 1569 GLY GLY A . n 
A 1 60  ASP 60  1570 1570 ASP ASP A . n 
A 1 61  GLU 61  1571 1571 GLU GLU A . n 
A 1 62  ALA 62  1572 1572 ALA ALA A . n 
A 1 63  GLY 63  1573 1573 GLY GLY A . n 
A 1 64  LYS 64  1574 1574 LYS LYS A . n 
A 1 65  PHE 65  1575 1575 PHE PHE A . n 
A 1 66  GLU 66  1576 1576 GLU GLU A . n 
A 1 67  VAL 67  1577 1577 VAL VAL A . n 
A 1 68  ASN 68  1578 1578 ASN ASN A . n 
A 1 69  ALA 69  1579 1579 ALA ALA A . n 
A 1 70  LYS 70  1580 1580 LYS LYS A . n 
A 1 71  PHE 71  1581 1581 PHE PHE A . n 
A 1 72  LEU 72  1582 1582 LEU LEU A . n 
A 1 73  GLY 73  1583 1583 GLY GLY A . n 
A 1 74  VAL 74  1584 1584 VAL VAL A . n 
A 1 75  ASP 75  1585 1585 ASP ASP A . n 
A 1 76  MET 76  1586 1586 MET MET A . n 
A 1 77  GLU 77  1587 1587 GLU GLU A . n 
A 1 78  ARG 78  1588 1588 ARG ARG A . n 
A 1 79  PHE 79  1589 1589 PHE PHE A . n 
A 1 80  GLN 80  1590 1590 GLN GLN A . n 
A 1 81  LEU 81  1591 1591 LEU LEU A . n 
A 1 82  HIS 82  1592 1592 HIS HIS A . n 
A 1 83  TYR 83  1593 1593 TYR TYR A . n 
A 1 84  GLN 84  1594 1594 GLN GLN A . n 
A 1 85  ASP 85  1595 1595 ASP ASP A . n 
A 1 86  LEU 86  1596 1596 LEU LEU A . n 
A 1 87  LEU 87  1597 1597 LEU LEU A . n 
A 1 88  GLN 88  1598 1598 GLN GLN A . n 
A 1 89  LEU 89  1599 1599 LEU LEU A . n 
A 1 90  GLN 90  1600 1600 GLN GLN A . n 
A 1 91  TYR 91  1601 1601 TYR TYR A . n 
A 1 92  GLU 92  1602 1602 GLU GLU A . n 
A 1 93  GLY 93  1603 1603 GLY GLY A . n 
A 1 94  VAL 94  1604 1604 VAL VAL A . n 
A 1 95  ALA 95  1605 1605 ALA ALA A . n 
A 1 96  VAL 96  1606 1606 VAL VAL A . n 
A 1 97  MET 97  1607 1607 MET MET A . n 
A 1 98  LYS 98  1608 1608 LYS LYS A . n 
A 1 99  LEU 99  1609 1609 LEU LEU A . n 
A 1 100 PHE 100 1610 1610 PHE PHE A . n 
A 1 101 ASN 101 1611 1611 ASN ASN A . n 
A 1 102 LYS 102 1612 1612 LYS LYS A . n 
A 1 103 ALA 103 1613 1613 ALA ALA A . n 
A 1 104 LYS 104 1614 1614 LYS LYS A . n 
A 1 105 VAL 105 1615 1615 VAL VAL A . n 
A 1 106 ASN 106 1616 1616 ASN ASN A . n 
A 1 107 VAL 107 1617 1617 VAL VAL A . n 
A 1 108 ASN 108 1618 1618 ASN ASN A . n 
A 1 109 LEU 109 1619 1619 LEU LEU A . n 
A 1 110 LEU 110 1620 1620 LEU LEU A . n 
A 1 111 ILE 111 1621 1621 ILE ILE A . n 
A 1 112 PHE 112 1622 1622 PHE PHE A . n 
A 1 113 LEU 113 1623 1623 LEU LEU A . n 
A 1 114 LEU 114 1624 1624 LEU LEU A . n 
A 1 115 ASN 115 1625 1625 ASN ASN A . n 
A 1 116 LYS 116 1626 1626 LYS LYS A . n 
A 1 117 LYS 117 1627 1627 LYS LYS A . n 
A 1 118 PHE 118 1628 1628 PHE PHE A . n 
A 1 119 LEU 119 1629 1629 LEU LEU A . n 
A 1 120 ARG 120 1630 1630 ARG ARG A . n 
A 1 121 LYS 121 1631 ?    ?   ?   A . n 
# 
_pdbx_SG_project.id                    1 
_pdbx_SG_project.project_name          ? 
_pdbx_SG_project.full_name_of_center   'Structural Genomics Consortium' 
_pdbx_SG_project.initial_of_center     SGC 
# 
loop_
_pdbx_nonpoly_scheme.asym_id 
_pdbx_nonpoly_scheme.entity_id 
_pdbx_nonpoly_scheme.mon_id 
_pdbx_nonpoly_scheme.ndb_seq_num 
_pdbx_nonpoly_scheme.pdb_seq_num 
_pdbx_nonpoly_scheme.auth_seq_num 
_pdbx_nonpoly_scheme.pdb_mon_id 
_pdbx_nonpoly_scheme.auth_mon_id 
_pdbx_nonpoly_scheme.pdb_strand_id 
_pdbx_nonpoly_scheme.pdb_ins_code 
B 2 HOH 1  1  1  HOH HOH A . 
B 2 HOH 2  2  2  HOH HOH A . 
B 2 HOH 3  3  3  HOH HOH A . 
B 2 HOH 4  4  4  HOH HOH A . 
B 2 HOH 5  5  5  HOH HOH A . 
B 2 HOH 6  6  6  HOH HOH A . 
B 2 HOH 7  7  7  HOH HOH A . 
B 2 HOH 8  8  8  HOH HOH A . 
B 2 HOH 9  9  9  HOH HOH A . 
B 2 HOH 10 10 10 HOH HOH A . 
B 2 HOH 11 11 11 HOH HOH A . 
B 2 HOH 12 12 12 HOH HOH A . 
B 2 HOH 13 13 13 HOH HOH A . 
B 2 HOH 14 14 14 HOH HOH A . 
B 2 HOH 15 15 15 HOH HOH A . 
B 2 HOH 16 16 16 HOH HOH A . 
B 2 HOH 17 17 17 HOH HOH A . 
B 2 HOH 18 18 18 HOH HOH A . 
B 2 HOH 19 19 19 HOH HOH A . 
B 2 HOH 20 20 20 HOH HOH A . 
B 2 HOH 21 21 21 HOH HOH A . 
B 2 HOH 22 22 22 HOH HOH A . 
B 2 HOH 23 23 23 HOH HOH A . 
B 2 HOH 24 24 24 HOH HOH A . 
B 2 HOH 25 25 25 HOH HOH A . 
B 2 HOH 26 26 26 HOH HOH A . 
B 2 HOH 27 27 27 HOH HOH A . 
B 2 HOH 28 28 28 HOH HOH A . 
B 2 HOH 29 29 29 HOH HOH A . 
B 2 HOH 30 30 30 HOH HOH A . 
B 2 HOH 31 31 31 HOH HOH A . 
B 2 HOH 32 32 32 HOH HOH A . 
B 2 HOH 33 33 33 HOH HOH A . 
B 2 HOH 34 34 34 HOH HOH A . 
B 2 HOH 35 35 35 HOH HOH A . 
B 2 HOH 36 36 36 HOH HOH A . 
B 2 HOH 37 37 37 HOH HOH A . 
B 2 HOH 38 38 38 HOH HOH A . 
B 2 HOH 39 39 39 HOH HOH A . 
B 2 HOH 40 40 40 HOH HOH A . 
B 2 HOH 41 41 41 HOH HOH A . 
B 2 HOH 42 42 42 HOH HOH A . 
B 2 HOH 43 43 43 HOH HOH A . 
B 2 HOH 44 44 44 HOH HOH A . 
B 2 HOH 45 45 45 HOH HOH A . 
B 2 HOH 46 46 46 HOH HOH A . 
B 2 HOH 47 47 47 HOH HOH A . 
B 2 HOH 48 48 48 HOH HOH A . 
B 2 HOH 49 49 49 HOH HOH A . 
B 2 HOH 50 50 50 HOH HOH A . 
B 2 HOH 51 51 51 HOH HOH A . 
B 2 HOH 52 52 52 HOH HOH A . 
B 2 HOH 53 53 53 HOH HOH A . 
# 
_pdbx_struct_assembly.id                   1 
_pdbx_struct_assembly.details              software_defined_assembly 
_pdbx_struct_assembly.method_details       PISA 
_pdbx_struct_assembly.oligomeric_details   monomeric 
_pdbx_struct_assembly.oligomeric_count     1 
# 
_pdbx_struct_assembly_gen.assembly_id       1 
_pdbx_struct_assembly_gen.oper_expression   1 
_pdbx_struct_assembly_gen.asym_id_list      A,B 
# 
_pdbx_struct_oper_list.id                   1 
_pdbx_struct_oper_list.type                 'identity operation' 
_pdbx_struct_oper_list.name                 1_555 
_pdbx_struct_oper_list.symmetry_operation   x,y,z 
_pdbx_struct_oper_list.matrix[1][1]         1.0000000000 
_pdbx_struct_oper_list.matrix[1][2]         0.0000000000 
_pdbx_struct_oper_list.matrix[1][3]         0.0000000000 
_pdbx_struct_oper_list.vector[1]            0.0000000000 
_pdbx_struct_oper_list.matrix[2][1]         0.0000000000 
_pdbx_struct_oper_list.matrix[2][2]         1.0000000000 
_pdbx_struct_oper_list.matrix[2][3]         0.0000000000 
_pdbx_struct_oper_list.vector[2]            0.0000000000 
_pdbx_struct_oper_list.matrix[3][1]         0.0000000000 
_pdbx_struct_oper_list.matrix[3][2]         0.0000000000 
_pdbx_struct_oper_list.matrix[3][3]         1.0000000000 
_pdbx_struct_oper_list.vector[3]            0.0000000000 
# 
_pdbx_struct_special_symmetry.id              1 
_pdbx_struct_special_symmetry.PDB_model_num   1 
_pdbx_struct_special_symmetry.auth_asym_id    A 
_pdbx_struct_special_symmetry.auth_comp_id    HOH 
_pdbx_struct_special_symmetry.auth_seq_id     4 
_pdbx_struct_special_symmetry.PDB_ins_code    ? 
_pdbx_struct_special_symmetry.label_asym_id   B 
_pdbx_struct_special_symmetry.label_comp_id   HOH 
_pdbx_struct_special_symmetry.label_seq_id    . 
# 
loop_
_pdbx_audit_revision_history.ordinal 
_pdbx_audit_revision_history.data_content_type 
_pdbx_audit_revision_history.major_revision 
_pdbx_audit_revision_history.minor_revision 
_pdbx_audit_revision_history.revision_date 
1 'Structure model' 1 0 2009-09-22 
2 'Structure model' 1 1 2011-07-13 
3 'Structure model' 1 2 2017-11-01 
4 'Structure model' 1 3 2023-09-06 
# 
_pdbx_audit_revision_details.ordinal             1 
_pdbx_audit_revision_details.revision_ordinal    1 
_pdbx_audit_revision_details.data_content_type   'Structure model' 
_pdbx_audit_revision_details.provider            repository 
_pdbx_audit_revision_details.type                'Initial release' 
_pdbx_audit_revision_details.description         ? 
_pdbx_audit_revision_details.details             ? 
# 
loop_
_pdbx_audit_revision_group.ordinal 
_pdbx_audit_revision_group.revision_ordinal 
_pdbx_audit_revision_group.data_content_type 
_pdbx_audit_revision_group.group 
1 2 'Structure model' 'Version format compliance' 
2 3 'Structure model' 'Refinement description'    
3 4 'Structure model' 'Data collection'           
4 4 'Structure model' 'Database references'       
5 4 'Structure model' 'Refinement description'    
# 
loop_
_pdbx_audit_revision_category.ordinal 
_pdbx_audit_revision_category.revision_ordinal 
_pdbx_audit_revision_category.data_content_type 
_pdbx_audit_revision_category.category 
1 3 'Structure model' software                      
2 4 'Structure model' chem_comp_atom                
3 4 'Structure model' chem_comp_bond                
4 4 'Structure model' database_2                    
5 4 'Structure model' pdbx_initial_refinement_model 
6 4 'Structure model' struct_ref_seq_dif            
# 
loop_
_pdbx_audit_revision_item.ordinal 
_pdbx_audit_revision_item.revision_ordinal 
_pdbx_audit_revision_item.data_content_type 
_pdbx_audit_revision_item.item 
1 4 'Structure model' '_database_2.pdbx_DOI'                
2 4 'Structure model' '_database_2.pdbx_database_accession' 
3 4 'Structure model' '_struct_ref_seq_dif.details'         
# 
loop_
_software.name 
_software.version 
_software.date 
_software.type 
_software.contact_author 
_software.contact_author_email 
_software.classification 
_software.location 
_software.language 
_software.citation_id 
_software.pdbx_ordinal 
DENZO       .        ?                    package 'Zbyszek Otwinowski' zbyszek@mix.swmed.edu       'data reduction'  
http://www.lnls.br/infra/linhasluz/denzo-hkl.htm ?          ? 1 
SCALEPACK   .        ?                    package 'Zbyszek Otwinowski' zbyszek@mix.swmed.edu       'data scaling'    
http://www.lnls.br/infra/linhasluz/denzo-hkl.htm ?          ? 2 
PHASER      .        ?                    other   'R. J. Read'         cimr-phaser@lists.cam.ac.uk phasing           
http://www-structmed.cimr.cam.ac.uk/phaser/      ?          ? 3 
REFMAC      5.5.0102 ?                    program 'Murshudov, G.N.'    ccp4@dl.ac.uk               refinement        
http://www.ccp4.ac.uk/main.html                  Fortran_77 ? 4 
PDB_EXTRACT 3.005    'September 10, 2007' package PDB                  sw-help@rcsb.rutgers.edu    'data extraction' 
http://pdb.rutgers.edu/software/                 C++        ? 5 
HKL-3000    .        ?                    ?       ?                    ?                           'data reduction'  ? ?          
? 6 
HKL-3000    .        ?                    ?       ?                    ?                           'data scaling'    ? ?          
? 7 
Coot        .        ?                    ?       ?                    ?                           'model building'  ? ?          
? 8 
MolProbity  .        ?                    ?       ?                    ?                           'model building'  ? ?          
? 9 
# 
loop_
_pdbx_validate_torsion.id 
_pdbx_validate_torsion.PDB_model_num 
_pdbx_validate_torsion.auth_comp_id 
_pdbx_validate_torsion.auth_asym_id 
_pdbx_validate_torsion.auth_seq_id 
_pdbx_validate_torsion.PDB_ins_code 
_pdbx_validate_torsion.label_alt_id 
_pdbx_validate_torsion.phi 
_pdbx_validate_torsion.psi 
1 1 ASN A 1611 ? ? 68.36   -42.53 
2 1 PHE A 1628 ? ? -124.51 -51.57 
# 
loop_
_pdbx_unobs_or_zero_occ_atoms.id 
_pdbx_unobs_or_zero_occ_atoms.PDB_model_num 
_pdbx_unobs_or_zero_occ_atoms.polymer_flag 
_pdbx_unobs_or_zero_occ_atoms.occupancy_flag 
_pdbx_unobs_or_zero_occ_atoms.auth_asym_id 
_pdbx_unobs_or_zero_occ_atoms.auth_comp_id 
_pdbx_unobs_or_zero_occ_atoms.auth_seq_id 
_pdbx_unobs_or_zero_occ_atoms.PDB_ins_code 
_pdbx_unobs_or_zero_occ_atoms.auth_atom_id 
_pdbx_unobs_or_zero_occ_atoms.label_alt_id 
_pdbx_unobs_or_zero_occ_atoms.label_asym_id 
_pdbx_unobs_or_zero_occ_atoms.label_comp_id 
_pdbx_unobs_or_zero_occ_atoms.label_seq_id 
_pdbx_unobs_or_zero_occ_atoms.label_atom_id 
1  1 Y 1 A GLN 1527 ? CG  ? A GLN 17  CG  
2  1 Y 1 A GLN 1527 ? CD  ? A GLN 17  CD  
3  1 Y 1 A GLN 1527 ? OE1 ? A GLN 17  OE1 
4  1 Y 1 A GLN 1527 ? NE2 ? A GLN 17  NE2 
5  1 Y 1 A GLN 1532 ? CG  ? A GLN 22  CG  
6  1 Y 1 A GLN 1532 ? CD  ? A GLN 22  CD  
7  1 Y 1 A GLN 1532 ? OE1 ? A GLN 22  OE1 
8  1 Y 1 A GLN 1532 ? NE2 ? A GLN 22  NE2 
9  1 Y 1 A LYS 1580 ? CD  ? A LYS 70  CD  
10 1 Y 1 A LYS 1580 ? CE  ? A LYS 70  CE  
11 1 Y 1 A LYS 1580 ? NZ  ? A LYS 70  NZ  
12 1 Y 1 A LYS 1608 ? CE  ? A LYS 98  CE  
13 1 Y 1 A LYS 1608 ? NZ  ? A LYS 98  NZ  
14 1 Y 1 A ASN 1611 ? CG  ? A ASN 101 CG  
15 1 Y 1 A ASN 1611 ? OD1 ? A ASN 101 OD1 
16 1 Y 1 A ASN 1611 ? ND2 ? A ASN 101 ND2 
17 1 Y 1 A LYS 1626 ? CE  ? A LYS 116 CE  
18 1 Y 1 A LYS 1626 ? NZ  ? A LYS 116 NZ  
19 1 Y 1 A ARG 1630 ? CG  ? A ARG 120 CG  
20 1 Y 1 A ARG 1630 ? CD  ? A ARG 120 CD  
21 1 Y 1 A ARG 1630 ? NE  ? A ARG 120 NE  
22 1 Y 1 A ARG 1630 ? CZ  ? A ARG 120 CZ  
23 1 Y 1 A ARG 1630 ? NH1 ? A ARG 120 NH1 
24 1 Y 1 A ARG 1630 ? NH2 ? A ARG 120 NH2 
# 
loop_
_pdbx_unobs_or_zero_occ_residues.id 
_pdbx_unobs_or_zero_occ_residues.PDB_model_num 
_pdbx_unobs_or_zero_occ_residues.polymer_flag 
_pdbx_unobs_or_zero_occ_residues.occupancy_flag 
_pdbx_unobs_or_zero_occ_residues.auth_asym_id 
_pdbx_unobs_or_zero_occ_residues.auth_comp_id 
_pdbx_unobs_or_zero_occ_residues.auth_seq_id 
_pdbx_unobs_or_zero_occ_residues.PDB_ins_code 
_pdbx_unobs_or_zero_occ_residues.label_asym_id 
_pdbx_unobs_or_zero_occ_residues.label_comp_id 
_pdbx_unobs_or_zero_occ_residues.label_seq_id 
1  1 Y 1 A MET 1511 ? A MET 1   
2  1 Y 1 A HIS 1512 ? A HIS 2   
3  1 Y 1 A HIS 1513 ? A HIS 3   
4  1 Y 1 A HIS 1514 ? A HIS 4   
5  1 Y 1 A HIS 1515 ? A HIS 5   
6  1 Y 1 A HIS 1516 ? A HIS 6   
7  1 Y 1 A HIS 1517 ? A HIS 7   
8  1 Y 1 A SER 1518 ? A SER 8   
9  1 Y 1 A SER 1519 ? A SER 9   
10 1 Y 1 A GLY 1520 ? A GLY 10  
11 1 Y 1 A ARG 1521 ? A ARG 11  
12 1 Y 1 A GLU 1522 ? A GLU 12  
13 1 Y 1 A ASN 1523 ? A ASN 13  
14 1 Y 1 A LEU 1524 ? A LEU 14  
15 1 Y 1 A GLY 1528 ? A GLY 18  
16 1 Y 1 A GLY 1529 ? A GLY 19  
17 1 Y 1 A LYS 1530 ? A LYS 20  
18 1 Y 1 A LYS 1531 ? A LYS 21  
19 1 Y 1 A LYS 1631 ? A LYS 121 
# 
loop_
_chem_comp_atom.comp_id 
_chem_comp_atom.atom_id 
_chem_comp_atom.type_symbol 
_chem_comp_atom.pdbx_aromatic_flag 
_chem_comp_atom.pdbx_stereo_config 
_chem_comp_atom.pdbx_ordinal 
ALA N    N N N 1   
ALA CA   C N S 2   
ALA C    C N N 3   
ALA O    O N N 4   
ALA CB   C N N 5   
ALA OXT  O N N 6   
ALA H    H N N 7   
ALA H2   H N N 8   
ALA HA   H N N 9   
ALA HB1  H N N 10  
ALA HB2  H N N 11  
ALA HB3  H N N 12  
ALA HXT  H N N 13  
ARG N    N N N 14  
ARG CA   C N S 15  
ARG C    C N N 16  
ARG O    O N N 17  
ARG CB   C N N 18  
ARG CG   C N N 19  
ARG CD   C N N 20  
ARG NE   N N N 21  
ARG CZ   C N N 22  
ARG NH1  N N N 23  
ARG NH2  N N N 24  
ARG OXT  O N N 25  
ARG H    H N N 26  
ARG H2   H N N 27  
ARG HA   H N N 28  
ARG HB2  H N N 29  
ARG HB3  H N N 30  
ARG HG2  H N N 31  
ARG HG3  H N N 32  
ARG HD2  H N N 33  
ARG HD3  H N N 34  
ARG HE   H N N 35  
ARG HH11 H N N 36  
ARG HH12 H N N 37  
ARG HH21 H N N 38  
ARG HH22 H N N 39  
ARG HXT  H N N 40  
ASN N    N N N 41  
ASN CA   C N S 42  
ASN C    C N N 43  
ASN O    O N N 44  
ASN CB   C N N 45  
ASN CG   C N N 46  
ASN OD1  O N N 47  
ASN ND2  N N N 48  
ASN OXT  O N N 49  
ASN H    H N N 50  
ASN H2   H N N 51  
ASN HA   H N N 52  
ASN HB2  H N N 53  
ASN HB3  H N N 54  
ASN HD21 H N N 55  
ASN HD22 H N N 56  
ASN HXT  H N N 57  
ASP N    N N N 58  
ASP CA   C N S 59  
ASP C    C N N 60  
ASP O    O N N 61  
ASP CB   C N N 62  
ASP CG   C N N 63  
ASP OD1  O N N 64  
ASP OD2  O N N 65  
ASP OXT  O N N 66  
ASP H    H N N 67  
ASP H2   H N N 68  
ASP HA   H N N 69  
ASP HB2  H N N 70  
ASP HB3  H N N 71  
ASP HD2  H N N 72  
ASP HXT  H N N 73  
GLN N    N N N 74  
GLN CA   C N S 75  
GLN C    C N N 76  
GLN O    O N N 77  
GLN CB   C N N 78  
GLN CG   C N N 79  
GLN CD   C N N 80  
GLN OE1  O N N 81  
GLN NE2  N N N 82  
GLN OXT  O N N 83  
GLN H    H N N 84  
GLN H2   H N N 85  
GLN HA   H N N 86  
GLN HB2  H N N 87  
GLN HB3  H N N 88  
GLN HG2  H N N 89  
GLN HG3  H N N 90  
GLN HE21 H N N 91  
GLN HE22 H N N 92  
GLN HXT  H N N 93  
GLU N    N N N 94  
GLU CA   C N S 95  
GLU C    C N N 96  
GLU O    O N N 97  
GLU CB   C N N 98  
GLU CG   C N N 99  
GLU CD   C N N 100 
GLU OE1  O N N 101 
GLU OE2  O N N 102 
GLU OXT  O N N 103 
GLU H    H N N 104 
GLU H2   H N N 105 
GLU HA   H N N 106 
GLU HB2  H N N 107 
GLU HB3  H N N 108 
GLU HG2  H N N 109 
GLU HG3  H N N 110 
GLU HE2  H N N 111 
GLU HXT  H N N 112 
GLY N    N N N 113 
GLY CA   C N N 114 
GLY C    C N N 115 
GLY O    O N N 116 
GLY OXT  O N N 117 
GLY H    H N N 118 
GLY H2   H N N 119 
GLY HA2  H N N 120 
GLY HA3  H N N 121 
GLY HXT  H N N 122 
HIS N    N N N 123 
HIS CA   C N S 124 
HIS C    C N N 125 
HIS O    O N N 126 
HIS CB   C N N 127 
HIS CG   C Y N 128 
HIS ND1  N Y N 129 
HIS CD2  C Y N 130 
HIS CE1  C Y N 131 
HIS NE2  N Y N 132 
HIS OXT  O N N 133 
HIS H    H N N 134 
HIS H2   H N N 135 
HIS HA   H N N 136 
HIS HB2  H N N 137 
HIS HB3  H N N 138 
HIS HD1  H N N 139 
HIS HD2  H N N 140 
HIS HE1  H N N 141 
HIS HE2  H N N 142 
HIS HXT  H N N 143 
HOH O    O N N 144 
HOH H1   H N N 145 
HOH H2   H N N 146 
ILE N    N N N 147 
ILE CA   C N S 148 
ILE C    C N N 149 
ILE O    O N N 150 
ILE CB   C N S 151 
ILE CG1  C N N 152 
ILE CG2  C N N 153 
ILE CD1  C N N 154 
ILE OXT  O N N 155 
ILE H    H N N 156 
ILE H2   H N N 157 
ILE HA   H N N 158 
ILE HB   H N N 159 
ILE HG12 H N N 160 
ILE HG13 H N N 161 
ILE HG21 H N N 162 
ILE HG22 H N N 163 
ILE HG23 H N N 164 
ILE HD11 H N N 165 
ILE HD12 H N N 166 
ILE HD13 H N N 167 
ILE HXT  H N N 168 
LEU N    N N N 169 
LEU CA   C N S 170 
LEU C    C N N 171 
LEU O    O N N 172 
LEU CB   C N N 173 
LEU CG   C N N 174 
LEU CD1  C N N 175 
LEU CD2  C N N 176 
LEU OXT  O N N 177 
LEU H    H N N 178 
LEU H2   H N N 179 
LEU HA   H N N 180 
LEU HB2  H N N 181 
LEU HB3  H N N 182 
LEU HG   H N N 183 
LEU HD11 H N N 184 
LEU HD12 H N N 185 
LEU HD13 H N N 186 
LEU HD21 H N N 187 
LEU HD22 H N N 188 
LEU HD23 H N N 189 
LEU HXT  H N N 190 
LYS N    N N N 191 
LYS CA   C N S 192 
LYS C    C N N 193 
LYS O    O N N 194 
LYS CB   C N N 195 
LYS CG   C N N 196 
LYS CD   C N N 197 
LYS CE   C N N 198 
LYS NZ   N N N 199 
LYS OXT  O N N 200 
LYS H    H N N 201 
LYS H2   H N N 202 
LYS HA   H N N 203 
LYS HB2  H N N 204 
LYS HB3  H N N 205 
LYS HG2  H N N 206 
LYS HG3  H N N 207 
LYS HD2  H N N 208 
LYS HD3  H N N 209 
LYS HE2  H N N 210 
LYS HE3  H N N 211 
LYS HZ1  H N N 212 
LYS HZ2  H N N 213 
LYS HZ3  H N N 214 
LYS HXT  H N N 215 
MET N    N N N 216 
MET CA   C N S 217 
MET C    C N N 218 
MET O    O N N 219 
MET CB   C N N 220 
MET CG   C N N 221 
MET SD   S N N 222 
MET CE   C N N 223 
MET OXT  O N N 224 
MET H    H N N 225 
MET H2   H N N 226 
MET HA   H N N 227 
MET HB2  H N N 228 
MET HB3  H N N 229 
MET HG2  H N N 230 
MET HG3  H N N 231 
MET HE1  H N N 232 
MET HE2  H N N 233 
MET HE3  H N N 234 
MET HXT  H N N 235 
PHE N    N N N 236 
PHE CA   C N S 237 
PHE C    C N N 238 
PHE O    O N N 239 
PHE CB   C N N 240 
PHE CG   C Y N 241 
PHE CD1  C Y N 242 
PHE CD2  C Y N 243 
PHE CE1  C Y N 244 
PHE CE2  C Y N 245 
PHE CZ   C Y N 246 
PHE OXT  O N N 247 
PHE H    H N N 248 
PHE H2   H N N 249 
PHE HA   H N N 250 
PHE HB2  H N N 251 
PHE HB3  H N N 252 
PHE HD1  H N N 253 
PHE HD2  H N N 254 
PHE HE1  H N N 255 
PHE HE2  H N N 256 
PHE HZ   H N N 257 
PHE HXT  H N N 258 
PRO N    N N N 259 
PRO CA   C N S 260 
PRO C    C N N 261 
PRO O    O N N 262 
PRO CB   C N N 263 
PRO CG   C N N 264 
PRO CD   C N N 265 
PRO OXT  O N N 266 
PRO H    H N N 267 
PRO HA   H N N 268 
PRO HB2  H N N 269 
PRO HB3  H N N 270 
PRO HG2  H N N 271 
PRO HG3  H N N 272 
PRO HD2  H N N 273 
PRO HD3  H N N 274 
PRO HXT  H N N 275 
SER N    N N N 276 
SER CA   C N S 277 
SER C    C N N 278 
SER O    O N N 279 
SER CB   C N N 280 
SER OG   O N N 281 
SER OXT  O N N 282 
SER H    H N N 283 
SER H2   H N N 284 
SER HA   H N N 285 
SER HB2  H N N 286 
SER HB3  H N N 287 
SER HG   H N N 288 
SER HXT  H N N 289 
THR N    N N N 290 
THR CA   C N S 291 
THR C    C N N 292 
THR O    O N N 293 
THR CB   C N R 294 
THR OG1  O N N 295 
THR CG2  C N N 296 
THR OXT  O N N 297 
THR H    H N N 298 
THR H2   H N N 299 
THR HA   H N N 300 
THR HB   H N N 301 
THR HG1  H N N 302 
THR HG21 H N N 303 
THR HG22 H N N 304 
THR HG23 H N N 305 
THR HXT  H N N 306 
TYR N    N N N 307 
TYR CA   C N S 308 
TYR C    C N N 309 
TYR O    O N N 310 
TYR CB   C N N 311 
TYR CG   C Y N 312 
TYR CD1  C Y N 313 
TYR CD2  C Y N 314 
TYR CE1  C Y N 315 
TYR CE2  C Y N 316 
TYR CZ   C Y N 317 
TYR OH   O N N 318 
TYR OXT  O N N 319 
TYR H    H N N 320 
TYR H2   H N N 321 
TYR HA   H N N 322 
TYR HB2  H N N 323 
TYR HB3  H N N 324 
TYR HD1  H N N 325 
TYR HD2  H N N 326 
TYR HE1  H N N 327 
TYR HE2  H N N 328 
TYR HH   H N N 329 
TYR HXT  H N N 330 
VAL N    N N N 331 
VAL CA   C N S 332 
VAL C    C N N 333 
VAL O    O N N 334 
VAL CB   C N N 335 
VAL CG1  C N N 336 
VAL CG2  C N N 337 
VAL OXT  O N N 338 
VAL H    H N N 339 
VAL H2   H N N 340 
VAL HA   H N N 341 
VAL HB   H N N 342 
VAL HG11 H N N 343 
VAL HG12 H N N 344 
VAL HG13 H N N 345 
VAL HG21 H N N 346 
VAL HG22 H N N 347 
VAL HG23 H N N 348 
VAL HXT  H N N 349 
# 
loop_
_chem_comp_bond.comp_id 
_chem_comp_bond.atom_id_1 
_chem_comp_bond.atom_id_2 
_chem_comp_bond.value_order 
_chem_comp_bond.pdbx_aromatic_flag 
_chem_comp_bond.pdbx_stereo_config 
_chem_comp_bond.pdbx_ordinal 
ALA N   CA   sing N N 1   
ALA N   H    sing N N 2   
ALA N   H2   sing N N 3   
ALA CA  C    sing N N 4   
ALA CA  CB   sing N N 5   
ALA CA  HA   sing N N 6   
ALA C   O    doub N N 7   
ALA C   OXT  sing N N 8   
ALA CB  HB1  sing N N 9   
ALA CB  HB2  sing N N 10  
ALA CB  HB3  sing N N 11  
ALA OXT HXT  sing N N 12  
ARG N   CA   sing N N 13  
ARG N   H    sing N N 14  
ARG N   H2   sing N N 15  
ARG CA  C    sing N N 16  
ARG CA  CB   sing N N 17  
ARG CA  HA   sing N N 18  
ARG C   O    doub N N 19  
ARG C   OXT  sing N N 20  
ARG CB  CG   sing N N 21  
ARG CB  HB2  sing N N 22  
ARG CB  HB3  sing N N 23  
ARG CG  CD   sing N N 24  
ARG CG  HG2  sing N N 25  
ARG CG  HG3  sing N N 26  
ARG CD  NE   sing N N 27  
ARG CD  HD2  sing N N 28  
ARG CD  HD3  sing N N 29  
ARG NE  CZ   sing N N 30  
ARG NE  HE   sing N N 31  
ARG CZ  NH1  sing N N 32  
ARG CZ  NH2  doub N N 33  
ARG NH1 HH11 sing N N 34  
ARG NH1 HH12 sing N N 35  
ARG NH2 HH21 sing N N 36  
ARG NH2 HH22 sing N N 37  
ARG OXT HXT  sing N N 38  
ASN N   CA   sing N N 39  
ASN N   H    sing N N 40  
ASN N   H2   sing N N 41  
ASN CA  C    sing N N 42  
ASN CA  CB   sing N N 43  
ASN CA  HA   sing N N 44  
ASN C   O    doub N N 45  
ASN C   OXT  sing N N 46  
ASN CB  CG   sing N N 47  
ASN CB  HB2  sing N N 48  
ASN CB  HB3  sing N N 49  
ASN CG  OD1  doub N N 50  
ASN CG  ND2  sing N N 51  
ASN ND2 HD21 sing N N 52  
ASN ND2 HD22 sing N N 53  
ASN OXT HXT  sing N N 54  
ASP N   CA   sing N N 55  
ASP N   H    sing N N 56  
ASP N   H2   sing N N 57  
ASP CA  C    sing N N 58  
ASP CA  CB   sing N N 59  
ASP CA  HA   sing N N 60  
ASP C   O    doub N N 61  
ASP C   OXT  sing N N 62  
ASP CB  CG   sing N N 63  
ASP CB  HB2  sing N N 64  
ASP CB  HB3  sing N N 65  
ASP CG  OD1  doub N N 66  
ASP CG  OD2  sing N N 67  
ASP OD2 HD2  sing N N 68  
ASP OXT HXT  sing N N 69  
GLN N   CA   sing N N 70  
GLN N   H    sing N N 71  
GLN N   H2   sing N N 72  
GLN CA  C    sing N N 73  
GLN CA  CB   sing N N 74  
GLN CA  HA   sing N N 75  
GLN C   O    doub N N 76  
GLN C   OXT  sing N N 77  
GLN CB  CG   sing N N 78  
GLN CB  HB2  sing N N 79  
GLN CB  HB3  sing N N 80  
GLN CG  CD   sing N N 81  
GLN CG  HG2  sing N N 82  
GLN CG  HG3  sing N N 83  
GLN CD  OE1  doub N N 84  
GLN CD  NE2  sing N N 85  
GLN NE2 HE21 sing N N 86  
GLN NE2 HE22 sing N N 87  
GLN OXT HXT  sing N N 88  
GLU N   CA   sing N N 89  
GLU N   H    sing N N 90  
GLU N   H2   sing N N 91  
GLU CA  C    sing N N 92  
GLU CA  CB   sing N N 93  
GLU CA  HA   sing N N 94  
GLU C   O    doub N N 95  
GLU C   OXT  sing N N 96  
GLU CB  CG   sing N N 97  
GLU CB  HB2  sing N N 98  
GLU CB  HB3  sing N N 99  
GLU CG  CD   sing N N 100 
GLU CG  HG2  sing N N 101 
GLU CG  HG3  sing N N 102 
GLU CD  OE1  doub N N 103 
GLU CD  OE2  sing N N 104 
GLU OE2 HE2  sing N N 105 
GLU OXT HXT  sing N N 106 
GLY N   CA   sing N N 107 
GLY N   H    sing N N 108 
GLY N   H2   sing N N 109 
GLY CA  C    sing N N 110 
GLY CA  HA2  sing N N 111 
GLY CA  HA3  sing N N 112 
GLY C   O    doub N N 113 
GLY C   OXT  sing N N 114 
GLY OXT HXT  sing N N 115 
HIS N   CA   sing N N 116 
HIS N   H    sing N N 117 
HIS N   H2   sing N N 118 
HIS CA  C    sing N N 119 
HIS CA  CB   sing N N 120 
HIS CA  HA   sing N N 121 
HIS C   O    doub N N 122 
HIS C   OXT  sing N N 123 
HIS CB  CG   sing N N 124 
HIS CB  HB2  sing N N 125 
HIS CB  HB3  sing N N 126 
HIS CG  ND1  sing Y N 127 
HIS CG  CD2  doub Y N 128 
HIS ND1 CE1  doub Y N 129 
HIS ND1 HD1  sing N N 130 
HIS CD2 NE2  sing Y N 131 
HIS CD2 HD2  sing N N 132 
HIS CE1 NE2  sing Y N 133 
HIS CE1 HE1  sing N N 134 
HIS NE2 HE2  sing N N 135 
HIS OXT HXT  sing N N 136 
HOH O   H1   sing N N 137 
HOH O   H2   sing N N 138 
ILE N   CA   sing N N 139 
ILE N   H    sing N N 140 
ILE N   H2   sing N N 141 
ILE CA  C    sing N N 142 
ILE CA  CB   sing N N 143 
ILE CA  HA   sing N N 144 
ILE C   O    doub N N 145 
ILE C   OXT  sing N N 146 
ILE CB  CG1  sing N N 147 
ILE CB  CG2  sing N N 148 
ILE CB  HB   sing N N 149 
ILE CG1 CD1  sing N N 150 
ILE CG1 HG12 sing N N 151 
ILE CG1 HG13 sing N N 152 
ILE CG2 HG21 sing N N 153 
ILE CG2 HG22 sing N N 154 
ILE CG2 HG23 sing N N 155 
ILE CD1 HD11 sing N N 156 
ILE CD1 HD12 sing N N 157 
ILE CD1 HD13 sing N N 158 
ILE OXT HXT  sing N N 159 
LEU N   CA   sing N N 160 
LEU N   H    sing N N 161 
LEU N   H2   sing N N 162 
LEU CA  C    sing N N 163 
LEU CA  CB   sing N N 164 
LEU CA  HA   sing N N 165 
LEU C   O    doub N N 166 
LEU C   OXT  sing N N 167 
LEU CB  CG   sing N N 168 
LEU CB  HB2  sing N N 169 
LEU CB  HB3  sing N N 170 
LEU CG  CD1  sing N N 171 
LEU CG  CD2  sing N N 172 
LEU CG  HG   sing N N 173 
LEU CD1 HD11 sing N N 174 
LEU CD1 HD12 sing N N 175 
LEU CD1 HD13 sing N N 176 
LEU CD2 HD21 sing N N 177 
LEU CD2 HD22 sing N N 178 
LEU CD2 HD23 sing N N 179 
LEU OXT HXT  sing N N 180 
LYS N   CA   sing N N 181 
LYS N   H    sing N N 182 
LYS N   H2   sing N N 183 
LYS CA  C    sing N N 184 
LYS CA  CB   sing N N 185 
LYS CA  HA   sing N N 186 
LYS C   O    doub N N 187 
LYS C   OXT  sing N N 188 
LYS CB  CG   sing N N 189 
LYS CB  HB2  sing N N 190 
LYS CB  HB3  sing N N 191 
LYS CG  CD   sing N N 192 
LYS CG  HG2  sing N N 193 
LYS CG  HG3  sing N N 194 
LYS CD  CE   sing N N 195 
LYS CD  HD2  sing N N 196 
LYS CD  HD3  sing N N 197 
LYS CE  NZ   sing N N 198 
LYS CE  HE2  sing N N 199 
LYS CE  HE3  sing N N 200 
LYS NZ  HZ1  sing N N 201 
LYS NZ  HZ2  sing N N 202 
LYS NZ  HZ3  sing N N 203 
LYS OXT HXT  sing N N 204 
MET N   CA   sing N N 205 
MET N   H    sing N N 206 
MET N   H2   sing N N 207 
MET CA  C    sing N N 208 
MET CA  CB   sing N N 209 
MET CA  HA   sing N N 210 
MET C   O    doub N N 211 
MET C   OXT  sing N N 212 
MET CB  CG   sing N N 213 
MET CB  HB2  sing N N 214 
MET CB  HB3  sing N N 215 
MET CG  SD   sing N N 216 
MET CG  HG2  sing N N 217 
MET CG  HG3  sing N N 218 
MET SD  CE   sing N N 219 
MET CE  HE1  sing N N 220 
MET CE  HE2  sing N N 221 
MET CE  HE3  sing N N 222 
MET OXT HXT  sing N N 223 
PHE N   CA   sing N N 224 
PHE N   H    sing N N 225 
PHE N   H2   sing N N 226 
PHE CA  C    sing N N 227 
PHE CA  CB   sing N N 228 
PHE CA  HA   sing N N 229 
PHE C   O    doub N N 230 
PHE C   OXT  sing N N 231 
PHE CB  CG   sing N N 232 
PHE CB  HB2  sing N N 233 
PHE CB  HB3  sing N N 234 
PHE CG  CD1  doub Y N 235 
PHE CG  CD2  sing Y N 236 
PHE CD1 CE1  sing Y N 237 
PHE CD1 HD1  sing N N 238 
PHE CD2 CE2  doub Y N 239 
PHE CD2 HD2  sing N N 240 
PHE CE1 CZ   doub Y N 241 
PHE CE1 HE1  sing N N 242 
PHE CE2 CZ   sing Y N 243 
PHE CE2 HE2  sing N N 244 
PHE CZ  HZ   sing N N 245 
PHE OXT HXT  sing N N 246 
PRO N   CA   sing N N 247 
PRO N   CD   sing N N 248 
PRO N   H    sing N N 249 
PRO CA  C    sing N N 250 
PRO CA  CB   sing N N 251 
PRO CA  HA   sing N N 252 
PRO C   O    doub N N 253 
PRO C   OXT  sing N N 254 
PRO CB  CG   sing N N 255 
PRO CB  HB2  sing N N 256 
PRO CB  HB3  sing N N 257 
PRO CG  CD   sing N N 258 
PRO CG  HG2  sing N N 259 
PRO CG  HG3  sing N N 260 
PRO CD  HD2  sing N N 261 
PRO CD  HD3  sing N N 262 
PRO OXT HXT  sing N N 263 
SER N   CA   sing N N 264 
SER N   H    sing N N 265 
SER N   H2   sing N N 266 
SER CA  C    sing N N 267 
SER CA  CB   sing N N 268 
SER CA  HA   sing N N 269 
SER C   O    doub N N 270 
SER C   OXT  sing N N 271 
SER CB  OG   sing N N 272 
SER CB  HB2  sing N N 273 
SER CB  HB3  sing N N 274 
SER OG  HG   sing N N 275 
SER OXT HXT  sing N N 276 
THR N   CA   sing N N 277 
THR N   H    sing N N 278 
THR N   H2   sing N N 279 
THR CA  C    sing N N 280 
THR CA  CB   sing N N 281 
THR CA  HA   sing N N 282 
THR C   O    doub N N 283 
THR C   OXT  sing N N 284 
THR CB  OG1  sing N N 285 
THR CB  CG2  sing N N 286 
THR CB  HB   sing N N 287 
THR OG1 HG1  sing N N 288 
THR CG2 HG21 sing N N 289 
THR CG2 HG22 sing N N 290 
THR CG2 HG23 sing N N 291 
THR OXT HXT  sing N N 292 
TYR N   CA   sing N N 293 
TYR N   H    sing N N 294 
TYR N   H2   sing N N 295 
TYR CA  C    sing N N 296 
TYR CA  CB   sing N N 297 
TYR CA  HA   sing N N 298 
TYR C   O    doub N N 299 
TYR C   OXT  sing N N 300 
TYR CB  CG   sing N N 301 
TYR CB  HB2  sing N N 302 
TYR CB  HB3  sing N N 303 
TYR CG  CD1  doub Y N 304 
TYR CG  CD2  sing Y N 305 
TYR CD1 CE1  sing Y N 306 
TYR CD1 HD1  sing N N 307 
TYR CD2 CE2  doub Y N 308 
TYR CD2 HD2  sing N N 309 
TYR CE1 CZ   doub Y N 310 
TYR CE1 HE1  sing N N 311 
TYR CE2 CZ   sing Y N 312 
TYR CE2 HE2  sing N N 313 
TYR CZ  OH   sing N N 314 
TYR OH  HH   sing N N 315 
TYR OXT HXT  sing N N 316 
VAL N   CA   sing N N 317 
VAL N   H    sing N N 318 
VAL N   H2   sing N N 319 
VAL CA  C    sing N N 320 
VAL CA  CB   sing N N 321 
VAL CA  HA   sing N N 322 
VAL C   O    doub N N 323 
VAL C   OXT  sing N N 324 
VAL CB  CG1  sing N N 325 
VAL CB  CG2  sing N N 326 
VAL CB  HB   sing N N 327 
VAL CG1 HG11 sing N N 328 
VAL CG1 HG12 sing N N 329 
VAL CG1 HG13 sing N N 330 
VAL CG2 HG21 sing N N 331 
VAL CG2 HG22 sing N N 332 
VAL CG2 HG23 sing N N 333 
VAL OXT HXT  sing N N 334 
# 
_pdbx_entity_nonpoly.entity_id   2 
_pdbx_entity_nonpoly.name        water 
_pdbx_entity_nonpoly.comp_id     HOH 
# 
_pdbx_initial_refinement_model.id               1 
_pdbx_initial_refinement_model.entity_id_list   ? 
_pdbx_initial_refinement_model.type             'experimental model' 
_pdbx_initial_refinement_model.source_name      PDB 
_pdbx_initial_refinement_model.accession_code   3IEZ 
_pdbx_initial_refinement_model.details          'pdb entry 3IEZ' 
# 
